data_5JHX
#
_entry.id   5JHX
#
_cell.length_a   103.220
_cell.length_b   109.860
_cell.length_c   132.120
_cell.angle_alpha   90.00
_cell.angle_beta   90.00
_cell.angle_gamma   90.00
#
_symmetry.space_group_name_H-M   'P 21 21 21'
#
loop_
_entity.id
_entity.type
_entity.pdbx_description
1 polymer 'Catalase-peroxidase 2'
2 non-polymer 'PROTOPORPHYRIN IX CONTAINING FE'
3 non-polymer 'CITRATE ANION'
4 water water
#
_entity_poly.entity_id   1
_entity_poly.type   'polypeptide(L)'
_entity_poly.pdbx_seq_one_letter_code
;MQGCPFAKRDGTVDSSLPQKRADAPETTTFGRCAVKSNQAGGGTRSHDWWPCQLRLDVLRQFQPSQNPLGGDFDYAEAFQ
SLDYEAVKKDIAALMTESQDWWPADFGNYGGLFVRMAWHSAGTYRAMDGRGGGGMGQQRFAPLNSWPDNQNLDKARRLIW
PIKQKYGNKISWADLMLLTGNVALENMGFKTLGFGGGRADTWQSDEAVYWGAETTFVPQGNDVRYNNSVDINARADKLEK
PLAATHMGLIYVNPEGPNGTPDPAASAKDIREAFGRMGMNDTETVALIAGGHAFGKTHGAVKGSNIGPAPEAADLGMQGL
GWHNSVGDGNGPNQMTSGLEVIWTKTPTKWSNGYLESLINNNWTLVESPAGAHQWEAVNGTVDYPDPFDKTKFRKATMLT
SDLALINDPEYLKISQRWLEHPEELADAFAKAWFKLLHRDLGPTTRYLGPEVPKESFIWQDPLPAREGDLIDDADVDKLK
AAILSTDGLDVSKLASTAMACATTYRNSDKRGGCNGARIALEPQRNWVSNNPTQLSAVLDALKKVQSDFNGSNGNKKVSL
ADLIVLGGTAAVEKAAKDAGVDIKVPFSAGRVDATQEQTDVTQFSYLEPQADGFRNYGRGTARARTEEIMVDKASQLTLT
PPELTVLVGGMRALGANYDGSDVGVFTANKGKLTPDFFVNLVDMNIAWTASGADGESWVGTDRKSRSEKYKGSRADLVFG
SHAELRAIAEVYAENGNQEKFVKDFVAAWTKVMNLDRFDLKVKK
;
_entity_poly.pdbx_strand_id   A,B
#
loop_
_chem_comp.id
_chem_comp.type
_chem_comp.name
_chem_comp.formula
FLC non-polymer 'CITRATE ANION' 'C6 H5 O7 -3'
HEM non-polymer 'PROTOPORPHYRIN IX CONTAINING FE' 'C34 H32 Fe N4 O4'
#
# COMPACT_ATOMS: atom_id res chain seq x y z
N THR A 28 -14.11 -20.31 -8.55
CA THR A 28 -14.10 -18.81 -8.72
C THR A 28 -13.79 -18.30 -10.18
N THR A 29 -14.40 -17.18 -10.55
CA THR A 29 -13.92 -16.47 -11.71
C THR A 29 -12.59 -15.69 -11.42
N PHE A 30 -12.17 -15.04 -12.48
CA PHE A 30 -10.87 -14.46 -12.54
C PHE A 30 -10.67 -13.44 -11.44
N GLY A 31 -9.55 -13.55 -10.71
CA GLY A 31 -9.19 -12.54 -9.75
C GLY A 31 -9.92 -12.71 -8.41
N ARG A 32 -10.62 -13.81 -8.26
CA ARG A 32 -11.43 -14.06 -7.05
CA ARG A 32 -11.39 -14.06 -7.04
C ARG A 32 -11.02 -15.40 -6.47
N CYS A 33 -10.82 -15.46 -5.15
CA CYS A 33 -10.49 -16.73 -4.50
C CYS A 33 -11.76 -17.45 -4.13
N ALA A 34 -11.73 -18.79 -4.22
CA ALA A 34 -12.96 -19.55 -3.98
C ALA A 34 -13.34 -19.45 -2.50
N VAL A 35 -12.32 -19.37 -1.66
CA VAL A 35 -12.59 -19.07 -0.24
C VAL A 35 -12.46 -17.60 -0.03
N LYS A 36 -13.49 -17.00 0.56
CA LYS A 36 -13.48 -15.59 0.82
C LYS A 36 -12.95 -15.29 2.24
N SER A 37 -11.71 -14.81 2.32
CA SER A 37 -11.08 -14.56 3.64
C SER A 37 -11.78 -13.45 4.35
N ASN A 38 -11.87 -13.55 5.62
CA ASN A 38 -12.37 -12.54 6.51
C ASN A 38 -11.28 -11.90 7.41
N GLN A 39 -10.05 -12.07 7.07
CA GLN A 39 -8.89 -11.52 7.80
C GLN A 39 -7.93 -10.92 6.91
N ALA A 40 -7.06 -10.05 7.43
CA ALA A 40 -5.86 -9.55 6.73
C ALA A 40 -6.20 -8.83 5.42
N GLY A 41 -7.28 -8.10 5.38
CA GLY A 41 -7.69 -7.36 4.19
C GLY A 41 -8.81 -8.11 3.37
N GLY A 42 -9.14 -9.34 3.73
CA GLY A 42 -10.31 -10.04 3.23
C GLY A 42 -11.49 -9.18 3.31
N GLY A 43 -12.46 -9.48 2.44
CA GLY A 43 -13.68 -8.75 2.32
C GLY A 43 -13.72 -7.89 1.04
N THR A 44 -14.94 -7.45 0.64
CA THR A 44 -15.06 -6.55 -0.51
C THR A 44 -14.34 -5.24 -0.16
N ARG A 45 -13.58 -4.72 -1.07
CA ARG A 45 -12.73 -3.57 -0.84
C ARG A 45 -13.19 -2.38 -1.72
N SER A 46 -12.73 -1.16 -1.38
CA SER A 46 -13.11 0.04 -2.16
C SER A 46 -12.77 -0.13 -3.66
N HIS A 47 -11.65 -0.70 -3.99
CA HIS A 47 -11.30 -0.88 -5.42
C HIS A 47 -12.28 -1.81 -6.09
N ASP A 48 -12.96 -2.70 -5.37
CA ASP A 48 -13.98 -3.54 -6.00
C ASP A 48 -15.19 -2.75 -6.31
N TRP A 49 -15.72 -1.90 -5.37
CA TRP A 49 -16.89 -1.17 -5.63
C TRP A 49 -16.65 -0.11 -6.76
N TRP A 50 -15.54 0.57 -6.67
CA TRP A 50 -15.28 1.68 -7.60
C TRP A 50 -13.98 1.47 -8.35
N PRO A 51 -13.88 0.49 -9.26
CA PRO A 51 -12.68 0.13 -9.93
C PRO A 51 -12.14 1.17 -10.88
N CYS A 52 -12.91 2.12 -11.28
CA CYS A 52 -12.39 3.15 -12.17
C CYS A 52 -11.77 4.27 -11.41
N GLN A 53 -11.96 4.45 -10.11
CA GLN A 53 -11.40 5.56 -9.32
C GLN A 53 -9.88 5.49 -9.37
N LEU A 54 -9.25 6.66 -9.45
CA LEU A 54 -7.82 6.82 -9.34
C LEU A 54 -7.25 6.18 -8.05
N ARG A 55 -6.21 5.41 -8.14
CA ARG A 55 -5.60 4.81 -6.95
C ARG A 55 -4.23 5.37 -6.76
N LEU A 56 -3.86 5.62 -5.51
CA LEU A 56 -2.57 6.19 -5.09
C LEU A 56 -1.54 5.18 -4.67
N ASP A 57 -1.86 3.92 -4.86
CA ASP A 57 -0.98 2.83 -4.45
C ASP A 57 0.42 2.92 -4.93
N VAL A 58 0.60 3.39 -6.18
CA VAL A 58 1.90 3.49 -6.74
C VAL A 58 2.79 4.56 -6.12
N LEU A 59 2.22 5.47 -5.34
CA LEU A 59 2.95 6.47 -4.57
C LEU A 59 3.24 6.05 -3.13
N ARG A 60 2.90 4.84 -2.80
CA ARG A 60 3.03 4.33 -1.41
C ARG A 60 3.97 3.13 -1.41
N GLN A 61 4.63 2.81 -2.50
CA GLN A 61 5.54 1.63 -2.57
C GLN A 61 6.92 2.04 -2.16
N PHE A 62 7.73 1.09 -1.77
CA PHE A 62 9.18 1.28 -1.56
C PHE A 62 9.42 2.23 -0.38
N GLN A 63 8.57 2.26 0.58
CA GLN A 63 8.76 3.17 1.70
C GLN A 63 9.82 2.66 2.64
N PRO A 64 10.52 3.55 3.32
CA PRO A 64 11.56 3.12 4.20
C PRO A 64 11.15 2.16 5.31
N SER A 65 9.93 2.24 5.88
CA SER A 65 9.49 1.24 6.90
C SER A 65 9.46 -0.15 6.44
N GLN A 66 9.30 -0.29 5.17
CA GLN A 66 9.04 -1.55 4.62
C GLN A 66 10.37 -2.19 4.35
N ASN A 67 11.58 -1.49 4.41
CA ASN A 67 12.77 -2.00 4.04
C ASN A 67 13.50 -2.60 5.25
N PRO A 68 13.75 -3.91 5.33
CA PRO A 68 14.29 -4.49 6.49
C PRO A 68 15.66 -4.03 6.87
N LEU A 69 16.34 -3.46 5.86
CA LEU A 69 17.64 -2.94 6.09
C LEU A 69 17.70 -1.58 6.73
N GLY A 70 16.58 -0.89 6.76
CA GLY A 70 16.49 0.47 7.28
C GLY A 70 16.50 1.49 6.20
N GLY A 71 15.85 2.65 6.43
CA GLY A 71 16.00 3.78 5.48
C GLY A 71 17.42 4.37 5.41
N ASP A 72 18.23 4.20 6.43
CA ASP A 72 19.55 4.83 6.35
C ASP A 72 20.62 3.84 5.74
N PHE A 73 20.17 2.67 5.23
CA PHE A 73 21.11 1.69 4.62
C PHE A 73 21.62 2.27 3.28
N ASP A 74 22.95 2.23 3.16
CA ASP A 74 23.62 2.76 1.92
C ASP A 74 24.29 1.56 1.18
N TYR A 75 23.53 1.13 0.18
CA TYR A 75 24.02 -0.05 -0.57
C TYR A 75 25.39 0.17 -1.18
N ALA A 76 25.55 1.31 -1.77
CA ALA A 76 26.84 1.62 -2.39
C ALA A 76 27.96 1.52 -1.46
N GLU A 77 27.77 2.06 -0.25
CA GLU A 77 28.79 1.93 0.76
C GLU A 77 29.08 0.47 1.22
N ALA A 78 28.02 -0.35 1.33
CA ALA A 78 28.19 -1.76 1.60
C ALA A 78 28.92 -2.56 0.49
N PHE A 79 28.58 -2.32 -0.75
CA PHE A 79 29.14 -3.01 -1.92
C PHE A 79 30.63 -2.62 -2.04
N GLN A 80 30.98 -1.42 -1.68
CA GLN A 80 32.40 -1.04 -1.79
CA GLN A 80 32.39 -0.97 -1.71
C GLN A 80 33.26 -1.83 -0.81
N SER A 81 32.73 -2.43 0.26
CA SER A 81 33.44 -3.29 1.15
C SER A 81 33.40 -4.80 0.83
N LEU A 82 32.61 -5.13 -0.19
CA LEU A 82 32.48 -6.53 -0.65
C LEU A 82 33.77 -7.08 -1.16
N ASP A 83 34.08 -8.31 -0.84
CA ASP A 83 35.24 -9.00 -1.44
C ASP A 83 34.77 -9.53 -2.81
N TYR A 84 34.74 -8.63 -3.77
CA TYR A 84 34.16 -8.91 -5.06
C TYR A 84 34.80 -10.10 -5.74
N GLU A 85 36.14 -10.15 -5.74
CA GLU A 85 36.79 -11.24 -6.33
C GLU A 85 36.46 -12.58 -5.76
N ALA A 86 36.28 -12.65 -4.42
CA ALA A 86 35.88 -13.87 -3.78
C ALA A 86 34.45 -14.25 -4.09
N VAL A 87 33.56 -13.27 -4.31
CA VAL A 87 32.21 -13.62 -4.75
C VAL A 87 32.27 -14.37 -6.05
N LYS A 88 33.05 -13.80 -7.00
CA LYS A 88 33.09 -14.43 -8.32
C LYS A 88 33.71 -15.82 -8.27
N LYS A 89 34.72 -15.98 -7.42
CA LYS A 89 35.29 -17.34 -7.24
C LYS A 89 34.27 -18.38 -6.72
N ASP A 90 33.47 -17.87 -5.74
CA ASP A 90 32.47 -18.78 -5.15
C ASP A 90 31.34 -19.08 -6.12
N ILE A 91 30.94 -18.12 -6.94
CA ILE A 91 29.96 -18.37 -7.97
C ILE A 91 30.49 -19.46 -8.88
N ALA A 92 31.75 -19.26 -9.38
CA ALA A 92 32.31 -20.21 -10.31
C ALA A 92 32.32 -21.59 -9.72
N ALA A 93 32.67 -21.73 -8.44
CA ALA A 93 32.74 -23.04 -7.80
C ALA A 93 31.34 -23.67 -7.76
N LEU A 94 30.35 -22.87 -7.46
CA LEU A 94 28.99 -23.33 -7.32
C LEU A 94 28.42 -23.85 -8.59
N MET A 95 28.88 -23.35 -9.75
CA MET A 95 28.41 -23.77 -11.05
C MET A 95 28.55 -25.22 -11.24
N THR A 96 29.58 -25.85 -10.69
CA THR A 96 29.83 -27.26 -10.92
C THR A 96 29.64 -28.11 -9.68
N GLU A 97 28.99 -27.59 -8.69
CA GLU A 97 28.63 -28.34 -7.45
C GLU A 97 27.14 -28.73 -7.53
N SER A 98 26.87 -29.85 -8.20
CA SER A 98 25.51 -30.25 -8.41
C SER A 98 24.80 -30.59 -7.12
N GLN A 99 23.61 -30.09 -6.93
CA GLN A 99 22.75 -30.36 -5.77
C GLN A 99 21.69 -31.32 -6.09
N ASP A 100 21.54 -32.30 -5.19
CA ASP A 100 20.65 -33.39 -5.50
C ASP A 100 19.20 -33.07 -5.65
N TRP A 101 18.75 -31.99 -5.11
CA TRP A 101 17.39 -31.51 -5.30
C TRP A 101 17.12 -30.88 -6.65
N TRP A 102 18.19 -30.55 -7.40
CA TRP A 102 18.02 -30.04 -8.77
C TRP A 102 19.31 -30.30 -9.53
N PRO A 103 19.59 -31.53 -9.88
CA PRO A 103 20.89 -31.83 -10.53
C PRO A 103 21.20 -30.98 -11.73
N ALA A 104 22.49 -30.63 -11.86
CA ALA A 104 22.96 -29.84 -12.94
C ALA A 104 23.09 -30.58 -14.26
N ASP A 105 22.57 -30.01 -15.32
CA ASP A 105 22.73 -30.58 -16.66
C ASP A 105 24.27 -30.55 -17.00
N PHE A 106 24.79 -31.66 -17.52
CA PHE A 106 26.23 -31.70 -17.88
C PHE A 106 27.11 -31.38 -16.75
N GLY A 107 26.61 -31.46 -15.54
CA GLY A 107 27.38 -31.09 -14.35
C GLY A 107 27.68 -29.63 -14.22
N ASN A 108 26.94 -28.76 -14.91
CA ASN A 108 27.25 -27.31 -14.85
C ASN A 108 25.99 -26.46 -14.96
N TYR A 109 25.73 -25.69 -13.94
CA TYR A 109 24.52 -24.80 -13.91
C TYR A 109 24.68 -23.60 -14.78
N GLY A 110 25.78 -23.41 -15.50
CA GLY A 110 26.04 -22.18 -16.32
C GLY A 110 24.89 -21.74 -17.16
N GLY A 111 24.39 -22.64 -17.97
CA GLY A 111 23.26 -22.32 -18.84
C GLY A 111 22.08 -21.81 -18.04
N LEU A 112 21.71 -22.52 -16.97
CA LEU A 112 20.59 -22.11 -16.18
C LEU A 112 20.84 -20.75 -15.62
N PHE A 113 22.04 -20.43 -15.17
CA PHE A 113 22.36 -19.16 -14.60
C PHE A 113 22.35 -18.05 -15.65
N VAL A 114 22.78 -18.29 -16.86
CA VAL A 114 22.73 -17.33 -17.93
C VAL A 114 21.26 -17.02 -18.15
N ARG A 115 20.41 -18.02 -18.27
CA ARG A 115 18.97 -17.80 -18.44
C ARG A 115 18.41 -16.94 -17.28
N MET A 116 18.78 -17.26 -16.06
CA MET A 116 18.28 -16.49 -14.91
C MET A 116 18.61 -15.02 -15.09
N ALA A 117 19.86 -14.68 -15.46
CA ALA A 117 20.26 -13.31 -15.59
C ALA A 117 19.58 -12.66 -16.79
N TRP A 118 19.49 -13.33 -17.93
CA TRP A 118 18.85 -12.82 -19.10
C TRP A 118 17.38 -12.60 -18.83
N HIS A 119 16.68 -13.46 -18.11
CA HIS A 119 15.28 -13.18 -17.78
C HIS A 119 15.20 -12.08 -16.77
N SER A 120 16.08 -11.92 -15.83
CA SER A 120 16.03 -10.80 -14.92
C SER A 120 16.08 -9.50 -15.66
N ALA A 121 17.06 -9.32 -16.52
CA ALA A 121 17.28 -8.09 -17.30
C ALA A 121 16.37 -7.95 -18.44
N GLY A 122 15.79 -9.03 -18.92
CA GLY A 122 15.14 -9.10 -20.20
C GLY A 122 13.69 -8.61 -20.20
N THR A 123 13.15 -8.21 -19.06
CA THR A 123 11.77 -7.65 -19.07
C THR A 123 11.72 -6.15 -19.39
N TYR A 124 12.86 -5.56 -19.62
CA TYR A 124 12.94 -4.08 -19.84
C TYR A 124 12.21 -3.64 -21.06
N ARG A 125 11.49 -2.54 -20.97
CA ARG A 125 10.85 -1.84 -22.06
C ARG A 125 11.39 -0.44 -22.22
N ALA A 126 11.86 -0.13 -23.39
CA ALA A 126 12.53 1.15 -23.59
C ALA A 126 11.56 2.31 -23.49
N MET A 127 10.33 2.15 -23.89
CA MET A 127 9.40 3.30 -24.01
C MET A 127 9.11 3.82 -22.64
N ASP A 128 8.75 3.03 -21.68
CA ASP A 128 8.43 3.53 -20.35
C ASP A 128 9.51 3.32 -19.35
N GLY A 129 10.59 2.60 -19.73
CA GLY A 129 11.69 2.39 -18.89
C GLY A 129 11.46 1.44 -17.72
N ARG A 130 10.38 0.65 -17.74
CA ARG A 130 10.08 -0.30 -16.70
C ARG A 130 10.55 -1.70 -17.01
N GLY A 131 10.53 -2.56 -16.01
CA GLY A 131 11.16 -3.86 -16.12
C GLY A 131 12.63 -3.72 -16.01
N GLY A 132 13.33 -4.75 -16.39
CA GLY A 132 14.76 -4.87 -16.22
C GLY A 132 15.14 -5.50 -14.87
N GLY A 133 16.45 -5.63 -14.69
CA GLY A 133 16.96 -6.33 -13.54
C GLY A 133 17.30 -5.46 -12.39
N GLY A 134 17.15 -4.14 -12.45
CA GLY A 134 17.73 -3.24 -11.54
C GLY A 134 17.06 -3.13 -10.22
N MET A 135 15.88 -3.78 -10.03
CA MET A 135 15.21 -3.84 -8.74
C MET A 135 15.19 -5.24 -8.18
N GLY A 136 15.73 -6.22 -8.91
CA GLY A 136 15.72 -7.63 -8.48
C GLY A 136 14.31 -8.20 -8.35
N GLN A 137 13.39 -7.71 -9.16
CA GLN A 137 11.95 -8.09 -9.05
C GLN A 137 11.65 -9.50 -9.47
N GLN A 138 12.62 -10.26 -10.06
CA GLN A 138 12.33 -11.65 -10.38
C GLN A 138 11.97 -12.48 -9.16
N ARG A 139 12.43 -12.05 -7.97
CA ARG A 139 12.23 -12.79 -6.73
C ARG A 139 10.86 -12.52 -6.08
N PHE A 140 10.04 -11.66 -6.64
CA PHE A 140 8.70 -11.33 -6.12
C PHE A 140 7.68 -11.71 -7.15
N ALA A 141 6.40 -11.74 -6.75
CA ALA A 141 5.28 -11.76 -7.71
C ALA A 141 5.31 -10.53 -8.53
N PRO A 142 4.88 -10.54 -9.79
CA PRO A 142 4.41 -11.75 -10.51
C PRO A 142 5.50 -12.46 -11.24
N LEU A 143 6.69 -11.87 -11.38
CA LEU A 143 7.72 -12.40 -12.21
C LEU A 143 8.22 -13.71 -11.73
N ASN A 144 8.20 -13.98 -10.42
CA ASN A 144 8.62 -15.24 -9.90
C ASN A 144 7.77 -16.40 -10.40
N SER A 145 6.59 -16.10 -10.93
CA SER A 145 5.59 -17.08 -11.29
C SER A 145 5.14 -17.02 -12.76
N TRP A 146 5.75 -16.14 -13.54
CA TRP A 146 5.45 -16.13 -14.98
C TRP A 146 5.82 -17.45 -15.56
N PRO A 147 5.08 -17.98 -16.54
CA PRO A 147 5.49 -19.20 -17.22
C PRO A 147 6.87 -19.20 -17.80
N ASP A 148 7.31 -18.07 -18.34
CA ASP A 148 8.66 -18.04 -18.91
C ASP A 148 9.74 -18.11 -17.87
N ASN A 149 9.42 -17.91 -16.61
CA ASN A 149 10.36 -18.01 -15.51
C ASN A 149 10.28 -19.35 -14.80
N GLN A 150 9.64 -20.33 -15.38
CA GLN A 150 9.54 -21.66 -14.80
C GLN A 150 10.92 -22.17 -14.48
N ASN A 151 11.05 -22.75 -13.30
CA ASN A 151 12.25 -23.29 -12.73
C ASN A 151 13.38 -22.31 -12.44
N LEU A 152 13.19 -21.04 -12.68
CA LEU A 152 14.20 -20.10 -12.24
C LEU A 152 14.05 -19.91 -10.73
N ASP A 153 13.01 -20.35 -10.09
CA ASP A 153 12.99 -20.50 -8.63
C ASP A 153 14.07 -21.38 -8.13
N LYS A 154 14.40 -22.44 -8.85
CA LYS A 154 15.51 -23.32 -8.52
C LYS A 154 16.83 -22.62 -8.73
N ALA A 155 16.98 -21.88 -9.79
CA ALA A 155 18.21 -21.11 -10.04
C ALA A 155 18.49 -20.11 -8.93
N ARG A 156 17.46 -19.35 -8.50
CA ARG A 156 17.63 -18.42 -7.44
C ARG A 156 17.95 -19.15 -6.14
N ARG A 157 17.38 -20.32 -5.87
CA ARG A 157 17.69 -21.02 -4.69
C ARG A 157 19.13 -21.58 -4.65
N LEU A 158 19.62 -21.93 -5.84
CA LEU A 158 20.99 -22.43 -5.96
C LEU A 158 22.00 -21.34 -5.68
N ILE A 159 21.71 -20.06 -5.93
CA ILE A 159 22.65 -19.05 -5.67
C ILE A 159 22.48 -18.43 -4.32
N TRP A 160 21.40 -18.73 -3.59
CA TRP A 160 21.18 -18.25 -2.25
C TRP A 160 22.38 -18.37 -1.34
N PRO A 161 23.12 -19.53 -1.34
CA PRO A 161 24.20 -19.65 -0.40
C PRO A 161 25.29 -18.54 -0.59
N ILE A 162 25.43 -18.03 -1.76
CA ILE A 162 26.31 -16.92 -2.00
C ILE A 162 25.81 -15.68 -1.31
N LYS A 163 24.51 -15.37 -1.50
CA LYS A 163 23.88 -14.26 -0.79
C LYS A 163 23.96 -14.43 0.72
N GLN A 164 23.79 -15.62 1.22
CA GLN A 164 23.86 -15.89 2.63
C GLN A 164 25.29 -15.58 3.13
N LYS A 165 26.32 -15.98 2.35
CA LYS A 165 27.70 -15.76 2.80
C LYS A 165 28.08 -14.26 2.80
N TYR A 166 27.64 -13.53 1.81
CA TYR A 166 28.08 -12.15 1.65
C TYR A 166 27.16 -11.07 2.21
N GLY A 167 25.92 -11.49 2.58
CA GLY A 167 25.04 -10.63 3.32
C GLY A 167 24.64 -9.39 2.66
N ASN A 168 24.63 -8.27 3.36
CA ASN A 168 24.11 -7.04 2.82
C ASN A 168 25.03 -6.40 1.72
N LYS A 169 26.24 -6.94 1.61
CA LYS A 169 27.20 -6.26 0.72
C LYS A 169 26.98 -6.65 -0.72
N ILE A 170 26.11 -7.59 -1.08
CA ILE A 170 25.71 -7.76 -2.46
C ILE A 170 24.19 -7.92 -2.46
N SER A 171 23.49 -7.21 -3.27
CA SER A 171 22.05 -7.34 -3.38
C SER A 171 21.72 -8.56 -4.19
N TRP A 172 20.50 -9.05 -4.02
CA TRP A 172 19.93 -10.03 -4.93
C TRP A 172 19.93 -9.52 -6.35
N ALA A 173 19.58 -8.26 -6.54
CA ALA A 173 19.51 -7.64 -7.86
C ALA A 173 20.87 -7.79 -8.58
N ASP A 174 21.93 -7.40 -7.87
CA ASP A 174 23.29 -7.46 -8.44
C ASP A 174 23.65 -8.93 -8.60
N LEU A 175 23.39 -9.78 -7.61
CA LEU A 175 23.86 -11.15 -7.64
C LEU A 175 23.24 -11.89 -8.78
N MET A 176 22.00 -11.77 -9.10
CA MET A 176 21.41 -12.54 -10.20
C MET A 176 22.14 -12.23 -11.48
N LEU A 177 22.48 -11.00 -11.74
CA LEU A 177 23.12 -10.61 -12.99
C LEU A 177 24.57 -10.93 -12.92
N LEU A 178 25.28 -10.71 -11.86
CA LEU A 178 26.66 -11.10 -11.73
C LEU A 178 26.85 -12.56 -11.96
N THR A 179 25.96 -13.35 -11.45
CA THR A 179 25.99 -14.83 -11.61
C THR A 179 25.97 -15.15 -13.09
N GLY A 180 25.12 -14.56 -13.89
CA GLY A 180 25.15 -14.82 -15.33
C GLY A 180 26.42 -14.39 -16.00
N ASN A 181 26.93 -13.23 -15.60
CA ASN A 181 28.16 -12.72 -16.20
C ASN A 181 29.32 -13.61 -15.88
N VAL A 182 29.43 -14.08 -14.65
CA VAL A 182 30.50 -15.01 -14.23
C VAL A 182 30.31 -16.34 -14.95
N ALA A 183 29.07 -16.80 -15.13
CA ALA A 183 28.83 -18.01 -15.81
C ALA A 183 29.36 -17.95 -17.24
N LEU A 184 29.07 -16.91 -17.98
CA LEU A 184 29.61 -16.78 -19.29
C LEU A 184 31.16 -16.81 -19.30
N GLU A 185 31.77 -16.10 -18.37
CA GLU A 185 33.22 -16.05 -18.33
C GLU A 185 33.81 -17.40 -18.06
N ASN A 186 33.22 -18.22 -17.21
CA ASN A 186 33.74 -19.51 -16.82
C ASN A 186 33.43 -20.57 -17.83
N MET A 187 32.54 -20.30 -18.77
CA MET A 187 32.27 -21.17 -19.91
C MET A 187 32.99 -20.64 -21.19
N GLY A 188 33.95 -19.77 -21.01
CA GLY A 188 34.85 -19.38 -22.11
C GLY A 188 34.45 -18.21 -22.92
N PHE A 189 33.59 -17.35 -22.43
CA PHE A 189 33.20 -16.13 -23.12
C PHE A 189 33.62 -14.94 -22.22
N LYS A 190 34.60 -14.16 -22.61
CA LYS A 190 35.05 -13.02 -21.84
C LYS A 190 34.13 -11.86 -22.17
N THR A 191 33.53 -11.34 -21.10
CA THR A 191 32.62 -10.19 -21.18
C THR A 191 33.38 -8.90 -21.11
N LEU A 192 32.73 -7.75 -21.32
CA LEU A 192 33.37 -6.48 -21.18
C LEU A 192 33.67 -6.08 -19.74
N GLY A 193 33.01 -6.75 -18.77
CA GLY A 193 33.09 -6.35 -17.38
C GLY A 193 31.68 -6.32 -16.78
N PHE A 194 31.52 -5.61 -15.67
CA PHE A 194 30.30 -5.58 -14.89
C PHE A 194 30.30 -4.42 -14.01
N GLY A 195 29.12 -3.89 -13.75
CA GLY A 195 28.94 -2.89 -12.69
C GLY A 195 27.82 -3.36 -11.75
N GLY A 196 28.13 -3.26 -10.49
CA GLY A 196 27.11 -3.36 -9.42
C GLY A 196 26.48 -2.04 -9.14
N GLY A 197 25.60 -2.04 -8.13
CA GLY A 197 24.92 -0.84 -7.71
C GLY A 197 23.43 -0.89 -7.63
N ARG A 198 22.78 -2.03 -7.85
CA ARG A 198 21.34 -2.19 -7.85
C ARG A 198 20.89 -2.49 -6.45
N ALA A 199 20.35 -1.52 -5.74
CA ALA A 199 19.83 -1.83 -4.39
C ALA A 199 18.54 -2.67 -4.49
N ASP A 200 18.46 -3.59 -3.54
CA ASP A 200 17.26 -4.41 -3.52
C ASP A 200 16.03 -3.57 -3.20
N THR A 201 14.92 -4.13 -3.67
CA THR A 201 13.56 -3.67 -3.32
C THR A 201 12.90 -4.75 -2.51
N TRP A 202 11.73 -4.41 -1.87
CA TRP A 202 11.22 -5.20 -0.78
C TRP A 202 9.70 -5.55 -0.96
N GLN A 203 9.12 -5.17 -2.08
CA GLN A 203 7.73 -5.56 -2.39
C GLN A 203 7.60 -5.65 -3.86
N SER A 204 6.60 -6.30 -4.30
CA SER A 204 6.23 -6.33 -5.71
C SER A 204 5.94 -4.97 -6.25
N ASP A 205 6.47 -4.64 -7.44
CA ASP A 205 6.23 -3.30 -8.10
C ASP A 205 4.94 -3.41 -8.90
N GLU A 206 3.89 -2.97 -8.28
CA GLU A 206 2.57 -3.02 -8.90
C GLU A 206 2.30 -1.80 -9.73
N ALA A 207 3.30 -1.05 -10.09
CA ALA A 207 3.14 0.09 -11.00
C ALA A 207 3.36 -0.30 -12.41
N VAL A 208 3.82 -1.48 -12.78
CA VAL A 208 4.19 -1.76 -14.16
C VAL A 208 2.95 -2.22 -14.90
N TYR A 209 2.69 -1.66 -16.06
CA TYR A 209 1.62 -2.13 -16.95
C TYR A 209 2.21 -3.24 -17.82
N TRP A 210 2.03 -4.49 -17.40
CA TRP A 210 2.45 -5.67 -18.17
C TRP A 210 1.49 -6.09 -19.22
N GLY A 211 0.33 -5.48 -19.27
CA GLY A 211 -0.77 -5.80 -20.17
C GLY A 211 -2.08 -5.85 -19.33
N ALA A 212 -3.16 -6.00 -20.09
CA ALA A 212 -4.54 -6.09 -19.52
C ALA A 212 -5.14 -7.44 -19.65
N GLU A 213 -4.46 -8.41 -20.23
CA GLU A 213 -5.01 -9.73 -20.38
C GLU A 213 -5.20 -10.39 -19.03
N THR A 214 -6.19 -11.29 -19.04
CA THR A 214 -6.57 -12.11 -17.80
C THR A 214 -6.14 -13.54 -17.89
N THR A 215 -5.23 -13.81 -18.82
CA THR A 215 -4.62 -15.11 -18.99
C THR A 215 -3.17 -14.95 -19.30
N PHE A 216 -2.38 -15.97 -19.00
CA PHE A 216 -0.97 -16.14 -19.43
C PHE A 216 -0.87 -16.88 -20.73
N VAL A 217 0.29 -16.71 -21.41
CA VAL A 217 0.76 -17.59 -22.41
C VAL A 217 0.36 -19.05 -21.99
N PRO A 218 -0.09 -19.87 -22.91
CA PRO A 218 -0.29 -19.71 -24.32
C PRO A 218 -1.34 -18.76 -24.81
N GLN A 219 -2.17 -18.21 -23.91
CA GLN A 219 -3.10 -17.14 -24.26
C GLN A 219 -2.50 -15.83 -23.93
N GLY A 220 -3.07 -14.93 -23.16
CA GLY A 220 -2.37 -13.72 -22.76
C GLY A 220 -2.00 -12.73 -23.83
N ASN A 221 -2.75 -12.66 -24.93
CA ASN A 221 -2.41 -11.59 -25.92
C ASN A 221 -3.52 -11.08 -26.78
N ASP A 222 -4.78 -11.39 -26.46
CA ASP A 222 -5.88 -10.74 -27.20
C ASP A 222 -5.84 -9.20 -27.11
N VAL A 223 -5.63 -8.61 -25.97
CA VAL A 223 -5.69 -7.20 -25.81
C VAL A 223 -4.52 -6.64 -26.56
N ARG A 224 -3.31 -7.17 -26.44
CA ARG A 224 -2.13 -6.48 -27.01
C ARG A 224 -2.11 -6.60 -28.52
N TYR A 225 -2.86 -7.43 -29.16
CA TYR A 225 -3.01 -7.46 -30.61
C TYR A 225 -4.37 -6.94 -31.05
N ASN A 226 -5.17 -6.37 -30.11
CA ASN A 226 -6.53 -5.91 -30.48
C ASN A 226 -7.34 -6.95 -31.21
N ASN A 227 -7.29 -8.20 -30.72
CA ASN A 227 -7.99 -9.36 -31.26
C ASN A 227 -7.62 -9.80 -32.69
N SER A 228 -6.52 -9.25 -33.22
CA SER A 228 -6.03 -9.78 -34.50
C SER A 228 -5.31 -11.12 -34.29
N VAL A 229 -5.56 -12.08 -35.15
CA VAL A 229 -4.92 -13.37 -35.12
C VAL A 229 -4.02 -13.61 -36.33
N ASP A 230 -3.93 -12.68 -37.27
CA ASP A 230 -3.08 -12.89 -38.45
C ASP A 230 -1.66 -12.55 -38.14
N ILE A 231 -0.86 -13.58 -38.02
CA ILE A 231 0.41 -13.45 -37.26
C ILE A 231 1.44 -12.70 -38.03
N ASN A 232 1.41 -12.75 -39.34
CA ASN A 232 2.44 -11.90 -40.05
C ASN A 232 1.95 -10.47 -40.11
N ALA A 233 0.71 -10.24 -40.42
CA ALA A 233 0.21 -8.89 -40.53
C ALA A 233 0.19 -8.09 -39.28
N ARG A 234 -0.06 -8.69 -38.13
CA ARG A 234 -0.21 -8.00 -36.88
C ARG A 234 1.16 -7.74 -36.15
N ALA A 235 2.26 -8.29 -36.72
CA ALA A 235 3.45 -8.38 -35.83
C ALA A 235 4.02 -7.02 -35.42
N ASP A 236 3.83 -6.03 -36.31
CA ASP A 236 4.26 -4.67 -36.00
C ASP A 236 3.23 -3.81 -35.41
N LYS A 237 2.16 -4.37 -34.83
CA LYS A 237 1.00 -3.67 -34.28
C LYS A 237 0.84 -3.99 -32.82
N LEU A 238 1.89 -4.40 -32.14
CA LEU A 238 1.83 -4.74 -30.70
C LEU A 238 1.55 -3.53 -29.91
N GLU A 239 0.61 -3.57 -28.95
CA GLU A 239 0.26 -2.50 -28.05
C GLU A 239 1.43 -1.89 -27.37
N LYS A 240 1.55 -0.57 -27.42
CA LYS A 240 2.58 0.16 -26.70
C LYS A 240 2.26 0.24 -25.23
N PRO A 241 3.18 0.23 -24.31
CA PRO A 241 4.63 0.14 -24.48
C PRO A 241 5.20 -1.28 -24.39
N LEU A 242 4.32 -2.26 -24.59
CA LEU A 242 4.68 -3.65 -24.24
C LEU A 242 5.77 -4.13 -25.20
N ALA A 243 6.49 -5.13 -24.67
CA ALA A 243 7.69 -5.66 -25.31
C ALA A 243 7.75 -7.15 -25.32
N ALA A 244 6.63 -7.80 -25.10
CA ALA A 244 6.50 -9.25 -25.18
C ALA A 244 5.19 -9.64 -25.90
N THR A 245 5.19 -10.76 -26.60
CA THR A 245 4.07 -11.09 -27.49
C THR A 245 2.91 -11.77 -26.74
N HIS A 246 3.16 -12.24 -25.47
CA HIS A 246 2.11 -12.75 -24.62
C HIS A 246 2.47 -12.31 -23.23
N MET A 247 1.42 -12.08 -22.42
CA MET A 247 1.57 -11.95 -20.97
C MET A 247 2.28 -13.20 -20.40
N GLY A 248 3.36 -12.99 -19.60
CA GLY A 248 4.04 -14.14 -19.03
C GLY A 248 5.29 -14.55 -19.77
N LEU A 249 5.55 -13.94 -20.96
CA LEU A 249 6.78 -14.18 -21.70
C LEU A 249 7.75 -13.02 -21.60
N ILE A 250 9.02 -13.32 -21.77
CA ILE A 250 10.12 -12.32 -21.85
C ILE A 250 10.03 -11.54 -23.14
N TYR A 251 10.12 -12.17 -24.28
CA TYR A 251 10.00 -11.52 -25.60
C TYR A 251 8.99 -12.23 -26.47
N VAL A 252 9.28 -13.39 -27.06
CA VAL A 252 8.46 -14.02 -28.00
C VAL A 252 8.13 -15.48 -27.63
N ASN A 253 7.20 -16.08 -28.35
CA ASN A 253 6.80 -17.50 -28.12
C ASN A 253 7.82 -18.37 -28.85
N PRO A 254 8.50 -19.27 -28.15
CA PRO A 254 9.49 -20.13 -28.80
C PRO A 254 8.96 -21.13 -29.74
N GLU A 255 7.65 -21.37 -29.72
CA GLU A 255 6.96 -22.23 -30.69
CA GLU A 255 6.95 -22.25 -30.65
C GLU A 255 6.33 -21.51 -31.85
N GLY A 256 6.66 -20.24 -32.02
CA GLY A 256 6.17 -19.42 -33.13
C GLY A 256 4.97 -18.60 -32.68
N PRO A 257 4.53 -17.65 -33.51
CA PRO A 257 3.48 -16.71 -33.05
C PRO A 257 2.17 -17.53 -32.85
N ASN A 258 1.60 -17.31 -31.68
CA ASN A 258 0.45 -18.07 -31.17
C ASN A 258 0.64 -19.56 -31.27
N GLY A 259 1.89 -20.01 -31.17
CA GLY A 259 2.23 -21.40 -31.27
C GLY A 259 2.21 -21.94 -32.67
N THR A 260 2.16 -21.11 -33.70
CA THR A 260 2.16 -21.61 -35.08
C THR A 260 3.67 -21.65 -35.49
N PRO A 261 4.13 -22.80 -35.96
CA PRO A 261 5.60 -23.02 -36.14
C PRO A 261 6.12 -22.46 -37.47
N ASP A 262 5.98 -21.16 -37.58
CA ASP A 262 6.37 -20.41 -38.81
C ASP A 262 7.52 -19.42 -38.45
N PRO A 263 8.74 -19.87 -38.87
CA PRO A 263 9.92 -19.05 -38.50
C PRO A 263 9.88 -17.66 -39.11
N ALA A 264 9.42 -17.48 -40.32
CA ALA A 264 9.34 -16.15 -40.88
C ALA A 264 8.53 -15.17 -40.07
N ALA A 265 7.33 -15.64 -39.62
CA ALA A 265 6.53 -14.78 -38.82
C ALA A 265 7.10 -14.59 -37.42
N SER A 266 7.74 -15.64 -36.86
CA SER A 266 8.47 -15.45 -35.60
C SER A 266 9.54 -14.36 -35.66
N ALA A 267 10.23 -14.29 -36.80
CA ALA A 267 11.22 -13.22 -36.98
C ALA A 267 10.60 -11.85 -36.82
N LYS A 268 9.39 -11.68 -37.39
CA LYS A 268 8.76 -10.39 -37.27
C LYS A 268 8.39 -10.04 -35.84
N ASP A 269 7.97 -11.04 -35.10
CA ASP A 269 7.74 -10.86 -33.65
C ASP A 269 9.00 -10.50 -32.91
N ILE A 270 10.11 -11.20 -33.22
CA ILE A 270 11.37 -10.94 -32.54
C ILE A 270 11.77 -9.50 -32.82
N ARG A 271 11.72 -9.04 -34.05
CA ARG A 271 12.09 -7.68 -34.32
C ARG A 271 11.28 -6.67 -33.49
N GLU A 272 9.95 -6.91 -33.45
CA GLU A 272 9.10 -6.00 -32.74
C GLU A 272 9.42 -6.02 -31.29
N ALA A 273 9.53 -7.18 -30.64
CA ALA A 273 9.74 -7.32 -29.23
C ALA A 273 11.10 -6.79 -28.82
N PHE A 274 12.16 -7.23 -29.48
CA PHE A 274 13.49 -6.67 -29.18
C PHE A 274 13.60 -5.21 -29.44
N GLY A 275 12.93 -4.69 -30.46
CA GLY A 275 12.91 -3.26 -30.66
C GLY A 275 12.28 -2.53 -29.56
N ARG A 276 11.20 -3.08 -28.96
CA ARG A 276 10.53 -2.52 -27.79
C ARG A 276 11.38 -2.57 -26.56
N MET A 277 12.39 -3.43 -26.52
CA MET A 277 13.37 -3.52 -25.48
C MET A 277 14.59 -2.67 -25.76
N GLY A 278 14.64 -1.92 -26.84
CA GLY A 278 15.76 -1.09 -27.14
C GLY A 278 16.89 -1.78 -27.81
N MET A 279 16.69 -2.89 -28.54
CA MET A 279 17.73 -3.62 -29.25
C MET A 279 17.49 -3.59 -30.74
N ASN A 280 18.54 -3.44 -31.53
CA ASN A 280 18.50 -3.44 -32.98
C ASN A 280 18.74 -4.85 -33.55
N ASP A 281 18.82 -5.02 -34.85
CA ASP A 281 18.96 -6.29 -35.41
C ASP A 281 20.29 -7.00 -34.99
N THR A 282 21.37 -6.26 -35.08
CA THR A 282 22.68 -6.81 -34.73
C THR A 282 22.66 -7.28 -33.28
N GLU A 283 22.15 -6.48 -32.39
CA GLU A 283 22.07 -6.82 -30.99
C GLU A 283 21.22 -8.02 -30.71
N THR A 284 20.13 -8.12 -31.44
CA THR A 284 19.09 -9.20 -31.28
C THR A 284 19.74 -10.52 -31.70
N VAL A 285 20.36 -10.59 -32.88
CA VAL A 285 20.95 -11.79 -33.33
C VAL A 285 22.09 -12.15 -32.39
N ALA A 286 22.89 -11.19 -31.97
CA ALA A 286 24.00 -11.51 -31.06
C ALA A 286 23.56 -12.08 -29.76
N LEU A 287 22.48 -11.51 -29.22
CA LEU A 287 21.98 -12.00 -27.94
C LEU A 287 21.43 -13.46 -28.04
N ILE A 288 20.65 -13.72 -29.06
CA ILE A 288 20.00 -15.03 -29.20
C ILE A 288 21.06 -16.07 -29.55
N ALA A 289 21.90 -15.81 -30.56
CA ALA A 289 22.94 -16.78 -30.94
C ALA A 289 23.96 -16.86 -29.83
N GLY A 290 24.21 -15.80 -29.06
CA GLY A 290 25.17 -15.85 -27.95
C GLY A 290 24.66 -16.71 -26.86
N GLY A 291 23.40 -16.48 -26.42
CA GLY A 291 22.84 -17.18 -25.31
C GLY A 291 22.65 -18.63 -25.63
N HIS A 292 22.21 -18.96 -26.84
CA HIS A 292 21.92 -20.32 -27.21
C HIS A 292 23.17 -21.12 -27.65
N ALA A 293 24.36 -20.57 -27.40
CA ALA A 293 25.57 -21.39 -27.35
C ALA A 293 25.53 -22.34 -26.17
N PHE A 294 24.76 -22.00 -25.14
CA PHE A 294 24.86 -22.59 -23.79
C PHE A 294 23.65 -23.37 -23.44
N GLY A 295 23.85 -24.47 -22.75
CA GLY A 295 22.73 -25.15 -22.06
C GLY A 295 21.78 -25.81 -22.97
N LYS A 296 20.54 -25.93 -22.51
CA LYS A 296 19.49 -26.64 -23.20
C LYS A 296 18.13 -26.21 -22.63
N THR A 297 17.10 -26.63 -23.36
CA THR A 297 15.74 -26.50 -22.90
C THR A 297 15.32 -27.80 -22.18
N HIS A 298 14.16 -27.78 -21.60
CA HIS A 298 13.65 -28.92 -20.81
C HIS A 298 12.20 -29.17 -21.13
N GLY A 299 11.94 -30.38 -21.59
CA GLY A 299 10.57 -30.75 -22.03
C GLY A 299 10.35 -32.25 -21.99
N ALA A 300 10.76 -32.85 -20.86
CA ALA A 300 10.85 -34.32 -20.74
C ALA A 300 9.54 -34.96 -20.55
N VAL A 301 8.55 -34.32 -19.96
CA VAL A 301 7.26 -34.93 -19.52
C VAL A 301 6.17 -33.94 -19.76
N LYS A 302 4.94 -34.43 -19.85
CA LYS A 302 3.84 -33.63 -20.12
C LYS A 302 3.60 -32.66 -19.00
N GLY A 303 3.01 -31.56 -19.35
CA GLY A 303 2.72 -30.45 -18.45
C GLY A 303 1.71 -30.82 -17.37
N SER A 304 0.86 -31.83 -17.58
CA SER A 304 -0.12 -32.22 -16.59
C SER A 304 0.58 -32.73 -15.34
N ASN A 305 1.85 -33.07 -15.44
CA ASN A 305 2.61 -33.53 -14.30
C ASN A 305 3.21 -32.42 -13.37
N ILE A 306 2.96 -31.21 -13.76
CA ILE A 306 3.59 -30.04 -13.13
C ILE A 306 2.57 -29.30 -12.26
N GLY A 307 2.99 -29.04 -11.02
CA GLY A 307 2.13 -28.38 -10.02
C GLY A 307 2.17 -26.87 -10.12
N PRO A 308 1.48 -26.19 -9.19
CA PRO A 308 1.35 -24.77 -9.23
C PRO A 308 2.65 -23.98 -9.23
N ALA A 309 2.64 -22.84 -9.89
CA ALA A 309 3.72 -21.89 -9.88
C ALA A 309 3.92 -21.40 -8.46
N PRO A 310 5.06 -20.75 -8.17
CA PRO A 310 5.41 -20.43 -6.73
C PRO A 310 4.32 -19.66 -5.95
N GLU A 311 3.67 -18.67 -6.58
CA GLU A 311 2.68 -17.90 -5.82
C GLU A 311 1.43 -18.74 -5.59
N ALA A 312 1.23 -19.83 -6.23
CA ALA A 312 0.02 -20.64 -6.03
C ALA A 312 0.35 -21.92 -5.31
N ALA A 313 1.61 -22.18 -4.95
CA ALA A 313 2.00 -23.42 -4.35
C ALA A 313 1.81 -23.49 -2.79
N ASP A 314 1.74 -24.69 -2.28
CA ASP A 314 1.55 -24.91 -0.86
C ASP A 314 2.82 -24.55 -0.05
N LEU A 315 2.62 -24.46 1.27
CA LEU A 315 3.72 -23.99 2.14
C LEU A 315 4.88 -24.96 2.11
N GLY A 316 4.71 -26.22 1.82
CA GLY A 316 5.82 -27.12 1.84
C GLY A 316 6.81 -26.80 0.74
N MET A 317 6.36 -26.20 -0.35
CA MET A 317 7.27 -25.87 -1.41
C MET A 317 8.24 -24.77 -1.01
N GLN A 318 8.00 -24.03 0.04
CA GLN A 318 8.95 -23.03 0.61
C GLN A 318 9.46 -22.15 -0.47
N GLY A 319 8.54 -21.50 -1.20
CA GLY A 319 8.88 -20.56 -2.19
C GLY A 319 9.20 -21.02 -3.59
N LEU A 320 9.34 -22.32 -3.73
CA LEU A 320 9.55 -22.94 -5.06
C LEU A 320 8.18 -23.27 -5.66
N GLY A 321 8.21 -23.69 -6.92
CA GLY A 321 6.97 -24.09 -7.60
C GLY A 321 7.20 -25.02 -8.70
N TRP A 322 6.16 -25.30 -9.48
CA TRP A 322 6.23 -26.19 -10.60
C TRP A 322 6.71 -27.58 -10.21
N HIS A 323 6.26 -28.08 -9.07
CA HIS A 323 6.66 -29.41 -8.66
C HIS A 323 6.32 -30.47 -9.70
N ASN A 324 7.22 -31.28 -10.09
CA ASN A 324 7.04 -32.30 -11.16
C ASN A 324 6.94 -33.62 -10.46
N SER A 325 5.79 -34.30 -10.66
CA SER A 325 5.55 -35.57 -9.99
C SER A 325 6.14 -36.75 -10.67
N VAL A 326 6.85 -36.63 -11.82
CA VAL A 326 7.44 -37.81 -12.42
C VAL A 326 8.81 -38.05 -11.80
N GLY A 327 9.09 -39.23 -11.23
CA GLY A 327 10.41 -39.49 -10.68
C GLY A 327 10.64 -38.56 -9.54
N ASP A 328 11.87 -38.02 -9.49
CA ASP A 328 12.16 -37.00 -8.49
C ASP A 328 11.86 -35.58 -9.02
N GLY A 329 11.28 -35.50 -10.23
CA GLY A 329 10.84 -34.21 -10.81
C GLY A 329 11.99 -33.38 -11.39
N ASN A 330 13.16 -33.94 -11.54
CA ASN A 330 14.35 -33.22 -11.87
C ASN A 330 15.29 -34.08 -12.63
N GLY A 331 16.50 -33.61 -12.90
CA GLY A 331 17.49 -34.43 -13.60
C GLY A 331 16.92 -34.77 -15.02
N PRO A 332 16.89 -36.05 -15.42
CA PRO A 332 16.33 -36.40 -16.69
C PRO A 332 14.85 -36.12 -16.91
N ASN A 333 14.13 -35.86 -15.83
CA ASN A 333 12.67 -35.58 -15.96
C ASN A 333 12.33 -34.07 -15.97
N GLN A 334 13.34 -33.22 -16.03
CA GLN A 334 13.11 -31.79 -16.02
C GLN A 334 12.16 -31.32 -17.14
N MET A 335 11.21 -30.48 -16.71
CA MET A 335 10.24 -29.87 -17.63
C MET A 335 10.10 -28.43 -17.23
N THR A 336 10.42 -27.58 -18.18
CA THR A 336 10.44 -26.13 -18.01
C THR A 336 9.56 -25.50 -19.05
N SER A 337 9.94 -25.51 -20.32
CA SER A 337 9.15 -24.91 -21.40
C SER A 337 8.31 -25.89 -22.18
N GLY A 338 8.67 -27.17 -22.08
CA GLY A 338 8.01 -28.18 -22.86
C GLY A 338 8.76 -28.49 -24.14
N LEU A 339 9.81 -27.76 -24.46
CA LEU A 339 10.70 -28.05 -25.60
C LEU A 339 11.89 -28.87 -25.10
N GLU A 340 12.51 -29.66 -25.96
CA GLU A 340 13.69 -30.46 -25.62
C GLU A 340 14.75 -30.27 -26.70
N VAL A 341 15.51 -29.18 -26.57
CA VAL A 341 16.44 -28.72 -27.56
C VAL A 341 17.79 -28.56 -26.87
N ILE A 342 18.81 -29.11 -27.51
CA ILE A 342 20.21 -28.87 -27.20
C ILE A 342 20.88 -28.28 -28.42
N TRP A 343 21.33 -27.03 -28.33
CA TRP A 343 21.74 -26.34 -29.50
C TRP A 343 23.10 -26.71 -30.03
N THR A 344 24.02 -26.95 -29.10
CA THR A 344 25.43 -27.22 -29.49
C THR A 344 25.89 -28.52 -28.89
N LYS A 345 27.01 -28.97 -29.51
CA LYS A 345 27.66 -30.20 -29.04
C LYS A 345 28.48 -29.99 -27.78
N THR A 346 28.64 -28.77 -27.37
CA THR A 346 29.46 -28.39 -26.19
C THR A 346 28.71 -27.32 -25.36
N PRO A 347 27.62 -27.78 -24.69
CA PRO A 347 26.70 -26.76 -24.06
C PRO A 347 27.30 -26.05 -22.90
N THR A 348 28.53 -26.32 -22.45
CA THR A 348 29.20 -25.63 -21.37
C THR A 348 30.39 -24.90 -21.85
N LYS A 349 30.54 -24.65 -23.17
CA LYS A 349 31.69 -23.93 -23.62
C LYS A 349 31.34 -23.07 -24.85
N TRP A 350 31.78 -21.86 -24.83
CA TRP A 350 31.50 -20.92 -25.94
C TRP A 350 31.95 -21.56 -27.24
N SER A 351 31.23 -21.39 -28.33
CA SER A 351 31.54 -21.94 -29.61
C SER A 351 30.74 -21.18 -30.68
N ASN A 352 30.90 -21.59 -31.93
CA ASN A 352 30.06 -21.11 -33.05
C ASN A 352 29.16 -22.22 -33.49
N GLY A 353 28.91 -23.22 -32.64
CA GLY A 353 28.04 -24.30 -33.00
C GLY A 353 26.56 -23.99 -33.31
N TYR A 354 26.10 -22.97 -32.66
CA TYR A 354 24.69 -22.52 -32.89
C TYR A 354 24.49 -22.11 -34.30
N LEU A 355 25.29 -21.16 -34.83
CA LEU A 355 25.11 -20.79 -36.21
C LEU A 355 25.40 -21.87 -37.16
N GLU A 356 26.43 -22.68 -36.86
CA GLU A 356 26.77 -23.77 -37.77
C GLU A 356 25.65 -24.73 -37.89
N SER A 357 25.03 -25.12 -36.78
CA SER A 357 23.87 -26.02 -36.87
C SER A 357 22.71 -25.34 -37.63
N LEU A 358 22.43 -24.13 -37.21
CA LEU A 358 21.29 -23.43 -37.76
C LEU A 358 21.33 -23.38 -39.29
N ILE A 359 22.47 -23.00 -39.82
CA ILE A 359 22.61 -22.84 -41.28
C ILE A 359 22.96 -24.11 -42.03
N ASN A 360 23.70 -25.01 -41.43
CA ASN A 360 24.24 -26.15 -42.20
C ASN A 360 23.44 -27.41 -42.06
N ASN A 361 22.47 -27.49 -41.15
CA ASN A 361 21.52 -28.58 -41.08
C ASN A 361 20.29 -28.28 -41.92
N ASN A 362 19.66 -29.37 -42.34
CA ASN A 362 18.27 -29.39 -42.86
C ASN A 362 17.34 -29.72 -41.70
N TRP A 363 16.27 -28.93 -41.59
CA TRP A 363 15.37 -28.95 -40.44
C TRP A 363 14.01 -29.54 -40.76
N THR A 364 13.58 -30.39 -39.88
CA THR A 364 12.22 -30.98 -39.91
C THR A 364 11.49 -30.70 -38.63
N LEU A 365 10.17 -30.50 -38.79
CA LEU A 365 9.31 -30.19 -37.69
C LEU A 365 8.94 -31.46 -36.94
N VAL A 366 9.19 -31.56 -35.67
CA VAL A 366 8.97 -32.68 -34.83
C VAL A 366 8.31 -32.24 -33.53
N GLU A 367 8.00 -33.20 -32.67
CA GLU A 367 7.39 -32.92 -31.33
C GLU A 367 8.38 -33.40 -30.25
N SER A 368 8.51 -32.53 -29.20
CA SER A 368 9.23 -32.94 -28.03
C SER A 368 8.48 -34.01 -27.24
N PRO A 369 9.11 -34.58 -26.18
CA PRO A 369 8.40 -35.51 -25.38
C PRO A 369 7.16 -34.93 -24.70
N ALA A 370 7.09 -33.64 -24.49
CA ALA A 370 5.93 -33.03 -23.89
C ALA A 370 4.93 -32.63 -24.92
N GLY A 371 5.20 -32.83 -26.20
CA GLY A 371 4.29 -32.47 -27.24
C GLY A 371 4.40 -31.17 -27.99
N ALA A 372 5.40 -30.35 -27.66
CA ALA A 372 5.58 -29.12 -28.28
C ALA A 372 6.37 -29.21 -29.59
N HIS A 373 6.09 -28.22 -30.47
N HIS A 373 6.17 -28.32 -30.48
CA HIS A 373 6.68 -28.02 -31.88
CA HIS A 373 6.83 -28.49 -31.73
C HIS A 373 8.17 -27.61 -31.70
C HIS A 373 8.14 -27.69 -31.73
N GLN A 374 9.10 -28.37 -32.32
CA GLN A 374 10.53 -27.90 -32.48
C GLN A 374 11.05 -28.50 -33.73
N TRP A 375 12.33 -28.25 -33.99
CA TRP A 375 12.91 -28.67 -35.24
C TRP A 375 14.10 -29.58 -34.98
N GLU A 376 14.24 -30.58 -35.80
CA GLU A 376 15.30 -31.58 -35.62
C GLU A 376 15.98 -31.78 -36.97
N ALA A 377 17.32 -32.04 -36.90
CA ALA A 377 18.09 -32.42 -38.08
C ALA A 377 17.99 -33.97 -38.17
N VAL A 378 16.96 -34.50 -38.78
CA VAL A 378 16.65 -35.95 -38.67
C VAL A 378 17.70 -36.79 -39.44
N ASN A 379 18.51 -36.18 -40.33
CA ASN A 379 19.66 -36.89 -40.98
C ASN A 379 20.97 -36.37 -40.47
N GLY A 380 20.92 -35.70 -39.32
CA GLY A 380 22.10 -35.13 -38.76
C GLY A 380 22.97 -36.18 -38.06
N THR A 381 24.11 -35.69 -37.63
CA THR A 381 24.98 -36.45 -36.77
C THR A 381 24.43 -36.67 -35.40
N VAL A 382 24.71 -37.80 -34.79
CA VAL A 382 24.17 -38.24 -33.48
C VAL A 382 25.25 -38.04 -32.46
N ASP A 383 25.51 -36.79 -32.12
CA ASP A 383 26.68 -36.38 -31.36
C ASP A 383 26.43 -35.18 -30.43
N TYR A 384 25.14 -34.91 -30.15
CA TYR A 384 24.80 -33.84 -29.18
C TYR A 384 24.67 -34.60 -27.87
N PRO A 385 25.43 -34.14 -26.86
CA PRO A 385 25.52 -34.93 -25.61
C PRO A 385 24.20 -34.98 -24.77
N ASP A 386 23.91 -36.03 -24.08
CA ASP A 386 22.84 -36.10 -23.18
C ASP A 386 23.29 -35.52 -21.81
N PRO A 387 22.43 -34.78 -21.09
CA PRO A 387 22.86 -34.03 -19.94
C PRO A 387 23.17 -34.86 -18.68
N PHE A 388 22.75 -36.14 -18.69
CA PHE A 388 22.97 -37.02 -17.53
C PHE A 388 23.61 -38.36 -17.98
N ASP A 389 24.15 -38.40 -19.19
CA ASP A 389 24.85 -39.66 -19.63
C ASP A 389 25.93 -39.28 -20.58
N LYS A 390 27.21 -39.44 -20.15
CA LYS A 390 28.39 -38.98 -20.85
C LYS A 390 28.71 -39.84 -22.11
N THR A 391 27.99 -40.94 -22.28
CA THR A 391 28.20 -41.76 -23.42
C THR A 391 27.03 -41.83 -24.40
N LYS A 392 25.99 -41.01 -24.24
CA LYS A 392 24.81 -41.08 -25.10
C LYS A 392 24.50 -39.77 -25.74
N PHE A 393 24.04 -39.82 -26.96
CA PHE A 393 23.95 -38.70 -27.86
C PHE A 393 22.63 -38.64 -28.60
N ARG A 394 22.36 -37.45 -29.13
CA ARG A 394 21.17 -37.17 -29.90
C ARG A 394 21.53 -36.26 -31.06
N LYS A 395 20.57 -36.07 -31.94
CA LYS A 395 20.75 -35.21 -33.09
C LYS A 395 20.47 -33.73 -32.70
N ALA A 396 20.85 -32.88 -33.61
CA ALA A 396 20.73 -31.41 -33.51
C ALA A 396 19.23 -31.03 -33.51
N THR A 397 18.91 -30.03 -32.70
CA THR A 397 17.57 -29.47 -32.61
C THR A 397 17.70 -27.94 -32.51
N MET A 398 16.59 -27.27 -32.85
CA MET A 398 16.42 -25.80 -32.81
C MET A 398 14.97 -25.46 -32.45
N LEU A 399 14.75 -24.30 -31.91
CA LEU A 399 13.41 -23.74 -31.76
C LEU A 399 12.97 -23.04 -32.98
N THR A 400 11.64 -22.91 -33.19
CA THR A 400 11.16 -22.04 -34.24
C THR A 400 11.73 -20.63 -34.19
N SER A 401 11.89 -20.09 -32.97
CA SER A 401 12.41 -18.75 -32.83
C SER A 401 13.91 -18.66 -33.12
N ASP A 402 14.60 -19.80 -33.15
CA ASP A 402 15.98 -19.85 -33.67
C ASP A 402 15.98 -19.88 -35.17
N LEU A 403 15.12 -20.67 -35.82
CA LEU A 403 15.01 -20.70 -37.26
C LEU A 403 14.57 -19.33 -37.79
N ALA A 404 13.92 -18.52 -37.01
CA ALA A 404 13.56 -17.16 -37.39
C ALA A 404 14.77 -16.43 -37.95
N LEU A 405 15.93 -16.69 -37.36
CA LEU A 405 17.12 -15.89 -37.70
C LEU A 405 17.67 -16.22 -39.04
N ILE A 406 17.20 -17.26 -39.73
CA ILE A 406 17.55 -17.51 -41.15
C ILE A 406 16.33 -17.45 -42.04
N ASN A 407 15.22 -16.88 -41.51
CA ASN A 407 13.96 -16.77 -42.30
C ASN A 407 13.47 -15.37 -42.34
N ASP A 408 14.37 -14.40 -42.28
CA ASP A 408 14.16 -13.01 -42.45
C ASP A 408 15.39 -12.48 -43.23
N PRO A 409 15.22 -11.54 -44.16
CA PRO A 409 16.43 -11.23 -44.97
C PRO A 409 17.50 -10.59 -44.15
N GLU A 410 17.21 -9.71 -43.26
CA GLU A 410 18.18 -8.95 -42.49
CA GLU A 410 18.23 -9.02 -42.56
C GLU A 410 18.85 -9.92 -41.51
N TYR A 411 18.09 -10.69 -40.77
CA TYR A 411 18.69 -11.65 -39.84
C TYR A 411 19.53 -12.67 -40.60
N LEU A 412 19.10 -13.12 -41.73
CA LEU A 412 19.89 -14.09 -42.45
C LEU A 412 21.25 -13.50 -42.84
N LYS A 413 21.31 -12.28 -43.29
CA LYS A 413 22.58 -11.68 -43.71
C LYS A 413 23.54 -11.62 -42.52
N ILE A 414 23.06 -11.28 -41.34
CA ILE A 414 23.87 -11.21 -40.17
C ILE A 414 24.31 -12.61 -39.78
N SER A 415 23.41 -13.58 -39.77
CA SER A 415 23.73 -14.97 -39.38
C SER A 415 24.79 -15.51 -40.33
N GLN A 416 24.69 -15.24 -41.64
CA GLN A 416 25.62 -15.79 -42.66
C GLN A 416 26.97 -15.15 -42.44
N ARG A 417 27.02 -13.88 -42.11
CA ARG A 417 28.29 -13.19 -41.89
C ARG A 417 28.95 -13.79 -40.70
N TRP A 418 28.25 -13.99 -39.58
CA TRP A 418 28.86 -14.49 -38.36
C TRP A 418 29.15 -15.92 -38.37
N LEU A 419 28.51 -16.65 -39.21
CA LEU A 419 28.89 -18.05 -39.43
C LEU A 419 30.34 -18.18 -39.79
N GLU A 420 30.80 -17.29 -40.66
CA GLU A 420 32.19 -17.34 -41.13
C GLU A 420 33.09 -16.41 -40.41
N HIS A 421 32.59 -15.53 -39.57
CA HIS A 421 33.34 -14.54 -38.81
C HIS A 421 32.88 -14.52 -37.36
N PRO A 422 33.11 -15.58 -36.64
CA PRO A 422 32.57 -15.67 -35.26
C PRO A 422 33.13 -14.63 -34.33
N GLU A 423 34.27 -14.02 -34.58
CA GLU A 423 34.76 -12.94 -33.72
C GLU A 423 33.83 -11.75 -33.72
N GLU A 424 33.13 -11.56 -34.87
CA GLU A 424 32.20 -10.43 -35.01
C GLU A 424 30.97 -10.69 -34.17
N LEU A 425 30.50 -11.92 -34.11
CA LEU A 425 29.43 -12.41 -33.16
C LEU A 425 29.92 -12.11 -31.74
N ALA A 426 31.13 -12.61 -31.41
CA ALA A 426 31.61 -12.44 -30.05
C ALA A 426 31.65 -10.97 -29.64
N ASP A 427 32.12 -10.05 -30.50
CA ASP A 427 32.19 -8.69 -30.21
C ASP A 427 30.79 -8.12 -29.94
N ALA A 428 29.87 -8.40 -30.87
CA ALA A 428 28.52 -7.87 -30.77
C ALA A 428 27.81 -8.43 -29.51
N PHE A 429 28.03 -9.67 -29.17
CA PHE A 429 27.43 -10.30 -28.02
C PHE A 429 27.96 -9.68 -26.76
N ALA A 430 29.22 -9.49 -26.64
CA ALA A 430 29.76 -8.86 -25.46
C ALA A 430 29.12 -7.45 -25.24
N LYS A 431 28.99 -6.68 -26.29
CA LYS A 431 28.45 -5.38 -26.15
C LYS A 431 26.95 -5.42 -25.82
N ALA A 432 26.21 -6.29 -26.50
CA ALA A 432 24.77 -6.40 -26.28
C ALA A 432 24.42 -6.96 -24.90
N TRP A 433 25.22 -7.90 -24.46
CA TRP A 433 25.04 -8.50 -23.12
C TRP A 433 25.30 -7.45 -22.07
N PHE A 434 26.38 -6.68 -22.21
CA PHE A 434 26.63 -5.58 -21.28
C PHE A 434 25.48 -4.65 -21.24
N LYS A 435 25.01 -4.19 -22.41
CA LYS A 435 23.86 -3.29 -22.48
C LYS A 435 22.63 -3.89 -21.81
N LEU A 436 22.30 -5.13 -22.09
CA LEU A 436 21.14 -5.82 -21.49
C LEU A 436 21.24 -5.77 -20.00
N LEU A 437 22.38 -6.07 -19.38
CA LEU A 437 22.50 -6.13 -17.92
C LEU A 437 22.52 -4.80 -17.28
N HIS A 438 22.89 -3.76 -17.98
CA HIS A 438 23.18 -2.46 -17.34
C HIS A 438 22.25 -1.36 -17.87
N ARG A 439 21.30 -1.70 -18.71
CA ARG A 439 20.41 -0.71 -19.40
C ARG A 439 19.68 0.19 -18.39
N ASP A 440 19.31 -0.32 -17.26
CA ASP A 440 18.48 0.39 -16.28
C ASP A 440 19.26 0.75 -15.07
N LEU A 441 20.60 0.76 -15.09
CA LEU A 441 21.46 1.12 -14.00
C LEU A 441 21.63 2.62 -13.87
N GLY A 442 21.39 3.33 -14.90
CA GLY A 442 21.57 4.78 -14.80
C GLY A 442 22.94 5.22 -15.25
N PRO A 443 23.29 6.45 -14.84
CA PRO A 443 24.53 7.00 -15.18
C PRO A 443 25.72 6.20 -14.71
N THR A 444 26.88 6.36 -15.34
CA THR A 444 28.04 5.58 -14.93
CA THR A 444 28.09 5.72 -15.03
C THR A 444 28.55 5.89 -13.56
N THR A 445 28.18 7.01 -12.99
CA THR A 445 28.49 7.29 -11.60
C THR A 445 27.78 6.30 -10.63
N ARG A 446 26.79 5.56 -11.06
CA ARG A 446 26.14 4.54 -10.22
C ARG A 446 26.88 3.24 -10.23
N TYR A 447 27.72 2.98 -11.25
CA TYR A 447 28.29 1.69 -11.48
C TYR A 447 29.37 1.42 -10.50
N LEU A 448 29.36 0.28 -9.77
CA LEU A 448 30.27 -0.03 -8.76
C LEU A 448 31.09 -1.29 -9.05
N GLY A 449 32.25 -1.35 -8.44
CA GLY A 449 33.10 -2.51 -8.51
C GLY A 449 34.38 -2.30 -9.37
N PRO A 450 35.18 -3.33 -9.45
CA PRO A 450 36.53 -3.17 -9.99
C PRO A 450 36.60 -3.44 -11.46
N GLU A 451 35.53 -3.81 -12.13
CA GLU A 451 35.57 -4.11 -13.57
C GLU A 451 34.49 -3.48 -14.39
N VAL A 452 34.26 -2.22 -14.11
CA VAL A 452 33.36 -1.47 -14.90
C VAL A 452 34.05 -1.21 -16.27
N PRO A 453 33.38 -1.46 -17.40
CA PRO A 453 34.03 -1.21 -18.72
C PRO A 453 34.36 0.24 -18.83
N LYS A 454 35.53 0.47 -19.41
CA LYS A 454 36.01 1.86 -19.61
C LYS A 454 35.25 2.55 -20.78
N GLU A 455 34.81 1.79 -21.77
CA GLU A 455 34.16 2.40 -22.92
C GLU A 455 32.80 3.00 -22.47
N SER A 456 32.50 4.22 -22.86
CA SER A 456 31.17 4.74 -22.68
C SER A 456 30.33 4.42 -23.86
N PHE A 457 29.04 4.20 -23.65
CA PHE A 457 28.07 3.82 -24.64
C PHE A 457 26.85 4.77 -24.61
N ILE A 458 26.29 4.96 -25.76
CA ILE A 458 25.26 5.98 -25.93
C ILE A 458 24.09 5.69 -25.01
N TRP A 459 23.70 4.45 -24.78
CA TRP A 459 22.59 4.11 -23.97
C TRP A 459 22.78 4.40 -22.52
N GLN A 460 24.00 4.72 -22.06
CA GLN A 460 24.27 5.13 -20.72
C GLN A 460 24.01 6.66 -20.54
N ASP A 461 23.56 7.33 -21.61
CA ASP A 461 23.32 8.82 -21.59
C ASP A 461 24.55 9.48 -20.98
N PRO A 462 25.71 9.29 -21.54
CA PRO A 462 26.94 9.75 -20.99
C PRO A 462 26.99 11.25 -20.72
N LEU A 463 27.82 11.63 -19.74
CA LEU A 463 28.12 12.97 -19.37
C LEU A 463 29.61 13.23 -19.40
N PRO A 464 30.04 14.39 -19.79
CA PRO A 464 31.46 14.78 -19.76
C PRO A 464 31.95 15.08 -18.38
N ALA A 465 33.26 15.10 -18.26
CA ALA A 465 33.89 15.72 -17.04
C ALA A 465 33.54 17.19 -17.03
N ARG A 466 33.49 17.83 -15.84
CA ARG A 466 33.25 19.22 -15.68
C ARG A 466 34.28 20.26 -16.27
N GLU A 467 33.83 21.48 -16.63
CA GLU A 467 34.73 22.53 -17.17
C GLU A 467 35.04 23.28 -15.89
N GLY A 468 36.22 23.26 -15.33
CA GLY A 468 36.54 24.18 -14.25
C GLY A 468 36.25 23.79 -12.84
N ASP A 469 36.68 24.67 -11.96
CA ASP A 469 36.50 24.42 -10.54
C ASP A 469 35.01 24.65 -10.13
N LEU A 470 34.59 23.97 -9.07
CA LEU A 470 33.22 24.02 -8.57
C LEU A 470 32.95 25.37 -7.90
N ILE A 471 31.82 25.96 -8.25
CA ILE A 471 31.35 27.17 -7.61
C ILE A 471 31.07 26.94 -6.11
N ASP A 472 31.29 27.99 -5.36
CA ASP A 472 31.10 27.91 -3.89
C ASP A 472 29.85 28.69 -3.52
N ASP A 473 29.54 28.78 -2.21
CA ASP A 473 28.30 29.37 -1.76
C ASP A 473 28.23 30.82 -2.13
N ALA A 474 29.32 31.59 -2.02
CA ALA A 474 29.34 32.97 -2.38
C ALA A 474 29.04 33.15 -3.89
N ASP A 475 29.54 32.21 -4.72
CA ASP A 475 29.24 32.26 -6.14
C ASP A 475 27.75 31.91 -6.39
N VAL A 476 27.22 30.98 -5.70
CA VAL A 476 25.79 30.63 -5.79
C VAL A 476 24.98 31.87 -5.43
N ASP A 477 25.31 32.61 -4.39
CA ASP A 477 24.48 33.75 -4.01
C ASP A 477 24.55 34.81 -5.06
N LYS A 478 25.71 35.14 -5.65
CA LYS A 478 25.88 36.12 -6.70
C LYS A 478 25.13 35.67 -7.98
N LEU A 479 25.22 34.41 -8.35
CA LEU A 479 24.54 33.94 -9.56
C LEU A 479 23.03 34.02 -9.36
N LYS A 480 22.49 33.69 -8.17
CA LYS A 480 21.01 33.85 -8.01
C LYS A 480 20.65 35.29 -8.23
N ALA A 481 21.38 36.24 -7.67
CA ALA A 481 20.96 37.61 -7.84
C ALA A 481 21.06 38.01 -9.29
N ALA A 482 22.10 37.55 -9.98
CA ALA A 482 22.33 37.88 -11.42
C ALA A 482 21.18 37.29 -12.29
N ILE A 483 20.78 36.07 -11.97
CA ILE A 483 19.67 35.43 -12.76
C ILE A 483 18.38 36.28 -12.54
N LEU A 484 18.08 36.63 -11.32
CA LEU A 484 16.78 37.32 -11.07
C LEU A 484 16.77 38.69 -11.61
N SER A 485 17.92 39.32 -11.86
CA SER A 485 17.94 40.67 -12.40
C SER A 485 18.16 40.61 -13.89
N THR A 486 18.11 39.46 -14.56
CA THR A 486 18.36 39.37 -15.99
C THR A 486 17.06 39.60 -16.75
N ASP A 487 17.09 40.40 -17.80
CA ASP A 487 15.95 40.65 -18.66
C ASP A 487 15.46 39.39 -19.31
N GLY A 488 14.17 39.21 -19.20
CA GLY A 488 13.49 38.09 -19.79
C GLY A 488 13.30 36.88 -18.87
N LEU A 489 13.82 36.99 -17.64
CA LEU A 489 13.71 35.93 -16.69
C LEU A 489 12.83 36.48 -15.57
N ASP A 490 11.91 35.69 -15.14
CA ASP A 490 11.02 35.96 -14.03
C ASP A 490 10.73 34.66 -13.29
N VAL A 491 10.09 34.75 -12.10
CA VAL A 491 9.83 33.66 -11.26
C VAL A 491 9.10 32.57 -11.97
N SER A 492 8.02 32.88 -12.71
CA SER A 492 7.21 31.87 -13.40
C SER A 492 8.00 31.09 -14.41
N LYS A 493 8.78 31.79 -15.27
CA LYS A 493 9.51 31.13 -16.32
C LYS A 493 10.60 30.33 -15.75
N LEU A 494 11.31 30.79 -14.76
CA LEU A 494 12.40 30.06 -14.15
C LEU A 494 12.00 28.80 -13.49
N ALA A 495 10.91 28.86 -12.71
CA ALA A 495 10.40 27.68 -12.08
C ALA A 495 9.84 26.69 -13.09
N SER A 496 9.17 27.18 -14.10
CA SER A 496 8.63 26.31 -15.11
C SER A 496 9.76 25.55 -15.83
N THR A 497 10.81 26.26 -16.23
CA THR A 497 11.91 25.67 -16.99
C THR A 497 12.59 24.61 -16.18
N ALA A 498 12.88 24.91 -14.90
CA ALA A 498 13.60 23.93 -14.06
C ALA A 498 12.78 22.66 -13.89
N MET A 499 11.48 22.78 -13.69
CA MET A 499 10.64 21.61 -13.52
C MET A 499 10.52 20.83 -14.80
N ALA A 500 10.47 21.53 -15.95
CA ALA A 500 10.41 20.84 -17.26
C ALA A 500 11.63 19.97 -17.41
N CYS A 501 12.81 20.46 -16.99
CA CYS A 501 14.06 19.72 -17.14
CA CYS A 501 14.03 19.61 -17.05
CA CYS A 501 14.01 19.69 -17.15
C CYS A 501 14.03 18.56 -16.10
N ALA A 502 13.57 18.75 -14.90
CA ALA A 502 13.68 17.77 -13.84
C ALA A 502 12.79 16.64 -14.02
N THR A 503 11.56 16.82 -14.49
CA THR A 503 10.59 15.77 -14.53
C THR A 503 10.81 14.78 -15.65
N THR A 504 11.83 14.93 -16.48
CA THR A 504 12.19 13.86 -17.33
C THR A 504 12.77 12.69 -16.58
N TYR A 505 13.19 12.86 -15.35
CA TYR A 505 13.69 11.72 -14.57
C TYR A 505 12.67 10.62 -14.38
N ARG A 506 13.12 9.40 -14.45
CA ARG A 506 12.32 8.26 -14.11
C ARG A 506 13.09 7.25 -13.33
N ASN A 507 12.63 6.87 -12.14
CA ASN A 507 13.36 6.04 -11.24
C ASN A 507 13.50 4.63 -11.76
N SER A 508 12.64 4.18 -12.60
CA SER A 508 12.69 2.78 -13.02
C SER A 508 13.99 2.52 -13.68
N ASP A 509 14.48 3.31 -14.59
CA ASP A 509 15.72 3.05 -15.28
C ASP A 509 16.75 4.14 -15.05
N LYS A 510 16.46 5.05 -14.11
CA LYS A 510 17.42 6.08 -13.64
C LYS A 510 17.81 6.97 -14.76
N ARG A 511 17.00 7.18 -15.76
CA ARG A 511 17.24 8.07 -16.88
C ARG A 511 16.62 9.45 -16.64
N GLY A 512 17.10 10.47 -17.29
CA GLY A 512 16.51 11.79 -17.22
C GLY A 512 16.99 12.59 -16.04
N GLY A 513 16.38 13.78 -15.90
CA GLY A 513 16.72 14.75 -14.86
C GLY A 513 17.48 15.91 -15.44
N CYS A 514 17.95 16.78 -14.54
CA CYS A 514 18.56 18.03 -14.89
C CYS A 514 19.99 17.97 -15.23
N ASN A 515 20.73 16.97 -14.72
CA ASN A 515 22.11 16.93 -15.08
C ASN A 515 22.25 16.74 -16.55
N GLY A 516 23.21 17.41 -17.14
CA GLY A 516 23.37 17.40 -18.61
C GLY A 516 22.76 18.56 -19.33
N ALA A 517 21.81 19.26 -18.72
CA ALA A 517 21.16 20.40 -19.48
C ALA A 517 20.59 19.89 -20.82
N ARG A 518 20.00 18.71 -20.82
CA ARG A 518 19.50 18.14 -22.05
C ARG A 518 18.25 18.84 -22.55
N ILE A 519 17.64 19.67 -21.76
CA ILE A 519 16.55 20.50 -22.25
C ILE A 519 17.00 21.43 -23.31
N ALA A 520 18.34 21.81 -23.36
CA ALA A 520 18.89 22.64 -24.34
C ALA A 520 19.23 21.96 -25.69
N LEU A 521 19.17 20.67 -25.66
CA LEU A 521 19.57 19.81 -26.81
C LEU A 521 18.32 19.28 -27.49
N GLU A 522 18.50 18.72 -28.71
CA GLU A 522 17.45 17.91 -29.33
C GLU A 522 17.36 16.62 -28.55
N PRO A 523 16.14 16.04 -28.37
CA PRO A 523 14.86 16.57 -28.90
C PRO A 523 14.15 17.52 -27.93
N GLN A 524 14.62 17.64 -26.65
CA GLN A 524 13.86 18.38 -25.67
C GLN A 524 13.67 19.79 -25.96
N ARG A 525 14.61 20.48 -26.63
CA ARG A 525 14.45 21.87 -26.92
C ARG A 525 13.30 22.21 -27.86
N ASN A 526 12.84 21.14 -28.60
CA ASN A 526 11.72 21.29 -29.53
C ASN A 526 10.48 20.62 -29.01
N TRP A 527 10.46 20.04 -27.83
CA TRP A 527 9.21 19.43 -27.32
C TRP A 527 8.23 20.53 -27.20
N VAL A 528 6.99 20.30 -27.74
CA VAL A 528 6.00 21.29 -27.64
C VAL A 528 5.57 21.58 -26.21
N SER A 529 5.68 20.56 -25.37
CA SER A 529 5.44 20.71 -23.92
C SER A 529 6.46 21.59 -23.26
N ASN A 530 7.59 21.95 -23.90
CA ASN A 530 8.54 22.91 -23.34
C ASN A 530 8.36 24.26 -23.87
N ASN A 531 7.38 24.56 -24.75
CA ASN A 531 7.18 25.89 -25.33
C ASN A 531 8.47 26.42 -25.90
N PRO A 532 8.86 25.82 -27.07
CA PRO A 532 10.23 26.09 -27.59
C PRO A 532 10.63 27.50 -27.76
N THR A 533 9.76 28.36 -28.19
CA THR A 533 10.12 29.77 -28.36
C THR A 533 10.45 30.43 -27.02
N GLN A 534 9.66 30.19 -26.01
CA GLN A 534 9.93 30.70 -24.68
C GLN A 534 11.22 30.06 -24.15
N LEU A 535 11.37 28.75 -24.31
CA LEU A 535 12.56 28.08 -23.74
C LEU A 535 13.81 28.65 -24.36
N SER A 536 13.82 28.94 -25.63
CA SER A 536 14.97 29.48 -26.30
C SER A 536 15.41 30.82 -25.66
N ALA A 537 14.45 31.66 -25.37
CA ALA A 537 14.74 32.96 -24.79
C ALA A 537 15.23 32.78 -23.33
N VAL A 538 14.70 31.88 -22.56
CA VAL A 538 15.15 31.60 -21.24
C VAL A 538 16.56 31.11 -21.28
N LEU A 539 16.85 30.12 -22.08
CA LEU A 539 18.22 29.61 -22.20
C LEU A 539 19.16 30.64 -22.68
N ASP A 540 18.83 31.48 -23.62
CA ASP A 540 19.75 32.50 -24.05
C ASP A 540 20.09 33.47 -22.93
N ALA A 541 19.11 33.79 -22.07
CA ALA A 541 19.35 34.68 -20.96
C ALA A 541 20.26 33.94 -19.90
N LEU A 542 20.05 32.70 -19.58
CA LEU A 542 20.97 31.95 -18.74
C LEU A 542 22.33 31.84 -19.31
N LYS A 543 22.44 31.71 -20.64
CA LYS A 543 23.79 31.64 -21.25
C LYS A 543 24.50 32.97 -21.14
N LYS A 544 23.80 34.07 -21.04
CA LYS A 544 24.46 35.38 -20.79
C LYS A 544 24.98 35.42 -19.36
N VAL A 545 24.19 34.96 -18.38
CA VAL A 545 24.65 34.84 -17.01
C VAL A 545 25.93 33.96 -17.01
N GLN A 546 25.92 32.87 -17.70
CA GLN A 546 27.06 31.97 -17.77
C GLN A 546 28.29 32.59 -18.29
N SER A 547 28.14 33.34 -19.39
CA SER A 547 29.25 34.02 -20.07
CA SER A 547 29.33 33.89 -20.02
C SER A 547 29.81 35.05 -19.18
N ASP A 548 28.99 35.77 -18.45
CA ASP A 548 29.49 36.83 -17.51
C ASP A 548 30.29 36.26 -16.34
N PHE A 549 29.91 35.13 -15.84
CA PHE A 549 30.55 34.41 -14.72
C PHE A 549 31.84 33.73 -15.17
N ASN A 550 31.76 32.99 -16.23
CA ASN A 550 32.90 32.17 -16.67
C ASN A 550 33.98 32.92 -17.34
N GLY A 551 35.17 32.84 -16.82
CA GLY A 551 36.26 33.76 -17.19
C GLY A 551 36.43 34.96 -16.25
N SER A 552 35.46 35.40 -15.44
CA SER A 552 35.61 36.42 -14.40
C SER A 552 35.69 35.91 -12.94
N ASN A 553 35.82 34.64 -12.77
CA ASN A 553 35.90 34.02 -11.46
C ASN A 553 37.05 33.03 -11.32
N GLY A 554 38.15 33.44 -11.92
CA GLY A 554 39.31 32.56 -11.86
C GLY A 554 39.09 31.28 -12.55
N ASN A 555 39.41 30.14 -11.89
CA ASN A 555 39.20 28.85 -12.48
C ASN A 555 37.80 28.27 -12.28
N LYS A 556 36.94 28.96 -11.48
CA LYS A 556 35.61 28.51 -11.28
C LYS A 556 34.73 28.75 -12.51
N LYS A 557 33.98 27.74 -12.87
CA LYS A 557 33.09 27.83 -14.01
C LYS A 557 31.79 27.17 -13.64
N VAL A 558 30.72 27.73 -14.13
CA VAL A 558 29.35 27.24 -13.94
C VAL A 558 28.74 26.64 -15.22
N SER A 559 28.08 25.56 -15.13
CA SER A 559 27.46 24.89 -16.28
C SER A 559 26.04 25.49 -16.50
N LEU A 560 25.52 25.35 -17.74
CA LEU A 560 24.12 25.71 -17.97
C LEU A 560 23.19 24.85 -17.20
N ALA A 561 23.51 23.58 -16.95
CA ALA A 561 22.67 22.70 -16.18
C ALA A 561 22.50 23.26 -14.75
N ASP A 562 23.58 23.67 -14.12
CA ASP A 562 23.45 24.24 -12.81
C ASP A 562 22.69 25.51 -12.92
N LEU A 563 22.86 26.37 -13.89
CA LEU A 563 22.11 27.64 -13.95
C LEU A 563 20.61 27.41 -14.16
N ILE A 564 20.20 26.41 -14.88
CA ILE A 564 18.77 26.12 -15.01
C ILE A 564 18.22 25.78 -13.64
N VAL A 565 18.85 24.89 -12.90
CA VAL A 565 18.36 24.48 -11.61
C VAL A 565 18.50 25.62 -10.65
N LEU A 566 19.60 26.36 -10.65
CA LEU A 566 19.78 27.51 -9.71
C LEU A 566 18.77 28.56 -10.03
N GLY A 567 18.40 28.83 -11.25
CA GLY A 567 17.42 29.83 -11.60
C GLY A 567 16.07 29.40 -11.02
N GLY A 568 15.65 28.17 -11.11
CA GLY A 568 14.40 27.77 -10.48
C GLY A 568 14.53 27.83 -9.03
N THR A 569 15.61 27.53 -8.39
CA THR A 569 15.82 27.58 -7.03
C THR A 569 15.70 28.97 -6.54
N ALA A 570 16.34 29.94 -7.20
CA ALA A 570 16.32 31.33 -6.88
C ALA A 570 14.90 31.85 -6.97
N ALA A 571 14.18 31.40 -7.96
CA ALA A 571 12.75 31.81 -8.17
C ALA A 571 11.91 31.30 -6.99
N VAL A 572 12.09 30.11 -6.53
CA VAL A 572 11.33 29.58 -5.44
C VAL A 572 11.66 30.37 -4.20
N GLU A 573 12.91 30.68 -3.92
CA GLU A 573 13.34 31.44 -2.77
C GLU A 573 12.69 32.78 -2.78
N LYS A 574 12.71 33.48 -3.93
CA LYS A 574 12.14 34.83 -4.11
C LYS A 574 10.61 34.74 -3.92
N ALA A 575 9.99 33.71 -4.49
CA ALA A 575 8.53 33.57 -4.34
C ALA A 575 8.18 33.36 -2.89
N ALA A 576 8.95 32.65 -2.10
CA ALA A 576 8.68 32.47 -0.68
C ALA A 576 8.86 33.79 -0.01
N LYS A 577 9.95 34.56 -0.27
CA LYS A 577 10.18 35.84 0.38
C LYS A 577 9.01 36.79 0.05
N ASP A 578 8.53 36.74 -1.18
CA ASP A 578 7.46 37.62 -1.60
C ASP A 578 6.11 37.16 -0.98
N ALA A 579 6.04 36.00 -0.39
CA ALA A 579 4.86 35.53 0.41
C ALA A 579 5.15 35.72 1.88
N GLY A 580 6.17 36.44 2.30
CA GLY A 580 6.43 36.68 3.70
C GLY A 580 7.22 35.68 4.43
N VAL A 581 7.90 34.80 3.73
CA VAL A 581 8.63 33.70 4.38
C VAL A 581 10.12 33.75 3.94
N ASP A 582 11.03 33.96 4.81
CA ASP A 582 12.48 33.89 4.54
C ASP A 582 12.86 32.42 4.79
N ILE A 583 13.15 31.68 3.72
CA ILE A 583 13.59 30.26 3.83
C ILE A 583 14.78 30.06 2.94
N LYS A 584 15.67 29.19 3.41
CA LYS A 584 16.83 28.71 2.57
C LYS A 584 16.39 27.66 1.62
N VAL A 585 16.62 27.92 0.32
CA VAL A 585 16.28 26.96 -0.61
C VAL A 585 17.59 26.24 -1.05
N PRO A 586 17.85 25.04 -0.59
CA PRO A 586 19.15 24.44 -0.76
C PRO A 586 19.49 24.29 -2.26
N PHE A 587 20.74 24.45 -2.61
CA PHE A 587 21.19 24.14 -4.00
C PHE A 587 22.47 23.33 -3.90
N SER A 588 22.52 22.33 -4.74
CA SER A 588 23.70 21.44 -4.86
C SER A 588 24.29 21.69 -6.27
N ALA A 589 25.47 22.27 -6.30
CA ALA A 589 26.21 22.57 -7.53
C ALA A 589 26.83 21.26 -8.06
N GLY A 590 27.33 21.38 -9.28
CA GLY A 590 28.18 20.35 -9.89
C GLY A 590 27.63 19.66 -11.10
N ARG A 591 26.45 19.96 -11.60
CA ARG A 591 25.98 19.38 -12.85
C ARG A 591 26.90 19.87 -13.96
N VAL A 592 26.89 18.99 -15.01
CA VAL A 592 27.64 19.29 -16.25
C VAL A 592 26.67 19.39 -17.42
N ASP A 593 27.20 19.80 -18.57
CA ASP A 593 26.42 20.02 -19.78
C ASP A 593 26.75 18.88 -20.77
N ALA A 594 25.79 18.09 -21.14
CA ALA A 594 25.92 17.08 -22.16
C ALA A 594 26.13 17.73 -23.52
N THR A 595 26.70 16.91 -24.41
CA THR A 595 26.73 17.23 -25.85
C THR A 595 25.59 16.52 -26.62
N GLN A 596 25.31 17.07 -27.79
CA GLN A 596 24.29 16.43 -28.62
C GLN A 596 24.72 15.01 -29.00
N GLU A 597 26.02 14.77 -29.17
CA GLU A 597 26.50 13.43 -29.47
C GLU A 597 26.29 12.45 -28.38
N GLN A 598 26.18 12.90 -27.16
CA GLN A 598 25.85 12.08 -26.01
C GLN A 598 24.35 11.95 -25.75
N THR A 599 23.53 12.52 -26.63
CA THR A 599 22.11 12.64 -26.37
C THR A 599 21.36 12.09 -27.62
N ASP A 600 20.97 10.85 -27.47
CA ASP A 600 20.35 10.14 -28.59
C ASP A 600 18.86 10.47 -28.75
N VAL A 601 18.48 10.98 -29.91
CA VAL A 601 17.10 11.42 -30.15
C VAL A 601 16.08 10.37 -29.88
N THR A 602 16.29 9.10 -30.36
CA THR A 602 15.29 8.10 -30.09
C THR A 602 15.08 7.83 -28.65
N GLN A 603 16.20 7.66 -27.92
CA GLN A 603 16.19 7.34 -26.49
CA GLN A 603 15.87 7.25 -26.53
C GLN A 603 15.46 8.43 -25.68
N PHE A 604 15.78 9.66 -26.03
CA PHE A 604 15.16 10.83 -25.32
C PHE A 604 13.74 11.05 -25.71
N SER A 605 13.30 10.64 -26.92
CA SER A 605 11.91 10.75 -27.30
CA SER A 605 11.92 10.79 -27.29
C SER A 605 11.02 9.99 -26.36
N TYR A 606 11.53 8.93 -25.77
CA TYR A 606 10.78 8.12 -24.84
C TYR A 606 10.47 8.82 -23.56
N LEU A 607 11.12 9.94 -23.25
CA LEU A 607 10.91 10.74 -22.04
C LEU A 607 9.94 11.85 -22.28
N GLU A 608 9.46 12.09 -23.51
CA GLU A 608 8.61 13.22 -23.85
C GLU A 608 7.24 12.98 -23.24
N PRO A 609 6.73 13.88 -22.38
CA PRO A 609 5.40 13.69 -21.83
C PRO A 609 4.30 14.00 -22.76
N GLN A 610 3.18 13.23 -22.67
CA GLN A 610 1.97 13.51 -23.38
CA GLN A 610 1.96 13.63 -23.42
C GLN A 610 1.00 14.43 -22.59
N ALA A 611 1.21 14.47 -21.27
CA ALA A 611 0.52 15.34 -20.40
C ALA A 611 1.50 15.59 -19.26
N ASP A 612 1.40 16.79 -18.70
CA ASP A 612 2.27 17.18 -17.54
C ASP A 612 1.44 17.99 -16.58
N GLY A 613 1.11 17.39 -15.43
CA GLY A 613 0.30 18.05 -14.46
C GLY A 613 0.99 19.11 -13.64
N PHE A 614 2.30 19.12 -13.58
CA PHE A 614 3.02 20.18 -12.87
C PHE A 614 2.97 21.50 -13.59
N ARG A 615 2.85 21.45 -14.92
CA ARG A 615 2.88 22.59 -15.79
C ARG A 615 1.64 22.73 -16.66
N ASN A 616 0.56 21.99 -16.36
CA ASN A 616 -0.71 22.03 -17.03
C ASN A 616 -0.57 21.97 -18.55
N TYR A 617 0.11 20.94 -19.01
CA TYR A 617 0.26 20.62 -20.42
C TYR A 617 -0.54 19.37 -20.82
N GLY A 618 -1.18 19.39 -21.94
CA GLY A 618 -1.59 18.18 -22.61
C GLY A 618 -2.82 17.56 -21.93
N ARG A 619 -2.94 16.27 -22.18
CA ARG A 619 -4.18 15.56 -21.81
CA ARG A 619 -4.16 15.51 -21.69
C ARG A 619 -3.85 14.07 -21.92
N GLY A 620 -4.66 13.33 -21.24
CA GLY A 620 -4.71 11.89 -21.35
C GLY A 620 -5.54 11.37 -22.53
N THR A 621 -5.79 10.08 -22.51
CA THR A 621 -6.54 9.36 -23.55
C THR A 621 -7.50 8.44 -22.83
N ALA A 622 -8.29 7.73 -23.58
CA ALA A 622 -9.27 6.78 -22.96
C ALA A 622 -8.62 5.87 -21.90
N ARG A 623 -7.47 5.30 -22.29
CA ARG A 623 -6.92 4.35 -21.35
C ARG A 623 -5.92 4.88 -20.42
N ALA A 624 -5.67 6.17 -20.46
CA ALA A 624 -5.11 6.73 -19.26
C ALA A 624 -5.43 8.19 -19.16
N ARG A 625 -6.16 8.48 -18.14
CA ARG A 625 -6.67 9.77 -17.91
C ARG A 625 -5.52 10.72 -17.48
N THR A 626 -5.75 12.01 -17.73
CA THR A 626 -4.80 13.07 -17.38
C THR A 626 -4.23 12.87 -15.96
N GLU A 627 -5.14 12.65 -15.01
CA GLU A 627 -4.68 12.52 -13.59
C GLU A 627 -3.99 11.23 -13.30
N GLU A 628 -4.27 10.17 -14.08
CA GLU A 628 -3.56 8.92 -13.97
C GLU A 628 -2.13 9.06 -14.48
N ILE A 629 -1.95 9.81 -15.60
CA ILE A 629 -0.63 10.08 -16.09
C ILE A 629 0.19 10.83 -15.04
N MET A 630 -0.43 11.81 -14.41
CA MET A 630 0.23 12.55 -13.33
C MET A 630 0.68 11.69 -12.17
N VAL A 631 -0.19 10.81 -11.73
CA VAL A 631 0.21 9.89 -10.64
C VAL A 631 1.32 8.94 -11.09
N ASP A 632 1.26 8.49 -12.34
CA ASP A 632 2.31 7.61 -12.83
C ASP A 632 3.64 8.37 -12.85
N LYS A 633 3.63 9.58 -13.33
CA LYS A 633 4.83 10.41 -13.35
C LYS A 633 5.38 10.61 -11.94
N ALA A 634 4.46 10.94 -11.01
CA ALA A 634 4.89 11.09 -9.63
C ALA A 634 5.54 9.84 -9.04
N SER A 635 5.06 8.66 -9.43
CA SER A 635 5.71 7.41 -8.97
C SER A 635 7.12 7.33 -9.50
N GLN A 636 7.33 7.74 -10.74
CA GLN A 636 8.67 7.72 -11.33
C GLN A 636 9.60 8.75 -10.74
N LEU A 637 9.04 9.78 -10.12
CA LEU A 637 9.80 10.76 -9.37
C LEU A 637 9.96 10.40 -7.90
N THR A 638 9.43 9.26 -7.48
CA THR A 638 9.44 8.77 -6.10
C THR A 638 8.67 9.67 -5.18
N LEU A 639 7.72 10.41 -5.67
CA LEU A 639 6.91 11.29 -4.80
C LEU A 639 5.84 10.56 -4.00
N THR A 640 5.67 10.96 -2.79
CA THR A 640 4.55 10.55 -1.97
C THR A 640 3.30 11.33 -2.36
N PRO A 641 2.13 10.99 -1.89
CA PRO A 641 0.95 11.82 -2.18
C PRO A 641 1.07 13.29 -1.68
N PRO A 642 1.59 13.47 -0.46
CA PRO A 642 1.74 14.87 -0.01
C PRO A 642 2.73 15.62 -0.86
N GLU A 643 3.79 15.02 -1.33
CA GLU A 643 4.80 15.76 -2.12
C GLU A 643 4.23 16.07 -3.47
N LEU A 644 3.52 15.14 -4.12
CA LEU A 644 2.85 15.47 -5.37
C LEU A 644 1.94 16.65 -5.24
N THR A 645 1.13 16.61 -4.19
CA THR A 645 0.08 17.60 -4.00
C THR A 645 0.70 18.99 -3.74
N VAL A 646 1.71 19.09 -2.86
CA VAL A 646 2.32 20.40 -2.56
C VAL A 646 2.98 20.96 -3.79
N LEU A 647 3.61 20.09 -4.60
CA LEU A 647 4.27 20.59 -5.82
C LEU A 647 3.32 21.17 -6.78
N VAL A 648 2.22 20.48 -7.11
CA VAL A 648 1.24 20.98 -8.04
C VAL A 648 0.74 22.34 -7.53
N GLY A 649 0.30 22.42 -6.28
CA GLY A 649 -0.29 23.64 -5.82
C GLY A 649 0.70 24.78 -5.82
N GLY A 650 1.96 24.50 -5.48
CA GLY A 650 3.00 25.56 -5.54
C GLY A 650 3.26 25.99 -6.94
N MET A 651 3.35 25.09 -7.91
CA MET A 651 3.56 25.43 -9.27
C MET A 651 2.46 26.32 -9.79
N ARG A 652 1.21 26.12 -9.43
CA ARG A 652 0.15 27.00 -9.79
C ARG A 652 0.30 28.37 -9.20
N ALA A 653 0.65 28.45 -7.94
CA ALA A 653 0.88 29.71 -7.26
C ALA A 653 2.01 30.47 -7.95
N LEU A 654 2.98 29.80 -8.44
CA LEU A 654 4.11 30.42 -9.13
C LEU A 654 3.77 30.84 -10.53
N GLY A 655 2.62 30.44 -11.05
CA GLY A 655 2.28 30.72 -12.44
C GLY A 655 3.17 29.95 -13.40
N ALA A 656 3.56 28.75 -13.08
CA ALA A 656 4.58 27.97 -13.80
C ALA A 656 4.02 27.07 -14.88
N ASN A 657 2.89 27.38 -15.49
CA ASN A 657 2.39 26.59 -16.61
C ASN A 657 3.34 26.69 -17.81
N TYR A 658 3.29 25.66 -18.63
CA TYR A 658 4.27 25.59 -19.73
C TYR A 658 4.09 26.76 -20.70
N ASP A 659 2.89 27.24 -20.89
CA ASP A 659 2.62 28.35 -21.84
C ASP A 659 2.18 29.60 -21.14
N GLY A 660 2.33 29.68 -19.81
CA GLY A 660 1.94 30.87 -19.07
C GLY A 660 0.43 31.13 -18.93
N SER A 661 -0.37 30.09 -19.19
CA SER A 661 -1.82 30.24 -19.10
C SER A 661 -2.23 30.45 -17.65
N ASP A 662 -3.48 30.85 -17.50
CA ASP A 662 -4.00 30.94 -16.13
CA ASP A 662 -4.14 30.96 -16.21
C ASP A 662 -4.82 29.66 -15.75
N VAL A 663 -4.70 28.56 -16.48
CA VAL A 663 -5.49 27.35 -16.11
C VAL A 663 -4.89 26.79 -14.82
N GLY A 664 -5.74 26.64 -13.82
CA GLY A 664 -5.26 26.24 -12.51
C GLY A 664 -4.65 27.29 -11.64
N VAL A 665 -4.46 28.50 -12.15
CA VAL A 665 -3.74 29.55 -11.44
C VAL A 665 -4.75 30.30 -10.63
N PHE A 666 -5.15 29.64 -9.53
CA PHE A 666 -6.26 30.12 -8.71
C PHE A 666 -5.68 31.06 -7.61
N THR A 667 -5.18 32.19 -8.02
CA THR A 667 -4.50 33.13 -7.15
C THR A 667 -4.56 34.52 -7.76
N ALA A 668 -4.63 35.51 -6.85
CA ALA A 668 -4.40 36.87 -7.25
C ALA A 668 -3.00 37.31 -6.85
N ASN A 669 -2.15 36.36 -6.42
CA ASN A 669 -0.71 36.64 -5.95
C ASN A 669 0.22 35.68 -6.84
N LYS A 670 0.04 35.65 -8.15
CA LYS A 670 0.88 34.88 -9.08
C LYS A 670 2.35 35.24 -8.93
N GLY A 671 3.16 34.23 -8.70
CA GLY A 671 4.65 34.42 -8.44
C GLY A 671 4.99 34.43 -7.03
N LYS A 672 4.00 34.39 -6.13
CA LYS A 672 4.20 34.36 -4.71
C LYS A 672 3.91 32.97 -4.23
N LEU A 673 4.71 32.39 -3.36
CA LEU A 673 4.54 31.01 -2.96
C LEU A 673 3.59 30.90 -1.78
N THR A 674 2.31 30.71 -2.13
CA THR A 674 1.18 30.65 -1.17
C THR A 674 0.41 29.43 -1.51
N PRO A 675 -0.47 28.99 -0.53
CA PRO A 675 -1.36 27.87 -0.84
C PRO A 675 -2.65 28.34 -1.45
N ASP A 676 -2.73 29.43 -2.15
CA ASP A 676 -3.96 29.97 -2.73
C ASP A 676 -4.59 28.95 -3.67
N PHE A 677 -3.85 28.11 -4.37
CA PHE A 677 -4.49 27.15 -5.25
C PHE A 677 -5.48 26.28 -4.43
N PHE A 678 -5.04 25.81 -3.30
CA PHE A 678 -5.86 24.95 -2.44
C PHE A 678 -6.95 25.72 -1.85
N VAL A 679 -6.74 26.90 -1.32
CA VAL A 679 -7.76 27.67 -0.67
C VAL A 679 -8.88 27.93 -1.66
N ASN A 680 -8.57 28.40 -2.86
CA ASN A 680 -9.58 28.71 -3.84
C ASN A 680 -10.24 27.45 -4.44
N LEU A 681 -9.52 26.39 -4.60
CA LEU A 681 -10.08 25.12 -5.12
C LEU A 681 -11.16 24.68 -4.26
N VAL A 682 -11.03 24.75 -2.94
CA VAL A 682 -12.08 24.19 -2.01
C VAL A 682 -13.05 25.22 -1.55
N ASP A 683 -13.08 26.43 -2.08
CA ASP A 683 -14.05 27.43 -1.74
C ASP A 683 -15.40 27.05 -2.33
N MET A 684 -16.35 26.76 -1.45
CA MET A 684 -17.74 26.39 -1.95
C MET A 684 -18.52 27.39 -2.64
N ASN A 685 -18.06 28.63 -2.64
CA ASN A 685 -18.74 29.61 -3.42
C ASN A 685 -18.38 29.48 -4.91
N ILE A 686 -17.51 28.60 -5.27
CA ILE A 686 -17.21 28.31 -6.68
C ILE A 686 -17.88 27.03 -7.07
N ALA A 687 -18.62 27.00 -8.16
CA ALA A 687 -19.17 25.85 -8.72
C ALA A 687 -18.45 25.46 -9.95
N TRP A 688 -18.06 24.25 -10.15
CA TRP A 688 -17.32 23.79 -11.26
C TRP A 688 -18.13 23.05 -12.29
N THR A 689 -17.96 23.36 -13.56
CA THR A 689 -18.70 22.66 -14.62
C THR A 689 -17.83 22.43 -15.79
N ALA A 690 -18.13 21.39 -16.55
CA ALA A 690 -17.37 21.00 -17.64
C ALA A 690 -17.56 21.93 -18.82
N SER A 691 -16.50 22.27 -19.51
CA SER A 691 -16.57 23.19 -20.66
C SER A 691 -16.52 22.56 -22.03
N GLY A 692 -15.97 21.39 -22.21
CA GLY A 692 -15.98 20.81 -23.58
C GLY A 692 -16.55 19.43 -23.51
N ALA A 693 -16.47 18.64 -24.58
CA ALA A 693 -17.05 17.29 -24.59
C ALA A 693 -16.20 16.22 -23.89
N ASP A 694 -14.89 16.44 -23.88
CA ASP A 694 -13.97 15.41 -23.47
C ASP A 694 -13.61 15.43 -21.98
N GLY A 695 -14.24 16.33 -21.24
CA GLY A 695 -13.98 16.34 -19.79
C GLY A 695 -12.66 16.84 -19.31
N GLU A 696 -11.86 17.49 -20.15
CA GLU A 696 -10.56 17.98 -19.82
C GLU A 696 -10.58 19.34 -19.26
N SER A 697 -11.51 20.21 -19.58
CA SER A 697 -11.53 21.62 -19.16
CA SER A 697 -11.50 21.59 -19.13
C SER A 697 -12.74 21.87 -18.32
N TRP A 698 -12.60 22.71 -17.33
CA TRP A 698 -13.59 22.93 -16.30
C TRP A 698 -13.63 24.46 -16.03
N VAL A 699 -14.77 25.01 -15.84
CA VAL A 699 -14.95 26.40 -15.45
CA VAL A 699 -14.89 26.43 -15.41
C VAL A 699 -15.43 26.52 -14.02
N GLY A 700 -14.85 27.41 -13.23
CA GLY A 700 -15.27 27.73 -11.88
C GLY A 700 -16.06 29.02 -11.92
N THR A 701 -17.31 28.98 -11.49
CA THR A 701 -18.20 30.09 -11.53
C THR A 701 -18.50 30.53 -10.09
N ASP A 702 -18.50 31.81 -9.77
CA ASP A 702 -18.90 32.27 -8.49
C ASP A 702 -20.40 32.15 -8.40
N ARG A 703 -20.92 31.44 -7.38
CA ARG A 703 -22.31 31.07 -7.29
C ARG A 703 -23.17 32.29 -7.09
N LYS A 704 -22.65 33.31 -6.41
CA LYS A 704 -23.47 34.46 -6.06
C LYS A 704 -23.52 35.43 -7.22
N SER A 705 -22.38 35.78 -7.78
CA SER A 705 -22.32 36.73 -8.88
C SER A 705 -22.62 36.16 -10.30
N ARG A 706 -22.50 34.85 -10.44
CA ARG A 706 -22.65 34.11 -11.67
C ARG A 706 -21.57 34.36 -12.66
N SER A 707 -20.49 34.95 -12.23
CA SER A 707 -19.42 35.26 -13.17
C SER A 707 -18.39 34.16 -13.10
N GLU A 708 -17.93 33.79 -14.28
CA GLU A 708 -16.81 32.89 -14.39
C GLU A 708 -15.59 33.51 -13.70
N LYS A 709 -14.93 32.76 -12.82
CA LYS A 709 -13.75 33.20 -12.12
C LYS A 709 -12.50 32.45 -12.53
N TYR A 710 -12.58 31.14 -12.77
CA TYR A 710 -11.42 30.30 -13.00
C TYR A 710 -11.60 29.34 -14.12
N LYS A 711 -10.53 28.90 -14.70
CA LYS A 711 -10.49 27.75 -15.59
C LYS A 711 -9.59 26.74 -14.97
N GLY A 712 -9.96 25.48 -15.01
CA GLY A 712 -9.14 24.39 -14.48
C GLY A 712 -9.00 23.19 -15.39
N SER A 713 -8.04 22.38 -15.22
CA SER A 713 -7.85 21.14 -15.91
C SER A 713 -8.14 19.93 -15.04
N ARG A 714 -8.10 18.73 -15.52
CA ARG A 714 -8.23 17.57 -14.66
C ARG A 714 -7.16 17.46 -13.66
N ALA A 715 -5.93 17.83 -14.01
CA ALA A 715 -4.80 17.83 -13.06
C ALA A 715 -5.02 18.78 -11.95
N ASP A 716 -5.73 19.84 -12.14
CA ASP A 716 -6.09 20.74 -11.09
C ASP A 716 -7.22 20.17 -10.23
N LEU A 717 -8.33 19.77 -10.87
CA LEU A 717 -9.54 19.42 -10.15
C LEU A 717 -9.43 18.03 -9.48
N VAL A 718 -8.54 17.19 -9.85
CA VAL A 718 -8.48 15.90 -9.15
C VAL A 718 -8.17 16.14 -7.66
N PHE A 719 -7.41 17.16 -7.34
CA PHE A 719 -7.07 17.44 -5.96
C PHE A 719 -8.23 17.84 -5.15
N GLY A 720 -9.36 18.25 -5.69
CA GLY A 720 -10.56 18.50 -4.99
C GLY A 720 -11.61 17.42 -5.12
N SER A 721 -11.28 16.36 -5.77
CA SER A 721 -12.26 15.28 -6.04
C SER A 721 -11.83 13.96 -5.37
N HIS A 722 -10.66 13.46 -5.60
CA HIS A 722 -10.18 12.23 -4.97
C HIS A 722 -10.16 12.40 -3.47
N ALA A 723 -10.70 11.51 -2.70
CA ALA A 723 -10.85 11.75 -1.25
C ALA A 723 -9.50 11.81 -0.56
N GLU A 724 -8.53 11.06 -0.93
CA GLU A 724 -7.24 11.03 -0.26
C GLU A 724 -6.43 12.26 -0.67
N LEU A 725 -6.45 12.66 -1.97
CA LEU A 725 -5.78 13.86 -2.38
C LEU A 725 -6.48 15.05 -1.80
N ARG A 726 -7.78 15.12 -1.77
CA ARG A 726 -8.47 16.25 -1.20
C ARG A 726 -8.12 16.45 0.27
N ALA A 727 -7.97 15.34 1.00
CA ALA A 727 -7.59 15.47 2.40
C ALA A 727 -6.24 16.22 2.48
N ILE A 728 -5.33 16.02 1.58
CA ILE A 728 -4.05 16.76 1.58
C ILE A 728 -4.26 18.17 1.17
N ALA A 729 -5.06 18.45 0.15
CA ALA A 729 -5.42 19.77 -0.30
C ALA A 729 -5.93 20.54 0.88
N GLU A 730 -6.83 19.95 1.69
CA GLU A 730 -7.39 20.62 2.82
C GLU A 730 -6.31 21.00 3.85
N VAL A 731 -5.33 20.15 4.08
CA VAL A 731 -4.21 20.52 4.98
C VAL A 731 -3.60 21.88 4.54
N TYR A 732 -3.34 21.94 3.26
CA TYR A 732 -2.67 23.16 2.76
C TYR A 732 -3.60 24.29 2.67
N ALA A 733 -4.89 24.14 2.66
CA ALA A 733 -5.86 25.18 2.65
C ALA A 733 -6.23 25.67 4.07
N GLU A 734 -5.71 25.01 5.11
CA GLU A 734 -6.13 25.34 6.47
C GLU A 734 -5.50 26.63 6.86
N ASN A 735 -6.24 27.49 7.53
CA ASN A 735 -5.75 28.86 7.93
C ASN A 735 -4.58 28.56 8.89
N GLY A 736 -3.35 29.19 8.96
CA GLY A 736 -2.44 28.22 9.99
C GLY A 736 -1.21 27.29 9.51
N ASN A 737 -1.39 26.81 8.28
CA ASN A 737 -0.42 26.00 7.62
C ASN A 737 0.27 26.73 6.49
N GLN A 738 0.35 28.01 6.51
CA GLN A 738 0.94 28.78 5.50
C GLN A 738 2.55 28.61 5.46
N GLU A 739 3.17 28.62 6.59
CA GLU A 739 4.60 28.41 6.73
C GLU A 739 4.92 26.99 6.40
N LYS A 740 4.08 26.05 6.83
CA LYS A 740 4.23 24.69 6.57
C LYS A 740 4.16 24.41 5.05
N PHE A 741 3.27 25.11 4.36
CA PHE A 741 3.15 24.94 2.89
C PHE A 741 4.49 25.30 2.24
N VAL A 742 5.07 26.42 2.61
CA VAL A 742 6.40 26.84 2.04
C VAL A 742 7.42 25.82 2.37
N LYS A 743 7.59 25.37 3.59
CA LYS A 743 8.55 24.41 4.02
C LYS A 743 8.44 23.11 3.22
N ASP A 744 7.20 22.63 3.10
CA ASP A 744 6.96 21.37 2.42
C ASP A 744 7.21 21.50 0.91
N PHE A 745 6.87 22.63 0.29
CA PHE A 745 7.12 22.85 -1.11
C PHE A 745 8.62 22.83 -1.33
N VAL A 746 9.35 23.54 -0.51
CA VAL A 746 10.79 23.65 -0.70
C VAL A 746 11.41 22.29 -0.54
N ALA A 747 10.97 21.44 0.37
CA ALA A 747 11.51 20.11 0.55
C ALA A 747 11.24 19.28 -0.68
N ALA A 748 10.04 19.30 -1.22
CA ALA A 748 9.68 18.52 -2.39
C ALA A 748 10.45 19.06 -3.63
N TRP A 749 10.60 20.36 -3.78
CA TRP A 749 11.37 20.95 -4.88
C TRP A 749 12.80 20.44 -4.85
N THR A 750 13.42 20.48 -3.70
CA THR A 750 14.82 20.03 -3.52
C THR A 750 14.92 18.62 -3.87
N LYS A 751 14.00 17.76 -3.41
CA LYS A 751 14.03 16.33 -3.78
C LYS A 751 13.98 16.18 -5.26
N VAL A 752 13.06 16.80 -5.98
CA VAL A 752 12.91 16.58 -7.38
C VAL A 752 14.14 17.12 -8.13
N MET A 753 14.67 18.26 -7.79
CA MET A 753 15.82 18.80 -8.50
C MET A 753 16.98 17.86 -8.36
N ASN A 754 17.14 17.10 -7.30
CA ASN A 754 18.35 16.35 -7.04
C ASN A 754 18.22 14.89 -7.36
N LEU A 755 17.15 14.41 -8.00
CA LEU A 755 16.96 12.96 -8.20
C LEU A 755 18.09 12.33 -8.94
N ASP A 756 18.62 12.99 -9.92
CA ASP A 756 19.67 12.33 -10.73
C ASP A 756 21.04 12.65 -10.25
N ARG A 757 21.27 13.16 -9.04
CA ARG A 757 22.55 13.54 -8.54
C ARG A 757 23.34 12.41 -7.90
N PHE A 758 23.51 11.37 -8.69
CA PHE A 758 24.25 10.16 -8.25
C PHE A 758 25.68 10.47 -8.05
N ASP A 759 26.17 11.50 -8.69
CA ASP A 759 27.57 11.97 -8.47
C ASP A 759 27.81 12.47 -7.03
N LEU A 760 26.83 12.87 -6.29
CA LEU A 760 26.95 13.34 -4.90
C LEU A 760 26.63 12.17 -3.96
N LYS A 761 27.25 12.13 -2.79
CA LYS A 761 26.93 11.00 -1.85
C LYS A 761 26.12 11.28 -0.54
N VAL A 762 25.39 10.25 -0.06
CA VAL A 762 24.54 10.29 1.16
C VAL A 762 23.09 10.57 0.79
N THR B 28 -19.99 -4.01 -16.49
CA THR B 28 -19.04 -5.17 -16.73
C THR B 28 -18.96 -6.02 -15.45
N THR B 29 -18.04 -6.97 -15.44
CA THR B 29 -17.81 -7.83 -14.33
C THR B 29 -17.68 -7.02 -13.02
N PHE B 30 -18.25 -7.52 -11.92
CA PHE B 30 -18.00 -6.93 -10.64
C PHE B 30 -16.51 -6.71 -10.35
N GLY B 31 -16.20 -5.48 -9.89
CA GLY B 31 -14.87 -5.20 -9.46
C GLY B 31 -13.94 -4.85 -10.61
N ARG B 32 -14.46 -4.74 -11.84
CA ARG B 32 -13.67 -4.39 -13.04
C ARG B 32 -14.22 -3.16 -13.71
N CYS B 33 -13.28 -2.29 -14.12
CA CYS B 33 -13.67 -1.08 -14.84
C CYS B 33 -13.85 -1.41 -16.31
N ALA B 34 -14.89 -0.86 -16.94
CA ALA B 34 -15.11 -1.10 -18.38
C ALA B 34 -13.89 -0.66 -19.28
N VAL B 35 -13.29 0.47 -18.85
CA VAL B 35 -12.06 1.02 -19.47
C VAL B 35 -10.87 0.53 -18.64
N LYS B 36 -9.88 -0.06 -19.28
CA LYS B 36 -8.78 -0.67 -18.59
C LYS B 36 -7.57 0.26 -18.71
N SER B 37 -7.29 0.94 -17.62
CA SER B 37 -6.18 1.96 -17.61
C SER B 37 -4.86 1.26 -17.79
N ASN B 38 -3.96 1.91 -18.43
CA ASN B 38 -2.56 1.48 -18.59
C ASN B 38 -1.55 2.29 -17.78
N GLN B 39 -1.99 3.08 -16.89
CA GLN B 39 -1.17 3.99 -16.03
CA GLN B 39 -1.05 3.86 -16.05
C GLN B 39 -1.43 3.83 -14.62
N ALA B 40 -0.53 4.25 -13.72
CA ALA B 40 -0.81 4.46 -12.34
C ALA B 40 -1.32 3.18 -11.62
N GLY B 41 -0.80 2.05 -12.03
CA GLY B 41 -1.17 0.77 -11.39
C GLY B 41 -2.14 0.04 -12.28
N GLY B 42 -2.68 0.56 -13.32
CA GLY B 42 -3.49 -0.15 -14.34
C GLY B 42 -2.74 -1.34 -14.81
N GLY B 43 -3.48 -2.34 -15.30
CA GLY B 43 -3.03 -3.64 -15.77
C GLY B 43 -3.37 -4.70 -14.74
N THR B 44 -3.26 -5.95 -15.29
CA THR B 44 -3.47 -7.08 -14.36
C THR B 44 -2.41 -7.12 -13.29
N ARG B 45 -2.75 -7.39 -12.08
CA ARG B 45 -1.92 -7.28 -10.94
C ARG B 45 -1.74 -8.64 -10.27
N SER B 46 -0.67 -8.77 -9.51
CA SER B 46 -0.41 -10.07 -8.82
C SER B 46 -1.62 -10.55 -7.99
N HIS B 47 -2.35 -9.69 -7.37
CA HIS B 47 -3.53 -10.14 -6.56
C HIS B 47 -4.58 -10.69 -7.49
N ASP B 48 -4.66 -10.28 -8.76
CA ASP B 48 -5.59 -10.84 -9.73
C ASP B 48 -5.19 -12.22 -10.02
N TRP B 49 -3.91 -12.54 -10.38
CA TRP B 49 -3.48 -13.85 -10.77
C TRP B 49 -3.57 -14.82 -9.53
N TRP B 50 -3.26 -14.36 -8.40
CA TRP B 50 -3.13 -15.31 -7.20
C TRP B 50 -3.87 -14.73 -6.06
N PRO B 51 -5.29 -14.68 -6.17
CA PRO B 51 -6.11 -14.02 -5.20
C PRO B 51 -6.18 -14.63 -3.84
N CYS B 52 -5.75 -15.85 -3.74
CA CYS B 52 -5.74 -16.59 -2.41
C CYS B 52 -4.41 -16.40 -1.65
N GLN B 53 -3.40 -15.83 -2.29
CA GLN B 53 -2.14 -15.65 -1.63
C GLN B 53 -2.29 -14.64 -0.52
N LEU B 54 -1.56 -14.83 0.54
CA LEU B 54 -1.43 -13.89 1.65
C LEU B 54 -1.02 -12.50 1.16
N ARG B 55 -1.67 -11.44 1.62
CA ARG B 55 -1.30 -10.09 1.21
C ARG B 55 -0.86 -9.33 2.43
N LEU B 56 0.23 -8.57 2.31
CA LEU B 56 0.79 -7.75 3.34
C LEU B 56 0.32 -6.29 3.38
N ASP B 57 -0.63 -5.97 2.51
CA ASP B 57 -1.09 -4.59 2.38
C ASP B 57 -1.48 -3.99 3.72
N VAL B 58 -2.14 -4.74 4.60
CA VAL B 58 -2.58 -4.18 5.85
C VAL B 58 -1.45 -3.80 6.77
N LEU B 59 -0.23 -4.22 6.52
CA LEU B 59 0.99 -3.85 7.27
C LEU B 59 1.71 -2.66 6.68
N ARG B 60 1.17 -2.12 5.60
CA ARG B 60 1.79 -1.01 4.87
C ARG B 60 0.90 0.25 4.92
N GLN B 61 -0.19 0.21 5.66
CA GLN B 61 -1.05 1.39 5.82
C GLN B 61 -0.51 2.30 6.87
N PHE B 62 -0.98 3.58 6.75
CA PHE B 62 -0.78 4.56 7.81
C PHE B 62 0.70 4.82 8.05
N GLN B 63 1.51 4.81 7.02
CA GLN B 63 2.94 5.03 7.10
CA GLN B 63 2.90 5.02 7.31
C GLN B 63 3.18 6.51 7.34
N PRO B 64 4.20 6.85 8.06
CA PRO B 64 4.48 8.27 8.28
C PRO B 64 4.73 9.10 7.03
N SER B 65 5.32 8.53 5.96
CA SER B 65 5.53 9.31 4.69
C SER B 65 4.26 9.72 3.99
N GLN B 66 3.21 9.02 4.32
CA GLN B 66 1.88 9.34 3.77
CA GLN B 66 2.01 9.24 3.72
C GLN B 66 1.15 10.37 4.49
N ASN B 67 1.64 10.75 5.69
CA ASN B 67 0.87 11.65 6.51
C ASN B 67 1.32 13.05 6.16
N PRO B 68 0.47 13.93 5.64
CA PRO B 68 0.84 15.21 5.27
C PRO B 68 1.27 16.16 6.39
N LEU B 69 0.90 15.73 7.61
CA LEU B 69 1.25 16.50 8.79
C LEU B 69 2.68 16.26 9.23
N GLY B 70 3.27 15.19 8.73
CA GLY B 70 4.55 14.65 9.12
C GLY B 70 4.53 13.56 10.07
N GLY B 71 5.58 12.70 10.14
CA GLY B 71 5.56 11.60 11.17
C GLY B 71 5.71 12.09 12.61
N ASP B 72 6.29 13.27 12.75
CA ASP B 72 6.64 13.85 14.05
C ASP B 72 5.36 14.46 14.71
N PHE B 73 4.32 14.68 13.88
CA PHE B 73 3.11 15.45 14.35
C PHE B 73 2.45 14.78 15.59
N ASP B 74 2.31 15.70 16.54
CA ASP B 74 1.67 15.29 17.83
C ASP B 74 0.28 15.97 18.00
N TYR B 75 -0.72 15.18 17.71
CA TYR B 75 -2.14 15.70 17.69
C TYR B 75 -2.50 16.15 19.09
N ALA B 76 -2.21 15.37 20.09
CA ALA B 76 -2.58 15.82 21.43
C ALA B 76 -2.03 17.11 21.85
N GLU B 77 -0.81 17.38 21.51
CA GLU B 77 -0.27 18.69 21.81
C GLU B 77 -1.00 19.81 21.06
N ALA B 78 -1.31 19.55 19.80
CA ALA B 78 -2.06 20.55 19.01
C ALA B 78 -3.43 20.77 19.60
N PHE B 79 -4.16 19.78 19.88
CA PHE B 79 -5.51 19.92 20.46
C PHE B 79 -5.53 20.63 21.80
N GLN B 80 -4.58 20.32 22.63
CA GLN B 80 -4.61 20.91 23.95
CA GLN B 80 -4.49 20.96 23.94
C GLN B 80 -4.36 22.46 23.81
N SER B 81 -3.85 23.00 22.69
CA SER B 81 -3.72 24.40 22.43
C SER B 81 -4.97 25.03 21.70
N LEU B 82 -5.88 24.19 21.28
CA LEU B 82 -7.10 24.59 20.61
C LEU B 82 -7.99 25.46 21.55
N ASP B 83 -8.60 26.42 20.96
CA ASP B 83 -9.61 27.25 21.65
C ASP B 83 -10.96 26.47 21.53
N TYR B 84 -11.06 25.48 22.40
CA TYR B 84 -12.16 24.53 22.36
C TYR B 84 -13.53 25.15 22.48
N GLU B 85 -13.69 26.08 23.38
CA GLU B 85 -14.96 26.75 23.56
C GLU B 85 -15.38 27.51 22.34
N ALA B 86 -14.36 28.13 21.64
CA ALA B 86 -14.69 28.85 20.44
C ALA B 86 -15.10 27.97 19.30
N VAL B 87 -14.47 26.80 19.20
CA VAL B 87 -14.91 25.82 18.22
C VAL B 87 -16.42 25.53 18.43
N LYS B 88 -16.78 25.20 19.70
CA LYS B 88 -18.17 24.87 19.94
C LYS B 88 -19.11 26.02 19.58
N LYS B 89 -18.70 27.23 19.91
CA LYS B 89 -19.47 28.40 19.65
C LYS B 89 -19.68 28.54 18.12
N ASP B 90 -18.59 28.26 17.36
CA ASP B 90 -18.75 28.37 15.90
C ASP B 90 -19.59 27.30 15.27
N ILE B 91 -19.54 26.08 15.82
CA ILE B 91 -20.48 25.04 15.39
C ILE B 91 -21.91 25.34 15.64
N ALA B 92 -22.16 25.88 16.85
CA ALA B 92 -23.49 26.25 17.22
C ALA B 92 -24.02 27.34 16.27
N ALA B 93 -23.18 28.34 15.93
CA ALA B 93 -23.65 29.37 15.04
C ALA B 93 -23.91 28.82 13.64
N LEU B 94 -23.07 27.92 13.20
CA LEU B 94 -23.23 27.29 11.86
C LEU B 94 -24.55 26.58 11.72
N MET B 95 -25.04 26.00 12.81
CA MET B 95 -26.26 25.24 12.77
C MET B 95 -27.41 25.99 12.12
N THR B 96 -27.46 27.31 12.30
CA THR B 96 -28.58 28.11 11.86
C THR B 96 -28.10 29.08 10.76
N GLU B 97 -27.03 28.80 10.11
CA GLU B 97 -26.52 29.61 8.95
C GLU B 97 -26.67 28.76 7.68
N SER B 98 -27.90 28.79 7.17
CA SER B 98 -28.25 27.99 6.04
C SER B 98 -27.44 28.39 4.84
N GLN B 99 -26.92 27.43 4.12
CA GLN B 99 -26.14 27.61 2.93
C GLN B 99 -26.98 27.29 1.72
N ASP B 100 -26.94 28.14 0.63
CA ASP B 100 -27.84 27.96 -0.47
C ASP B 100 -27.68 26.67 -1.26
N TRP B 101 -26.47 26.05 -1.24
CA TRP B 101 -26.28 24.84 -1.98
C TRP B 101 -26.77 23.62 -1.23
N TRP B 102 -27.16 23.78 0.04
CA TRP B 102 -27.81 22.67 0.75
C TRP B 102 -28.63 23.27 1.88
N PRO B 103 -29.76 23.91 1.61
CA PRO B 103 -30.50 24.61 2.64
C PRO B 103 -30.89 23.75 3.81
N ALA B 104 -30.86 24.33 4.97
CA ALA B 104 -31.18 23.67 6.27
C ALA B 104 -32.67 23.44 6.53
N ASP B 105 -33.03 22.19 6.80
CA ASP B 105 -34.39 21.88 7.19
C ASP B 105 -34.78 22.69 8.42
N PHE B 106 -35.93 23.35 8.40
CA PHE B 106 -36.41 24.12 9.59
C PHE B 106 -35.42 25.16 9.95
N GLY B 107 -34.51 25.56 9.05
CA GLY B 107 -33.50 26.50 9.40
C GLY B 107 -32.39 26.05 10.31
N ASN B 108 -32.23 24.73 10.51
CA ASN B 108 -31.30 24.22 11.51
C ASN B 108 -30.71 22.93 11.01
N TYR B 109 -29.40 22.86 10.87
CA TYR B 109 -28.64 21.67 10.52
C TYR B 109 -28.45 20.69 11.67
N GLY B 110 -28.99 20.93 12.85
CA GLY B 110 -28.75 20.06 14.01
C GLY B 110 -29.01 18.60 13.72
N GLY B 111 -30.16 18.23 13.19
CA GLY B 111 -30.44 16.82 12.94
C GLY B 111 -29.49 16.20 11.98
N LEU B 112 -29.16 16.90 10.89
CA LEU B 112 -28.19 16.41 9.96
C LEU B 112 -26.85 16.14 10.62
N PHE B 113 -26.41 17.05 11.48
CA PHE B 113 -25.16 16.92 12.20
C PHE B 113 -25.15 15.78 13.19
N VAL B 114 -26.28 15.56 13.89
CA VAL B 114 -26.41 14.42 14.76
C VAL B 114 -26.28 13.16 13.96
N ARG B 115 -26.92 13.07 12.81
CA ARG B 115 -26.80 11.91 11.95
C ARG B 115 -25.40 11.69 11.48
N MET B 116 -24.69 12.73 11.09
CA MET B 116 -23.30 12.64 10.68
C MET B 116 -22.47 12.01 11.77
N ALA B 117 -22.59 12.48 13.00
CA ALA B 117 -21.84 11.97 14.13
C ALA B 117 -22.16 10.56 14.42
N TRP B 118 -23.46 10.28 14.48
CA TRP B 118 -23.91 8.93 14.77
C TRP B 118 -23.44 7.96 13.68
N HIS B 119 -23.50 8.33 12.40
CA HIS B 119 -22.95 7.42 11.39
C HIS B 119 -21.44 7.25 11.49
N SER B 120 -20.71 8.31 11.85
CA SER B 120 -19.23 8.20 12.04
C SER B 120 -18.93 7.17 13.11
N ALA B 121 -19.60 7.30 14.25
CA ALA B 121 -19.34 6.42 15.42
C ALA B 121 -20.00 5.06 15.27
N GLY B 122 -21.04 5.00 14.45
CA GLY B 122 -21.96 3.91 14.44
C GLY B 122 -21.57 2.67 13.73
N THR B 123 -20.43 2.67 13.06
CA THR B 123 -19.91 1.45 12.34
C THR B 123 -19.14 0.52 13.29
N TYR B 124 -18.98 0.86 14.56
CA TYR B 124 -18.20 0.05 15.52
C TYR B 124 -18.73 -1.34 15.71
N ARG B 125 -17.85 -2.32 15.72
CA ARG B 125 -18.17 -3.69 16.08
C ARG B 125 -17.33 -4.10 17.28
N ALA B 126 -18.03 -4.51 18.34
CA ALA B 126 -17.39 -4.81 19.60
C ALA B 126 -16.47 -5.96 19.52
N MET B 127 -16.79 -6.96 18.74
CA MET B 127 -16.06 -8.24 18.73
C MET B 127 -14.72 -8.06 18.19
N ASP B 128 -14.49 -7.39 17.08
CA ASP B 128 -13.17 -7.14 16.53
C ASP B 128 -12.62 -5.81 16.73
N GLY B 129 -13.44 -4.88 17.31
CA GLY B 129 -12.98 -3.58 17.58
C GLY B 129 -12.77 -2.63 16.47
N ARG B 130 -13.29 -2.98 15.31
CA ARG B 130 -13.15 -2.16 14.14
C ARG B 130 -14.32 -1.28 13.84
N GLY B 131 -14.16 -0.31 12.97
CA GLY B 131 -15.16 0.72 12.76
C GLY B 131 -15.13 1.73 13.87
N GLY B 132 -16.13 2.50 13.97
CA GLY B 132 -16.20 3.61 14.90
C GLY B 132 -15.63 4.90 14.28
N GLY B 133 -15.72 5.91 15.09
CA GLY B 133 -15.32 7.24 14.65
C GLY B 133 -13.91 7.65 14.85
N GLY B 134 -13.11 6.78 15.48
CA GLY B 134 -11.79 7.20 15.95
C GLY B 134 -10.72 7.44 14.94
N MET B 135 -10.97 7.09 13.67
CA MET B 135 -10.05 7.36 12.60
C MET B 135 -10.54 8.39 11.57
N GLY B 136 -11.74 8.84 11.79
CA GLY B 136 -12.38 9.77 10.84
C GLY B 136 -12.57 9.19 9.45
N GLN B 137 -12.79 7.89 9.34
CA GLN B 137 -12.86 7.20 8.08
C GLN B 137 -14.10 7.51 7.26
N GLN B 138 -15.09 8.20 7.79
CA GLN B 138 -16.25 8.56 6.96
C GLN B 138 -15.86 9.40 5.77
N ARG B 139 -14.73 10.13 5.86
CA ARG B 139 -14.28 11.01 4.79
C ARG B 139 -13.62 10.35 3.65
N PHE B 140 -13.33 9.05 3.74
CA PHE B 140 -12.69 8.24 2.71
C PHE B 140 -13.61 7.16 2.18
N ALA B 141 -13.19 6.54 1.08
CA ALA B 141 -13.85 5.29 0.63
C ALA B 141 -13.61 4.24 1.70
N PRO B 142 -14.57 3.29 1.87
CA PRO B 142 -15.86 3.21 1.21
C PRO B 142 -16.95 3.91 1.90
N LEU B 143 -16.71 4.33 3.15
CA LEU B 143 -17.78 4.89 3.98
C LEU B 143 -18.36 6.12 3.40
N ASN B 144 -17.50 6.93 2.74
CA ASN B 144 -18.05 8.15 2.15
C ASN B 144 -19.15 7.91 1.11
N SER B 145 -19.23 6.66 0.60
CA SER B 145 -20.10 6.34 -0.51
C SER B 145 -21.07 5.22 -0.14
N TRP B 146 -21.10 4.75 1.10
CA TRP B 146 -22.15 3.77 1.47
C TRP B 146 -23.49 4.39 1.28
N PRO B 147 -24.54 3.60 0.83
CA PRO B 147 -25.88 4.15 0.77
C PRO B 147 -26.34 4.82 2.02
N ASP B 148 -26.05 4.27 3.19
CA ASP B 148 -26.61 4.78 4.42
C ASP B 148 -25.95 6.13 4.78
N ASN B 149 -24.86 6.46 4.08
CA ASN B 149 -24.17 7.76 4.31
C ASN B 149 -24.49 8.74 3.24
N GLN B 150 -25.53 8.51 2.46
CA GLN B 150 -26.03 9.46 1.43
C GLN B 150 -26.27 10.81 2.04
N ASN B 151 -25.75 11.83 1.33
CA ASN B 151 -25.82 13.24 1.68
C ASN B 151 -25.03 13.65 2.92
N LEU B 152 -24.33 12.73 3.60
CA LEU B 152 -23.41 13.14 4.65
C LEU B 152 -22.17 13.78 4.04
N ASP B 153 -21.93 13.63 2.75
CA ASP B 153 -20.98 14.46 2.02
C ASP B 153 -21.29 15.92 2.15
N LYS B 154 -22.54 16.28 2.12
CA LYS B 154 -22.94 17.69 2.33
C LYS B 154 -22.70 18.09 3.74
N ALA B 155 -23.01 17.24 4.71
CA ALA B 155 -22.80 17.52 6.12
C ALA B 155 -21.33 17.81 6.39
N ARG B 156 -20.43 16.97 5.85
CA ARG B 156 -18.98 17.15 6.07
C ARG B 156 -18.57 18.43 5.40
N ARG B 157 -19.10 18.80 4.28
CA ARG B 157 -18.73 20.00 3.55
C ARG B 157 -19.20 21.23 4.31
N LEU B 158 -20.35 21.15 4.99
CA LEU B 158 -20.85 22.29 5.76
C LEU B 158 -19.92 22.59 6.96
N ILE B 159 -19.27 21.60 7.57
CA ILE B 159 -18.35 21.78 8.69
C ILE B 159 -16.96 22.07 8.30
N TRP B 160 -16.62 21.93 7.04
CA TRP B 160 -15.24 22.18 6.58
C TRP B 160 -14.81 23.57 6.91
N PRO B 161 -15.59 24.65 6.82
CA PRO B 161 -15.07 25.98 7.24
C PRO B 161 -14.59 26.01 8.70
N ILE B 162 -15.14 25.26 9.60
CA ILE B 162 -14.63 25.14 10.95
C ILE B 162 -13.27 24.49 10.95
N LYS B 163 -13.14 23.34 10.29
CA LYS B 163 -11.88 22.70 10.14
C LYS B 163 -10.87 23.60 9.51
N GLN B 164 -11.23 24.35 8.50
CA GLN B 164 -10.34 25.29 7.84
C GLN B 164 -9.83 26.33 8.84
N LYS B 165 -10.73 26.86 9.67
CA LYS B 165 -10.40 27.97 10.59
C LYS B 165 -9.41 27.55 11.68
N TYR B 166 -9.61 26.41 12.21
CA TYR B 166 -8.79 25.92 13.34
C TYR B 166 -7.64 25.04 13.03
N GLY B 167 -7.58 24.56 11.81
CA GLY B 167 -6.36 23.89 11.28
C GLY B 167 -6.06 22.63 11.90
N ASN B 168 -4.80 22.34 12.16
CA ASN B 168 -4.36 21.10 12.67
C ASN B 168 -4.74 20.79 14.08
N LYS B 169 -5.24 21.84 14.72
CA LYS B 169 -5.56 21.69 16.15
CA LYS B 169 -5.58 21.78 16.15
C LYS B 169 -6.85 20.99 16.47
N ILE B 170 -7.70 20.72 15.43
CA ILE B 170 -8.78 19.79 15.59
C ILE B 170 -8.83 18.89 14.38
N SER B 171 -8.89 17.60 14.62
CA SER B 171 -8.91 16.60 13.54
C SER B 171 -10.30 16.58 12.92
N TRP B 172 -10.43 16.09 11.73
CA TRP B 172 -11.74 15.76 11.19
C TRP B 172 -12.42 14.71 12.08
N ALA B 173 -11.67 13.73 12.53
CA ALA B 173 -12.25 12.70 13.34
C ALA B 173 -12.94 13.29 14.55
N ASP B 174 -12.23 14.14 15.29
CA ASP B 174 -12.83 14.82 16.46
C ASP B 174 -13.92 15.74 16.00
N LEU B 175 -13.79 16.51 14.96
CA LEU B 175 -14.75 17.52 14.62
C LEU B 175 -16.05 16.88 14.23
N MET B 176 -16.06 15.79 13.47
CA MET B 176 -17.38 15.21 13.08
C MET B 176 -18.17 14.83 14.36
N LEU B 177 -17.55 14.29 15.37
CA LEU B 177 -18.26 13.88 16.57
C LEU B 177 -18.58 15.05 17.46
N LEU B 178 -17.69 15.98 17.62
CA LEU B 178 -17.96 17.17 18.35
C LEU B 178 -19.11 17.92 17.80
N THR B 179 -19.25 18.00 16.48
CA THR B 179 -20.32 18.72 15.84
C THR B 179 -21.68 18.07 16.24
N GLY B 180 -21.78 16.72 16.23
CA GLY B 180 -23.01 16.16 16.73
C GLY B 180 -23.27 16.40 18.19
N ASN B 181 -22.22 16.38 19.02
CA ASN B 181 -22.36 16.69 20.41
C ASN B 181 -22.91 18.05 20.71
N VAL B 182 -22.32 19.06 20.01
CA VAL B 182 -22.73 20.45 20.13
C VAL B 182 -24.11 20.64 19.60
N ALA B 183 -24.48 19.93 18.53
CA ALA B 183 -25.81 20.01 17.96
C ALA B 183 -26.89 19.58 19.01
N LEU B 184 -26.63 18.46 19.69
CA LEU B 184 -27.57 18.04 20.72
C LEU B 184 -27.68 19.12 21.75
N GLU B 185 -26.57 19.65 22.27
CA GLU B 185 -26.62 20.66 23.30
C GLU B 185 -27.28 21.89 22.83
N ASN B 186 -27.25 22.29 21.60
CA ASN B 186 -27.89 23.45 21.10
C ASN B 186 -29.27 23.23 20.63
N MET B 187 -29.81 22.03 20.85
CA MET B 187 -31.19 21.69 20.57
C MET B 187 -31.81 21.23 21.89
N GLY B 188 -31.28 21.59 23.03
CA GLY B 188 -31.96 21.40 24.31
C GLY B 188 -31.57 20.09 25.02
N PHE B 189 -30.56 19.39 24.61
CA PHE B 189 -30.17 18.13 25.22
C PHE B 189 -28.77 18.25 25.81
N LYS B 190 -28.62 18.31 27.10
CA LYS B 190 -27.30 18.44 27.73
C LYS B 190 -26.70 17.02 27.77
N THR B 191 -25.52 16.89 27.18
CA THR B 191 -24.73 15.66 27.13
C THR B 191 -23.86 15.57 28.40
N LEU B 192 -23.21 14.40 28.58
CA LEU B 192 -22.30 14.28 29.67
C LEU B 192 -21.02 15.10 29.56
N GLY B 193 -20.69 15.48 28.32
CA GLY B 193 -19.41 16.02 28.01
C GLY B 193 -18.85 15.42 26.76
N PHE B 194 -17.52 15.54 26.55
CA PHE B 194 -16.91 15.13 25.33
C PHE B 194 -15.40 14.96 25.59
N GLY B 195 -14.76 14.03 24.88
CA GLY B 195 -13.31 14.00 24.86
C GLY B 195 -12.83 14.02 23.42
N GLY B 196 -11.81 14.83 23.19
CA GLY B 196 -11.07 14.76 21.90
C GLY B 196 -9.93 13.81 22.04
N GLY B 197 -9.13 13.75 20.98
CA GLY B 197 -7.94 12.86 20.94
C GLY B 197 -7.82 12.01 19.76
N ARG B 198 -8.73 12.01 18.82
CA ARG B 198 -8.68 11.14 17.65
C ARG B 198 -7.84 11.75 16.58
N ALA B 199 -6.61 11.29 16.40
CA ALA B 199 -5.80 11.77 15.32
C ALA B 199 -6.37 11.31 13.95
N ASP B 200 -6.24 12.23 12.97
CA ASP B 200 -6.69 11.88 11.61
C ASP B 200 -5.81 10.76 11.02
N THR B 201 -6.44 10.04 10.09
CA THR B 201 -5.77 9.13 9.21
C THR B 201 -5.85 9.63 7.82
N TRP B 202 -5.04 9.02 6.89
CA TRP B 202 -4.78 9.64 5.61
C TRP B 202 -4.95 8.76 4.40
N GLN B 203 -5.48 7.56 4.66
CA GLN B 203 -5.91 6.68 3.55
C GLN B 203 -7.04 5.82 4.06
N SER B 204 -7.79 5.22 3.11
CA SER B 204 -8.81 4.22 3.40
C SER B 204 -8.21 3.04 4.16
N ASP B 205 -8.93 2.65 5.22
CA ASP B 205 -8.52 1.49 6.02
C ASP B 205 -9.05 0.20 5.34
N GLU B 206 -8.21 -0.37 4.55
CA GLU B 206 -8.65 -1.58 3.77
C GLU B 206 -8.39 -2.82 4.60
N ALA B 207 -8.25 -2.73 5.91
CA ALA B 207 -8.12 -3.94 6.77
C ALA B 207 -9.47 -4.35 7.27
N VAL B 208 -10.50 -3.59 7.21
CA VAL B 208 -11.73 -3.96 7.85
C VAL B 208 -12.55 -4.97 7.04
N TYR B 209 -12.99 -6.08 7.63
CA TYR B 209 -13.91 -7.00 6.99
C TYR B 209 -15.36 -6.50 7.20
N TRP B 210 -15.90 -5.79 6.19
CA TRP B 210 -17.25 -5.29 6.26
C TRP B 210 -18.22 -6.34 5.81
N GLY B 211 -17.76 -7.46 5.20
CA GLY B 211 -18.57 -8.48 4.60
C GLY B 211 -17.94 -8.87 3.29
N ALA B 212 -18.46 -9.91 2.70
CA ALA B 212 -18.06 -10.50 1.44
C ALA B 212 -19.04 -10.31 0.34
N GLU B 213 -20.16 -9.62 0.51
CA GLU B 213 -21.09 -9.44 -0.53
C GLU B 213 -20.58 -8.52 -1.60
N THR B 214 -21.04 -8.73 -2.82
CA THR B 214 -20.68 -7.87 -3.99
C THR B 214 -21.72 -6.91 -4.43
N THR B 215 -22.69 -6.65 -3.51
CA THR B 215 -23.75 -5.65 -3.70
C THR B 215 -23.94 -4.89 -2.36
N PHE B 216 -24.51 -3.70 -2.48
CA PHE B 216 -24.97 -2.94 -1.34
C PHE B 216 -26.47 -3.20 -1.11
N VAL B 217 -26.89 -2.80 0.07
CA VAL B 217 -28.29 -2.56 0.37
C VAL B 217 -28.92 -1.83 -0.78
N PRO B 218 -30.10 -2.26 -1.26
CA PRO B 218 -31.07 -3.22 -0.67
C PRO B 218 -30.72 -4.69 -0.72
N GLN B 219 -29.66 -5.05 -1.45
CA GLN B 219 -29.11 -6.38 -1.42
C GLN B 219 -28.01 -6.43 -0.40
N GLY B 220 -26.85 -6.92 -0.71
CA GLY B 220 -25.74 -6.88 0.24
C GLY B 220 -25.82 -7.70 1.52
N ASN B 221 -26.53 -8.83 1.47
CA ASN B 221 -26.64 -9.64 2.67
C ASN B 221 -26.85 -11.10 2.49
N ASP B 222 -26.68 -11.63 1.30
CA ASP B 222 -26.77 -13.10 1.15
C ASP B 222 -25.68 -13.82 1.94
N VAL B 223 -24.45 -13.33 1.91
CA VAL B 223 -23.40 -14.02 2.57
C VAL B 223 -23.56 -14.00 4.12
N ARG B 224 -23.92 -12.85 4.67
CA ARG B 224 -23.99 -12.67 6.12
C ARG B 224 -25.18 -13.42 6.71
N TYR B 225 -26.12 -13.85 5.92
CA TYR B 225 -27.19 -14.73 6.46
C TYR B 225 -27.11 -16.09 5.88
N ASN B 226 -26.01 -16.44 5.21
CA ASN B 226 -25.87 -17.76 4.59
C ASN B 226 -27.09 -18.12 3.73
N ASN B 227 -27.59 -17.23 2.87
CA ASN B 227 -28.64 -17.34 2.00
C ASN B 227 -30.04 -17.57 2.59
N SER B 228 -30.15 -17.38 3.89
CA SER B 228 -31.47 -17.52 4.51
C SER B 228 -32.27 -16.28 4.31
N VAL B 229 -33.53 -16.41 3.97
CA VAL B 229 -34.42 -15.33 3.86
C VAL B 229 -35.57 -15.45 4.85
N ASP B 230 -35.42 -16.29 5.87
CA ASP B 230 -36.42 -16.43 6.97
C ASP B 230 -36.11 -15.41 8.02
N ILE B 231 -36.82 -14.27 7.97
CA ILE B 231 -36.32 -13.08 8.65
C ILE B 231 -36.31 -13.24 10.15
N ASN B 232 -37.27 -13.98 10.70
CA ASN B 232 -37.22 -14.23 12.19
C ASN B 232 -36.19 -15.17 12.54
N ALA B 233 -36.14 -16.31 11.87
CA ALA B 233 -35.26 -17.40 12.27
C ALA B 233 -33.79 -17.01 12.06
N ARG B 234 -33.45 -16.16 11.05
CA ARG B 234 -32.10 -15.89 10.79
C ARG B 234 -31.52 -14.75 11.61
N ALA B 235 -32.42 -14.01 12.34
CA ALA B 235 -31.96 -12.73 12.85
C ALA B 235 -30.78 -12.82 13.79
N ASP B 236 -30.77 -13.82 14.63
CA ASP B 236 -29.68 -14.04 15.58
C ASP B 236 -28.53 -14.88 15.02
N LYS B 237 -28.54 -15.07 13.69
CA LYS B 237 -27.50 -15.87 13.01
C LYS B 237 -26.61 -15.00 12.10
N LEU B 238 -26.63 -13.70 12.27
CA LEU B 238 -25.86 -12.74 11.49
C LEU B 238 -24.36 -13.19 11.62
N GLU B 239 -23.66 -13.27 10.48
CA GLU B 239 -22.27 -13.60 10.47
C GLU B 239 -21.44 -12.78 11.39
N LYS B 240 -20.55 -13.39 12.17
CA LYS B 240 -19.62 -12.70 13.05
C LYS B 240 -18.44 -12.21 12.27
N PRO B 241 -17.84 -11.07 12.58
CA PRO B 241 -18.16 -10.15 13.65
C PRO B 241 -19.01 -8.98 13.21
N LEU B 242 -19.76 -9.17 12.15
CA LEU B 242 -20.54 -8.08 11.51
C LEU B 242 -21.61 -7.56 12.45
N ALA B 243 -21.98 -6.32 12.23
CA ALA B 243 -22.87 -5.58 13.07
C ALA B 243 -23.87 -4.77 12.31
N ALA B 244 -24.12 -5.10 11.06
CA ALA B 244 -25.12 -4.51 10.23
C ALA B 244 -25.80 -5.53 9.39
N THR B 245 -27.06 -5.36 9.09
CA THR B 245 -27.86 -6.38 8.41
C THR B 245 -27.76 -6.38 6.92
N HIS B 246 -27.11 -5.35 6.34
CA HIS B 246 -26.76 -5.32 4.90
C HIS B 246 -25.44 -4.56 4.80
N MET B 247 -24.62 -4.98 3.82
CA MET B 247 -23.48 -4.18 3.37
C MET B 247 -23.94 -2.77 3.01
N GLY B 248 -23.27 -1.76 3.59
CA GLY B 248 -23.67 -0.41 3.27
C GLY B 248 -24.61 0.28 4.21
N LEU B 249 -25.10 -0.44 5.21
CA LEU B 249 -25.89 0.09 6.31
C LEU B 249 -25.09 0.17 7.58
N ILE B 250 -25.51 1.10 8.45
CA ILE B 250 -24.95 1.30 9.78
C ILE B 250 -25.39 0.17 10.75
N TYR B 251 -26.68 -0.05 10.89
CA TYR B 251 -27.19 -1.19 11.75
C TYR B 251 -28.20 -1.96 10.98
N VAL B 252 -29.45 -1.51 10.83
CA VAL B 252 -30.56 -2.26 10.26
C VAL B 252 -31.23 -1.52 9.14
N ASN B 253 -32.09 -2.22 8.44
CA ASN B 253 -32.84 -1.65 7.31
C ASN B 253 -34.09 -0.90 7.88
N PRO B 254 -34.23 0.39 7.57
CA PRO B 254 -35.36 1.11 8.10
C PRO B 254 -36.67 0.73 7.53
N GLU B 255 -36.69 -0.04 6.44
CA GLU B 255 -37.91 -0.59 5.83
CA GLU B 255 -37.92 -0.61 5.84
C GLU B 255 -38.21 -2.03 6.26
N GLY B 256 -37.55 -2.52 7.29
CA GLY B 256 -37.68 -3.82 7.81
C GLY B 256 -36.75 -4.81 7.16
N PRO B 257 -36.73 -6.03 7.74
CA PRO B 257 -35.74 -7.07 7.25
C PRO B 257 -36.04 -7.41 5.78
N ASN B 258 -34.99 -7.26 5.02
CA ASN B 258 -35.09 -7.32 3.55
C ASN B 258 -36.21 -6.48 2.97
N GLY B 259 -36.45 -5.34 3.62
CA GLY B 259 -37.57 -4.47 3.18
C GLY B 259 -38.99 -4.92 3.48
N THR B 260 -39.11 -5.91 4.36
CA THR B 260 -40.39 -6.38 4.76
C THR B 260 -40.88 -5.55 5.89
N PRO B 261 -42.05 -4.88 5.74
CA PRO B 261 -42.45 -3.92 6.74
C PRO B 261 -43.10 -4.57 8.00
N ASP B 262 -42.32 -5.37 8.68
CA ASP B 262 -42.70 -6.13 9.84
C ASP B 262 -41.90 -5.69 11.04
N PRO B 263 -42.54 -4.81 11.89
CA PRO B 263 -41.84 -4.23 13.02
C PRO B 263 -41.32 -5.25 14.00
N ALA B 264 -42.05 -6.36 14.21
CA ALA B 264 -41.57 -7.35 15.18
C ALA B 264 -40.28 -8.00 14.73
N ALA B 265 -40.19 -8.30 13.41
CA ALA B 265 -39.00 -8.87 12.91
C ALA B 265 -37.84 -7.86 12.89
N SER B 266 -38.13 -6.58 12.59
CA SER B 266 -37.18 -5.58 12.64
C SER B 266 -36.54 -5.48 14.03
N ALA B 267 -37.37 -5.63 15.04
CA ALA B 267 -36.83 -5.58 16.42
C ALA B 267 -35.72 -6.63 16.69
N LYS B 268 -35.89 -7.85 16.10
CA LYS B 268 -34.90 -8.91 16.25
C LYS B 268 -33.60 -8.53 15.57
N ASP B 269 -33.69 -7.88 14.40
CA ASP B 269 -32.50 -7.40 13.73
C ASP B 269 -31.82 -6.31 14.57
N ILE B 270 -32.64 -5.39 15.10
CA ILE B 270 -32.08 -4.30 15.93
C ILE B 270 -31.31 -4.85 17.11
N ARG B 271 -31.89 -5.82 17.79
CA ARG B 271 -31.19 -6.36 18.94
C ARG B 271 -29.85 -6.99 18.54
N GLU B 272 -29.89 -7.73 17.43
CA GLU B 272 -28.69 -8.36 16.95
C GLU B 272 -27.65 -7.37 16.58
N ALA B 273 -27.96 -6.39 15.76
CA ALA B 273 -27.00 -5.44 15.27
C ALA B 273 -26.47 -4.54 16.36
N PHE B 274 -27.37 -4.00 17.17
CA PHE B 274 -26.91 -3.12 18.28
C PHE B 274 -26.08 -3.97 19.29
N GLY B 275 -26.44 -5.18 19.54
CA GLY B 275 -25.65 -6.09 20.38
C GLY B 275 -24.24 -6.28 19.86
N ARG B 276 -24.10 -6.44 18.56
CA ARG B 276 -22.82 -6.55 17.91
C ARG B 276 -21.99 -5.28 17.91
N MET B 277 -22.62 -4.15 18.20
CA MET B 277 -21.99 -2.86 18.45
C MET B 277 -21.73 -2.59 19.90
N GLY B 278 -22.02 -3.54 20.81
CA GLY B 278 -21.81 -3.39 22.22
C GLY B 278 -22.90 -2.76 22.99
N MET B 279 -24.09 -2.64 22.47
CA MET B 279 -25.16 -1.98 23.12
C MET B 279 -26.22 -2.96 23.55
N ASN B 280 -26.74 -2.79 24.76
CA ASN B 280 -27.83 -3.57 25.35
C ASN B 280 -29.22 -2.97 25.07
N ASP B 281 -30.27 -3.56 25.59
CA ASP B 281 -31.60 -3.14 25.22
C ASP B 281 -31.85 -1.68 25.64
N THR B 282 -31.50 -1.29 26.86
CA THR B 282 -31.77 0.07 27.25
C THR B 282 -30.98 1.07 26.44
N GLU B 283 -29.72 0.79 26.19
CA GLU B 283 -28.87 1.62 25.35
C GLU B 283 -29.45 1.78 23.99
N THR B 284 -29.93 0.72 23.43
CA THR B 284 -30.48 0.69 22.07
C THR B 284 -31.73 1.55 21.98
N VAL B 285 -32.71 1.35 22.87
CA VAL B 285 -33.92 2.19 22.78
C VAL B 285 -33.50 3.67 23.02
N ALA B 286 -32.60 3.87 23.97
CA ALA B 286 -32.21 5.25 24.26
C ALA B 286 -31.59 5.94 23.05
N LEU B 287 -30.73 5.22 22.30
CA LEU B 287 -30.12 5.81 21.14
C LEU B 287 -31.10 6.12 20.04
N ILE B 288 -32.02 5.20 19.77
CA ILE B 288 -32.98 5.38 18.65
C ILE B 288 -33.97 6.44 19.00
N ALA B 289 -34.62 6.33 20.15
CA ALA B 289 -35.61 7.32 20.57
C ALA B 289 -34.93 8.64 20.82
N GLY B 290 -33.69 8.67 21.27
CA GLY B 290 -32.98 9.94 21.46
C GLY B 290 -32.65 10.62 20.18
N GLY B 291 -32.08 9.89 19.21
CA GLY B 291 -31.77 10.43 17.97
C GLY B 291 -32.94 10.91 17.14
N HIS B 292 -34.00 10.12 17.16
CA HIS B 292 -35.17 10.43 16.40
C HIS B 292 -36.10 11.43 17.07
N ALA B 293 -35.66 12.08 18.12
CA ALA B 293 -36.21 13.36 18.57
C ALA B 293 -35.99 14.42 17.50
N PHE B 294 -34.96 14.31 16.68
CA PHE B 294 -34.43 15.44 15.93
C PHE B 294 -34.59 15.21 14.47
N GLY B 295 -34.83 16.27 13.75
CA GLY B 295 -34.68 16.24 12.30
C GLY B 295 -35.74 15.41 11.61
N LYS B 296 -35.41 14.95 10.40
CA LYS B 296 -36.32 14.21 9.56
C LYS B 296 -35.53 13.38 8.55
N THR B 297 -36.23 12.49 7.90
CA THR B 297 -35.72 11.75 6.77
C THR B 297 -36.05 12.48 5.46
N HIS B 298 -35.45 12.04 4.35
CA HIS B 298 -35.66 12.74 3.07
C HIS B 298 -35.91 11.73 1.95
N GLY B 299 -37.09 11.91 1.34
CA GLY B 299 -37.58 11.02 0.31
C GLY B 299 -38.46 11.68 -0.68
N ALA B 300 -38.08 12.83 -1.18
CA ALA B 300 -39.00 13.75 -1.85
C ALA B 300 -39.22 13.37 -3.32
N VAL B 301 -38.24 12.73 -3.97
CA VAL B 301 -38.28 12.42 -5.41
C VAL B 301 -37.78 11.01 -5.57
N LYS B 302 -38.08 10.38 -6.71
CA LYS B 302 -37.64 9.01 -6.87
CA LYS B 302 -37.66 9.05 -6.99
C LYS B 302 -36.14 8.94 -7.15
N GLY B 303 -35.60 7.80 -6.78
CA GLY B 303 -34.23 7.46 -6.80
C GLY B 303 -33.57 7.56 -8.17
N SER B 304 -34.39 7.52 -9.23
CA SER B 304 -33.83 7.62 -10.58
C SER B 304 -33.24 8.98 -10.85
N ASN B 305 -33.60 9.95 -10.01
CA ASN B 305 -33.12 11.34 -10.23
C ASN B 305 -31.72 11.57 -9.59
N ILE B 306 -31.22 10.54 -8.95
CA ILE B 306 -29.99 10.66 -8.16
C ILE B 306 -28.82 10.08 -8.86
N GLY B 307 -27.75 10.89 -8.92
CA GLY B 307 -26.52 10.52 -9.57
C GLY B 307 -25.57 9.73 -8.69
N PRO B 308 -24.35 9.46 -9.23
CA PRO B 308 -23.45 8.50 -8.59
C PRO B 308 -22.96 8.97 -7.19
N ALA B 309 -22.70 8.03 -6.32
CA ALA B 309 -22.12 8.31 -5.03
C ALA B 309 -20.76 9.01 -5.20
N PRO B 310 -20.21 9.55 -4.12
CA PRO B 310 -18.97 10.33 -4.30
C PRO B 310 -17.84 9.62 -5.01
N GLU B 311 -17.54 8.37 -4.70
CA GLU B 311 -16.42 7.69 -5.30
C GLU B 311 -16.62 7.38 -6.79
N ALA B 312 -17.82 7.48 -7.27
CA ALA B 312 -18.17 7.24 -8.64
C ALA B 312 -18.51 8.49 -9.43
N ALA B 313 -18.53 9.68 -8.81
CA ALA B 313 -18.98 10.91 -9.40
C ALA B 313 -17.83 11.61 -10.20
N ASP B 314 -18.28 12.44 -11.08
CA ASP B 314 -17.35 13.19 -12.00
C ASP B 314 -16.58 14.23 -11.18
N LEU B 315 -15.55 14.83 -11.84
CA LEU B 315 -14.72 15.77 -11.15
C LEU B 315 -15.43 17.01 -10.75
N GLY B 316 -16.44 17.43 -11.48
CA GLY B 316 -17.20 18.63 -11.18
C GLY B 316 -17.87 18.56 -9.83
N MET B 317 -18.19 17.37 -9.37
CA MET B 317 -18.75 17.21 -8.05
C MET B 317 -17.86 17.53 -6.90
N GLN B 318 -16.56 17.55 -7.15
CA GLN B 318 -15.55 17.93 -6.16
C GLN B 318 -15.74 17.32 -4.83
N GLY B 319 -15.83 15.97 -4.84
CA GLY B 319 -15.95 15.13 -3.71
C GLY B 319 -17.32 14.89 -3.14
N LEU B 320 -18.30 15.55 -3.69
CA LEU B 320 -19.70 15.34 -3.32
C LEU B 320 -20.26 14.25 -4.25
N GLY B 321 -21.47 13.77 -3.89
CA GLY B 321 -22.14 12.78 -4.75
C GLY B 321 -23.61 12.91 -4.61
N TRP B 322 -24.29 11.93 -5.22
CA TRP B 322 -25.74 11.84 -5.21
C TRP B 322 -26.44 13.10 -5.74
N HIS B 323 -25.90 13.66 -6.83
CA HIS B 323 -26.51 14.80 -7.41
C HIS B 323 -27.98 14.55 -7.77
N ASN B 324 -28.87 15.40 -7.30
CA ASN B 324 -30.29 15.27 -7.58
C ASN B 324 -30.64 16.25 -8.67
N SER B 325 -31.20 15.71 -9.75
CA SER B 325 -31.51 16.53 -10.93
C SER B 325 -32.86 17.22 -10.84
N VAL B 326 -33.64 17.05 -9.78
CA VAL B 326 -34.96 17.70 -9.68
C VAL B 326 -34.82 19.05 -9.01
N GLY B 327 -35.24 20.11 -9.68
CA GLY B 327 -35.02 21.47 -9.14
C GLY B 327 -33.56 21.75 -8.95
N ASP B 328 -33.24 22.33 -7.80
CA ASP B 328 -31.85 22.50 -7.39
C ASP B 328 -31.28 21.32 -6.60
N GLY B 329 -32.11 20.27 -6.48
CA GLY B 329 -31.57 19.02 -5.94
C GLY B 329 -31.57 18.97 -4.42
N ASN B 330 -32.11 19.98 -3.82
CA ASN B 330 -31.93 20.27 -2.40
C ASN B 330 -33.16 20.93 -1.84
N GLY B 331 -33.15 21.31 -0.56
CA GLY B 331 -34.34 21.96 0.05
C GLY B 331 -35.56 21.01 -0.03
N PRO B 332 -36.70 21.46 -0.56
CA PRO B 332 -37.83 20.58 -0.61
C PRO B 332 -37.67 19.39 -1.47
N ASN B 333 -36.64 19.32 -2.35
CA ASN B 333 -36.44 18.15 -3.17
C ASN B 333 -35.42 17.12 -2.62
N GLN B 334 -34.95 17.35 -1.39
CA GLN B 334 -33.96 16.42 -0.83
C GLN B 334 -34.39 14.96 -0.86
N MET B 335 -33.46 14.13 -1.25
CA MET B 335 -33.66 12.67 -1.35
C MET B 335 -32.42 12.03 -0.80
N THR B 336 -32.56 11.30 0.31
CA THR B 336 -31.48 10.64 1.01
C THR B 336 -31.78 9.18 1.11
N SER B 337 -32.72 8.78 1.95
CA SER B 337 -33.07 7.39 2.15
C SER B 337 -34.27 6.93 1.34
N GLY B 338 -35.06 7.82 0.79
CA GLY B 338 -36.33 7.46 0.12
C GLY B 338 -37.51 7.56 1.02
N LEU B 339 -37.32 7.68 2.33
CA LEU B 339 -38.40 7.77 3.30
C LEU B 339 -38.69 9.25 3.56
N GLU B 340 -39.90 9.59 3.96
CA GLU B 340 -40.26 10.94 4.30
C GLU B 340 -41.01 11.00 5.61
N VAL B 341 -40.25 10.96 6.70
CA VAL B 341 -40.72 10.84 8.03
C VAL B 341 -40.20 12.04 8.85
N ILE B 342 -41.06 12.65 9.63
CA ILE B 342 -40.79 13.68 10.64
C ILE B 342 -41.32 13.16 11.94
N TRP B 343 -40.47 12.80 12.87
CA TRP B 343 -40.87 12.07 14.06
C TRP B 343 -41.63 12.93 15.02
N THR B 344 -41.21 14.17 15.20
CA THR B 344 -41.74 15.05 16.26
C THR B 344 -42.22 16.35 15.69
N LYS B 345 -43.04 17.04 16.52
CA LYS B 345 -43.56 18.35 16.10
C LYS B 345 -42.60 19.45 16.27
N THR B 346 -41.48 19.17 16.94
CA THR B 346 -40.43 20.18 17.14
C THR B 346 -39.06 19.55 16.81
N PRO B 347 -38.77 19.39 15.51
CA PRO B 347 -37.59 18.64 15.12
C PRO B 347 -36.26 19.28 15.45
N THR B 348 -36.25 20.53 15.94
CA THR B 348 -35.06 21.24 16.37
C THR B 348 -34.90 21.39 17.84
N LYS B 349 -35.74 20.68 18.62
CA LYS B 349 -35.71 20.81 20.07
CA LYS B 349 -35.75 20.81 20.08
C LYS B 349 -36.02 19.48 20.74
N TRP B 350 -35.25 19.14 21.73
CA TRP B 350 -35.48 17.92 22.53
C TRP B 350 -36.87 17.92 23.10
N SER B 351 -37.48 16.74 23.08
CA SER B 351 -38.84 16.55 23.57
C SER B 351 -39.03 15.03 23.86
N ASN B 352 -40.21 14.68 24.36
CA ASN B 352 -40.68 13.28 24.43
C ASN B 352 -41.63 12.96 23.30
N GLY B 353 -41.66 13.74 22.21
CA GLY B 353 -42.55 13.54 21.13
C GLY B 353 -42.40 12.24 20.37
N TYR B 354 -41.23 11.67 20.31
CA TYR B 354 -41.04 10.41 19.66
C TYR B 354 -41.83 9.30 20.36
N LEU B 355 -41.60 9.11 21.66
CA LEU B 355 -42.36 8.06 22.32
C LEU B 355 -43.82 8.37 22.40
N GLU B 356 -44.18 9.61 22.62
CA GLU B 356 -45.59 9.96 22.67
C GLU B 356 -46.27 9.65 21.37
N SER B 357 -45.71 9.97 20.23
CA SER B 357 -46.30 9.64 18.97
C SER B 357 -46.32 8.14 18.76
N LEU B 358 -45.21 7.47 19.05
CA LEU B 358 -45.06 6.05 18.76
C LEU B 358 -46.13 5.29 19.45
N ILE B 359 -46.41 5.55 20.71
CA ILE B 359 -47.35 4.79 21.53
C ILE B 359 -48.75 5.29 21.32
N ASN B 360 -49.03 6.60 21.23
CA ASN B 360 -50.40 7.08 21.22
C ASN B 360 -51.06 7.03 19.87
N ASN B 361 -50.33 6.99 18.78
CA ASN B 361 -50.93 6.93 17.44
C ASN B 361 -51.31 5.50 16.99
N ASN B 362 -52.28 5.45 16.08
CA ASN B 362 -52.56 4.28 15.32
C ASN B 362 -51.87 4.41 13.99
N TRP B 363 -51.13 3.36 13.57
CA TRP B 363 -50.21 3.44 12.44
C TRP B 363 -50.75 2.67 11.27
N THR B 364 -50.66 3.26 10.07
CA THR B 364 -51.02 2.67 8.83
C THR B 364 -49.86 2.68 7.86
N LEU B 365 -49.62 1.62 7.12
CA LEU B 365 -48.55 1.54 6.15
C LEU B 365 -48.86 2.38 4.91
N VAL B 366 -47.97 3.29 4.52
CA VAL B 366 -48.15 4.13 3.38
C VAL B 366 -46.83 4.16 2.55
N GLU B 367 -46.88 4.82 1.41
CA GLU B 367 -45.70 5.10 0.56
C GLU B 367 -45.27 6.53 0.66
N SER B 368 -43.94 6.74 0.79
CA SER B 368 -43.40 8.09 0.64
C SER B 368 -43.44 8.56 -0.82
N PRO B 369 -43.09 9.79 -1.11
CA PRO B 369 -43.08 10.25 -2.52
C PRO B 369 -42.11 9.47 -3.40
N ALA B 370 -41.06 8.92 -2.85
CA ALA B 370 -40.11 8.13 -3.57
C ALA B 370 -40.50 6.70 -3.73
N GLY B 371 -41.55 6.25 -3.02
CA GLY B 371 -42.05 4.90 -3.16
C GLY B 371 -41.73 3.95 -2.04
N ALA B 372 -41.01 4.40 -1.02
CA ALA B 372 -40.67 3.58 0.17
C ALA B 372 -41.82 3.44 1.14
N HIS B 373 -41.84 2.35 1.85
CA HIS B 373 -42.92 2.20 2.76
CA HIS B 373 -42.85 1.95 2.85
C HIS B 373 -42.51 2.66 4.19
N GLN B 374 -43.48 3.35 4.79
CA GLN B 374 -43.34 3.97 6.12
C GLN B 374 -44.70 3.94 6.74
N TRP B 375 -44.82 4.46 7.96
CA TRP B 375 -46.07 4.41 8.71
C TRP B 375 -46.56 5.82 9.01
N GLU B 376 -47.86 6.00 8.91
CA GLU B 376 -48.50 7.25 9.11
C GLU B 376 -49.66 7.16 10.06
N ALA B 377 -49.90 8.23 10.84
CA ALA B 377 -51.10 8.30 11.67
C ALA B 377 -52.17 8.96 10.84
N VAL B 378 -52.82 8.20 10.00
CA VAL B 378 -53.77 8.82 9.05
C VAL B 378 -55.00 9.51 9.65
N ASN B 379 -55.30 9.22 10.90
CA ASN B 379 -56.30 9.92 11.65
C ASN B 379 -55.76 10.82 12.70
N GLY B 380 -54.49 11.14 12.60
CA GLY B 380 -53.85 11.97 13.62
C GLY B 380 -54.00 13.47 13.31
N THR B 381 -53.46 14.27 14.20
CA THR B 381 -53.39 15.69 14.06
C THR B 381 -52.46 16.12 12.90
N VAL B 382 -52.83 17.19 12.23
CA VAL B 382 -52.07 17.74 11.14
C VAL B 382 -51.24 18.90 11.67
N ASP B 383 -50.21 18.56 12.43
CA ASP B 383 -49.46 19.56 13.14
C ASP B 383 -47.94 19.27 13.19
N TYR B 384 -47.49 18.44 12.26
CA TYR B 384 -46.06 18.25 12.08
C TYR B 384 -45.55 19.25 11.04
N PRO B 385 -44.53 20.06 11.36
CA PRO B 385 -44.13 21.18 10.50
C PRO B 385 -43.43 20.71 9.25
N ASP B 386 -43.58 21.44 8.19
CA ASP B 386 -42.89 21.27 6.94
C ASP B 386 -41.54 22.02 7.04
N PRO B 387 -40.47 21.44 6.47
CA PRO B 387 -39.12 22.01 6.69
C PRO B 387 -38.82 23.34 5.99
N PHE B 388 -39.64 23.68 5.00
CA PHE B 388 -39.39 24.91 4.18
C PHE B 388 -40.67 25.75 4.12
N ASP B 389 -41.71 25.47 4.82
CA ASP B 389 -42.93 26.31 4.74
C ASP B 389 -43.54 26.33 6.11
N LYS B 390 -43.48 27.48 6.79
CA LYS B 390 -44.02 27.61 8.17
C LYS B 390 -45.55 27.60 8.27
N THR B 391 -46.22 27.54 7.13
CA THR B 391 -47.71 27.51 7.08
C THR B 391 -48.31 26.22 6.67
N LYS B 392 -47.50 25.19 6.54
CA LYS B 392 -47.97 23.96 5.97
C LYS B 392 -47.51 22.85 6.97
N PHE B 393 -48.39 21.86 7.12
CA PHE B 393 -48.24 20.82 8.15
C PHE B 393 -48.63 19.48 7.61
N ARG B 394 -48.16 18.42 8.29
CA ARG B 394 -48.46 17.03 7.97
C ARG B 394 -48.81 16.20 9.19
N LYS B 395 -49.19 14.96 8.97
CA LYS B 395 -49.51 14.03 10.02
C LYS B 395 -48.23 13.31 10.45
N ALA B 396 -48.37 12.69 11.62
CA ALA B 396 -47.27 11.92 12.22
C ALA B 396 -46.85 10.76 11.37
N THR B 397 -45.56 10.49 11.42
CA THR B 397 -44.98 9.34 10.70
C THR B 397 -43.92 8.68 11.52
N MET B 398 -43.60 7.41 11.22
CA MET B 398 -42.60 6.58 11.83
C MET B 398 -42.06 5.58 10.79
N LEU B 399 -40.84 5.14 11.02
CA LEU B 399 -40.24 4.05 10.25
C LEU B 399 -40.69 2.69 10.78
N THR B 400 -40.62 1.66 9.96
CA THR B 400 -40.76 0.32 10.47
C THR B 400 -39.83 0.02 11.62
N SER B 401 -38.58 0.49 11.58
CA SER B 401 -37.60 0.31 12.61
C SER B 401 -37.91 1.07 13.89
N ASP B 402 -38.73 2.11 13.81
CA ASP B 402 -39.23 2.80 15.03
C ASP B 402 -40.33 2.00 15.66
N LEU B 403 -41.29 1.50 14.84
CA LEU B 403 -42.36 0.62 15.36
C LEU B 403 -41.81 -0.64 15.98
N ALA B 404 -40.63 -1.11 15.60
CA ALA B 404 -39.97 -2.22 16.26
C ALA B 404 -39.96 -2.06 17.77
N LEU B 405 -39.78 -0.83 18.25
CA LEU B 405 -39.60 -0.61 19.66
C LEU B 405 -40.86 -0.82 20.51
N ILE B 406 -41.99 -0.91 19.86
CA ILE B 406 -43.24 -1.28 20.58
C ILE B 406 -43.83 -2.62 20.12
N ASN B 407 -42.98 -3.39 19.44
CA ASN B 407 -43.39 -4.70 18.85
C ASN B 407 -42.41 -5.77 19.22
N ASP B 408 -41.81 -5.66 20.38
CA ASP B 408 -40.96 -6.62 21.03
C ASP B 408 -41.16 -6.48 22.56
N PRO B 409 -41.18 -7.55 23.33
CA PRO B 409 -41.66 -7.40 24.68
C PRO B 409 -40.66 -6.54 25.50
N GLU B 410 -39.37 -6.72 25.35
CA GLU B 410 -38.46 -6.01 26.20
C GLU B 410 -38.36 -4.54 25.77
N TYR B 411 -38.33 -4.30 24.47
CA TYR B 411 -38.33 -2.89 24.01
C TYR B 411 -39.59 -2.19 24.40
N LEU B 412 -40.75 -2.85 24.31
CA LEU B 412 -42.01 -2.22 24.68
C LEU B 412 -41.98 -1.83 26.14
N LYS B 413 -41.51 -2.73 27.02
CA LYS B 413 -41.48 -2.41 28.46
CA LYS B 413 -41.45 -2.43 28.46
C LYS B 413 -40.64 -1.13 28.71
N ILE B 414 -39.50 -1.03 28.06
CA ILE B 414 -38.67 0.15 28.19
C ILE B 414 -39.33 1.38 27.62
N SER B 415 -39.94 1.30 26.45
CA SER B 415 -40.64 2.40 25.86
C SER B 415 -41.77 2.85 26.77
N GLN B 416 -42.53 1.92 27.35
CA GLN B 416 -43.63 2.25 28.24
C GLN B 416 -43.12 2.96 29.44
N ARG B 417 -42.04 2.54 30.02
CA ARG B 417 -41.53 3.16 31.25
C ARG B 417 -41.11 4.61 30.88
N TRP B 418 -40.33 4.80 29.84
CA TRP B 418 -39.82 6.11 29.47
C TRP B 418 -40.86 7.01 28.94
N LEU B 419 -42.00 6.52 28.42
CA LEU B 419 -43.14 7.41 28.10
C LEU B 419 -43.53 8.13 29.36
N GLU B 420 -43.55 7.44 30.50
CA GLU B 420 -44.03 8.04 31.73
C GLU B 420 -42.95 8.75 32.50
N HIS B 421 -41.69 8.40 32.27
CA HIS B 421 -40.51 8.90 32.99
C HIS B 421 -39.44 9.37 32.00
N PRO B 422 -39.71 10.40 31.22
CA PRO B 422 -38.80 10.76 30.19
C PRO B 422 -37.41 11.19 30.69
N GLU B 423 -37.24 11.54 31.95
CA GLU B 423 -35.93 11.86 32.48
C GLU B 423 -35.06 10.61 32.40
N GLU B 424 -35.68 9.43 32.51
CA GLU B 424 -34.91 8.19 32.47
C GLU B 424 -34.35 7.95 31.06
N LEU B 425 -35.17 8.26 30.03
CA LEU B 425 -34.67 8.26 28.65
C LEU B 425 -33.56 9.25 28.49
N ALA B 426 -33.69 10.45 29.00
CA ALA B 426 -32.64 11.46 28.85
C ALA B 426 -31.37 10.95 29.54
N ASP B 427 -31.40 10.37 30.69
CA ASP B 427 -30.21 9.90 31.37
C ASP B 427 -29.60 8.73 30.53
N ALA B 428 -30.40 7.78 30.06
CA ALA B 428 -29.88 6.68 29.31
C ALA B 428 -29.29 7.11 27.98
N PHE B 429 -29.92 8.06 27.32
CA PHE B 429 -29.43 8.55 26.05
C PHE B 429 -28.11 9.29 26.25
N ALA B 430 -27.98 10.13 27.27
CA ALA B 430 -26.71 10.81 27.53
C ALA B 430 -25.60 9.79 27.64
N LYS B 431 -25.85 8.76 28.45
CA LYS B 431 -24.80 7.74 28.73
C LYS B 431 -24.49 6.95 27.46
N ALA B 432 -25.52 6.51 26.73
CA ALA B 432 -25.30 5.71 25.54
C ALA B 432 -24.64 6.53 24.41
N TRP B 433 -25.05 7.79 24.25
CA TRP B 433 -24.39 8.66 23.26
C TRP B 433 -22.93 8.84 23.58
N PHE B 434 -22.61 9.07 24.84
CA PHE B 434 -21.22 9.21 25.25
C PHE B 434 -20.44 7.92 24.90
N LYS B 435 -20.97 6.77 25.23
CA LYS B 435 -20.36 5.49 24.88
C LYS B 435 -20.21 5.33 23.40
N LEU B 436 -21.19 5.64 22.61
CA LEU B 436 -21.14 5.56 21.16
C LEU B 436 -19.97 6.35 20.67
N LEU B 437 -19.83 7.58 21.09
CA LEU B 437 -18.82 8.48 20.53
C LEU B 437 -17.45 8.20 21.02
N HIS B 438 -17.26 7.54 22.18
CA HIS B 438 -15.94 7.45 22.85
C HIS B 438 -15.41 6.02 23.03
N ARG B 439 -16.18 5.02 22.70
CA ARG B 439 -15.63 3.70 23.19
CA ARG B 439 -15.89 3.55 22.74
C ARG B 439 -14.39 3.35 22.35
N ASP B 440 -14.16 3.74 21.14
CA ASP B 440 -12.85 3.44 20.48
C ASP B 440 -11.74 4.41 20.69
N LEU B 441 -11.94 5.40 21.58
CA LEU B 441 -10.96 6.36 21.94
C LEU B 441 -9.87 5.75 22.83
N GLY B 442 -10.15 4.66 23.47
CA GLY B 442 -9.15 4.00 24.30
C GLY B 442 -9.25 4.44 25.75
N PRO B 443 -8.11 4.26 26.42
CA PRO B 443 -8.01 4.61 27.77
C PRO B 443 -8.29 6.08 28.08
N THR B 444 -8.70 6.37 29.26
CA THR B 444 -9.11 7.66 29.68
CA THR B 444 -9.13 7.72 29.59
C THR B 444 -7.96 8.67 29.58
N THR B 445 -6.72 8.18 29.70
CA THR B 445 -5.55 9.01 29.53
C THR B 445 -5.45 9.58 28.15
N ARG B 446 -6.17 9.07 27.16
CA ARG B 446 -6.18 9.66 25.81
C ARG B 446 -7.18 10.78 25.64
N TYR B 447 -8.15 10.96 26.55
CA TYR B 447 -9.29 11.84 26.38
C TYR B 447 -8.79 13.28 26.60
N LEU B 448 -9.03 14.15 25.67
CA LEU B 448 -8.56 15.55 25.75
C LEU B 448 -9.70 16.54 25.86
N GLY B 449 -9.37 17.67 26.40
CA GLY B 449 -10.30 18.81 26.46
C GLY B 449 -10.82 19.04 27.83
N PRO B 450 -11.61 20.12 27.97
CA PRO B 450 -12.07 20.59 29.26
C PRO B 450 -13.35 20.02 29.78
N GLU B 451 -13.99 19.17 29.03
CA GLU B 451 -15.31 18.59 29.50
C GLU B 451 -15.37 17.11 29.39
N VAL B 452 -14.29 16.45 29.73
CA VAL B 452 -14.27 15.01 29.83
C VAL B 452 -15.14 14.57 31.04
N PRO B 453 -16.16 13.73 30.84
CA PRO B 453 -17.00 13.31 31.99
C PRO B 453 -16.12 12.66 33.05
N LYS B 454 -16.48 12.99 34.29
CA LYS B 454 -15.82 12.47 35.48
C LYS B 454 -16.16 11.03 35.79
N GLU B 455 -17.33 10.55 35.41
CA GLU B 455 -17.71 9.17 35.75
C GLU B 455 -16.86 8.19 34.94
N SER B 456 -16.27 7.22 35.58
CA SER B 456 -15.60 6.12 34.92
C SER B 456 -16.62 5.10 34.49
N PHE B 457 -16.54 4.57 33.28
CA PHE B 457 -17.43 3.61 32.73
C PHE B 457 -16.71 2.32 32.40
N ILE B 458 -17.40 1.20 32.49
CA ILE B 458 -16.74 -0.10 32.39
C ILE B 458 -16.21 -0.29 31.00
N TRP B 459 -16.83 0.29 29.95
CA TRP B 459 -16.42 0.17 28.61
C TRP B 459 -15.20 1.00 28.23
N GLN B 460 -14.72 1.79 29.17
CA GLN B 460 -13.47 2.46 29.04
C GLN B 460 -12.29 1.60 29.47
N ASP B 461 -12.54 0.39 29.94
CA ASP B 461 -11.52 -0.51 30.55
C ASP B 461 -10.73 0.30 31.57
N PRO B 462 -11.37 0.78 32.59
CA PRO B 462 -10.72 1.72 33.43
C PRO B 462 -9.50 1.23 34.14
N LEU B 463 -8.63 2.15 34.49
CA LEU B 463 -7.40 1.89 35.23
C LEU B 463 -7.29 2.83 36.43
N PRO B 464 -6.79 2.40 37.56
CA PRO B 464 -6.57 3.26 38.72
C PRO B 464 -5.36 4.19 38.49
N ALA B 465 -5.36 5.20 39.39
CA ALA B 465 -4.06 5.92 39.66
C ALA B 465 -3.05 5.00 40.31
N ARG B 466 -1.78 5.32 40.11
CA ARG B 466 -0.66 4.48 40.64
C ARG B 466 -0.64 4.36 42.19
N GLU B 467 -0.03 3.30 42.70
CA GLU B 467 0.16 3.11 44.16
C GLU B 467 1.66 3.51 44.41
N GLY B 468 1.88 4.25 45.51
CA GLY B 468 3.26 4.70 45.92
C GLY B 468 4.04 5.54 44.92
N ASP B 469 5.37 5.55 45.08
CA ASP B 469 6.30 6.40 44.27
C ASP B 469 6.89 5.46 43.15
N LEU B 470 7.31 6.09 42.06
CA LEU B 470 7.74 5.40 40.83
C LEU B 470 9.14 4.83 40.97
N ILE B 471 9.31 3.58 40.57
CA ILE B 471 10.59 2.93 40.60
C ILE B 471 11.54 3.69 39.64
N ASP B 472 12.83 3.70 40.00
CA ASP B 472 13.87 4.32 39.16
C ASP B 472 14.79 3.31 38.68
N ASP B 473 15.87 3.69 38.01
CA ASP B 473 16.67 2.72 37.29
C ASP B 473 17.44 1.83 38.23
N ALA B 474 17.76 2.25 39.42
CA ALA B 474 18.38 1.42 40.41
C ALA B 474 17.43 0.27 40.90
N ASP B 475 16.19 0.63 41.05
CA ASP B 475 15.16 -0.35 41.43
C ASP B 475 14.95 -1.30 40.28
N VAL B 476 14.93 -0.84 39.08
CA VAL B 476 14.79 -1.70 37.93
C VAL B 476 15.87 -2.64 37.88
N ASP B 477 17.13 -2.28 38.09
CA ASP B 477 18.29 -3.18 38.00
C ASP B 477 18.15 -4.26 39.07
N LYS B 478 17.80 -3.93 40.29
CA LYS B 478 17.61 -4.92 41.33
C LYS B 478 16.46 -5.91 40.98
N LEU B 479 15.40 -5.39 40.47
CA LEU B 479 14.24 -6.23 40.10
C LEU B 479 14.57 -7.14 38.99
N LYS B 480 15.32 -6.75 37.98
CA LYS B 480 15.69 -7.63 36.88
C LYS B 480 16.52 -8.76 37.43
N ALA B 481 17.48 -8.53 38.28
CA ALA B 481 18.29 -9.57 38.79
C ALA B 481 17.46 -10.53 39.62
N ALA B 482 16.53 -10.07 40.38
CA ALA B 482 15.65 -10.95 41.17
C ALA B 482 14.81 -11.74 40.23
N ILE B 483 14.17 -11.18 39.28
CA ILE B 483 13.24 -11.92 38.39
C ILE B 483 13.98 -13.02 37.70
N LEU B 484 15.18 -12.83 37.25
CA LEU B 484 15.94 -13.81 36.48
C LEU B 484 16.59 -14.89 37.39
N SER B 485 16.33 -14.83 38.67
CA SER B 485 16.76 -15.84 39.58
C SER B 485 15.71 -16.30 40.59
N THR B 486 14.45 -16.20 40.22
CA THR B 486 13.29 -16.56 41.03
C THR B 486 12.80 -17.98 40.60
N ASP B 487 12.37 -18.74 41.60
CA ASP B 487 11.77 -20.08 41.31
C ASP B 487 10.56 -19.98 40.34
N GLY B 488 10.55 -20.81 39.33
CA GLY B 488 9.46 -20.86 38.39
C GLY B 488 9.57 -19.99 37.18
N LEU B 489 10.61 -19.12 37.09
CA LEU B 489 10.80 -18.27 36.00
C LEU B 489 12.01 -18.64 35.25
N ASP B 490 11.98 -18.44 33.95
CA ASP B 490 13.12 -18.58 33.05
C ASP B 490 12.92 -17.68 31.81
N VAL B 491 13.91 -17.59 30.94
CA VAL B 491 13.83 -16.70 29.80
C VAL B 491 12.60 -16.96 28.95
N SER B 492 12.39 -18.26 28.63
CA SER B 492 11.31 -18.62 27.75
C SER B 492 9.97 -18.25 28.29
N LYS B 493 9.71 -18.55 29.55
CA LYS B 493 8.50 -18.28 30.20
C LYS B 493 8.20 -16.81 30.36
N LEU B 494 9.25 -16.03 30.70
CA LEU B 494 9.05 -14.62 30.86
C LEU B 494 8.76 -13.94 29.55
N ALA B 495 9.47 -14.28 28.52
CA ALA B 495 9.24 -13.69 27.20
C ALA B 495 7.83 -14.05 26.73
N SER B 496 7.43 -15.31 26.90
CA SER B 496 6.08 -15.75 26.47
C SER B 496 5.02 -14.99 27.17
N THR B 497 5.14 -14.86 28.49
CA THR B 497 4.12 -14.25 29.29
C THR B 497 3.94 -12.74 28.92
N ALA B 498 5.06 -12.05 28.76
CA ALA B 498 5.00 -10.62 28.39
C ALA B 498 4.38 -10.46 27.02
N MET B 499 4.72 -11.30 26.06
CA MET B 499 4.10 -11.15 24.74
C MET B 499 2.62 -11.49 24.79
N ALA B 500 2.19 -12.49 25.57
CA ALA B 500 0.79 -12.85 25.69
C ALA B 500 0.01 -11.71 26.20
N CYS B 501 0.54 -10.96 27.15
CA CYS B 501 -0.16 -9.80 27.67
CA CYS B 501 -0.13 -9.88 27.88
C CYS B 501 -0.16 -8.72 26.79
N ALA B 502 0.85 -8.49 25.99
CA ALA B 502 0.94 -7.36 25.04
C ALA B 502 0.09 -7.60 23.87
N THR B 503 -0.05 -8.74 23.28
CA THR B 503 -0.69 -8.88 22.03
C THR B 503 -2.19 -8.78 22.11
N THR B 504 -2.79 -8.57 23.29
CA THR B 504 -4.17 -8.23 23.38
C THR B 504 -4.44 -6.86 22.88
N TYR B 505 -3.44 -6.00 22.69
CA TYR B 505 -3.62 -4.65 22.19
C TYR B 505 -4.15 -4.68 20.76
N ARG B 506 -5.10 -3.77 20.49
CA ARG B 506 -5.59 -3.60 19.13
C ARG B 506 -5.74 -2.11 18.88
N ASN B 507 -5.10 -1.60 17.82
CA ASN B 507 -5.04 -0.18 17.56
C ASN B 507 -6.36 0.34 17.10
N SER B 508 -7.25 -0.45 16.58
CA SER B 508 -8.54 0.06 16.03
C SER B 508 -9.35 0.68 17.13
N ASP B 509 -9.46 0.12 18.30
CA ASP B 509 -10.21 0.72 19.39
C ASP B 509 -9.37 0.92 20.62
N LYS B 510 -8.05 0.76 20.54
CA LYS B 510 -7.07 1.11 21.54
C LYS B 510 -7.33 0.34 22.82
N ARG B 511 -7.91 -0.84 22.75
CA ARG B 511 -8.12 -1.76 23.86
C ARG B 511 -6.88 -2.66 24.03
N GLY B 512 -6.68 -3.23 25.18
CA GLY B 512 -5.66 -4.22 25.43
C GLY B 512 -4.32 -3.68 25.67
N GLY B 513 -3.37 -4.63 25.76
CA GLY B 513 -1.96 -4.32 26.09
C GLY B 513 -1.58 -4.73 27.47
N CYS B 514 -0.41 -4.34 27.92
CA CYS B 514 0.13 -4.78 29.18
C CYS B 514 -0.23 -3.91 30.37
N ASN B 515 -0.61 -2.65 30.16
CA ASN B 515 -0.99 -1.84 31.25
C ASN B 515 -2.27 -2.43 31.92
N GLY B 516 -2.28 -2.53 33.22
CA GLY B 516 -3.38 -3.16 33.93
C GLY B 516 -3.10 -4.57 34.40
N ALA B 517 -2.11 -5.23 33.85
CA ALA B 517 -1.83 -6.66 34.18
C ALA B 517 -3.12 -7.49 34.12
N ARG B 518 -3.87 -7.29 33.03
CA ARG B 518 -5.16 -8.00 32.93
C ARG B 518 -4.96 -9.44 32.56
N ILE B 519 -3.77 -9.90 32.18
CA ILE B 519 -3.47 -11.32 32.01
C ILE B 519 -3.67 -12.02 33.32
N ALA B 520 -3.54 -11.35 34.46
CA ALA B 520 -3.69 -11.94 35.77
C ALA B 520 -5.12 -11.99 36.26
N LEU B 521 -6.04 -11.47 35.45
CA LEU B 521 -7.45 -11.37 35.80
C LEU B 521 -8.28 -12.25 34.86
N GLU B 522 -9.51 -12.51 35.25
CA GLU B 522 -10.46 -13.11 34.33
C GLU B 522 -10.82 -12.15 33.23
N PRO B 523 -11.03 -12.67 31.98
CA PRO B 523 -10.93 -14.04 31.56
C PRO B 523 -9.60 -14.51 31.09
N GLN B 524 -8.66 -13.55 30.92
CA GLN B 524 -7.37 -13.91 30.34
C GLN B 524 -6.61 -14.92 31.11
N ARG B 525 -6.70 -14.95 32.44
CA ARG B 525 -5.88 -15.90 33.20
CA ARG B 525 -6.00 -15.85 33.29
C ARG B 525 -6.32 -17.35 32.97
N ASN B 526 -7.49 -17.52 32.38
CA ASN B 526 -7.92 -18.90 32.06
C ASN B 526 -8.09 -19.14 30.60
N TRP B 527 -7.65 -18.28 29.74
CA TRP B 527 -7.63 -18.58 28.27
C TRP B 527 -6.73 -19.73 28.01
N VAL B 528 -7.13 -20.69 27.16
CA VAL B 528 -6.30 -21.78 26.82
C VAL B 528 -5.02 -21.34 26.16
N SER B 529 -5.10 -20.26 25.38
CA SER B 529 -3.93 -19.69 24.75
C SER B 529 -2.85 -19.17 25.72
N ASN B 530 -3.25 -18.99 27.00
CA ASN B 530 -2.28 -18.51 27.98
C ASN B 530 -1.74 -19.64 28.78
N ASN B 531 -2.11 -20.93 28.54
CA ASN B 531 -1.60 -22.11 29.28
C ASN B 531 -1.80 -21.83 30.79
N PRO B 532 -2.99 -21.87 31.26
CA PRO B 532 -3.31 -21.38 32.65
C PRO B 532 -2.45 -21.90 33.77
N THR B 533 -2.06 -23.15 33.75
CA THR B 533 -1.24 -23.63 34.88
CA THR B 533 -1.21 -23.71 34.83
C THR B 533 0.17 -23.06 34.82
N GLN B 534 0.74 -22.91 33.70
CA GLN B 534 2.04 -22.30 33.61
C GLN B 534 1.90 -20.82 33.98
N LEU B 535 0.86 -20.15 33.52
CA LEU B 535 0.68 -18.73 33.80
C LEU B 535 0.54 -18.54 35.25
N SER B 536 -0.20 -19.35 35.97
CA SER B 536 -0.38 -19.19 37.39
CA SER B 536 -0.35 -19.16 37.41
C SER B 536 0.98 -19.30 38.10
N ALA B 537 1.82 -20.23 37.71
CA ALA B 537 3.14 -20.36 38.35
C ALA B 537 4.05 -19.13 38.01
N VAL B 538 3.96 -18.58 36.87
CA VAL B 538 4.70 -17.38 36.49
C VAL B 538 4.19 -16.19 37.30
N LEU B 539 2.91 -15.99 37.36
CA LEU B 539 2.34 -14.89 38.11
C LEU B 539 2.60 -15.04 39.52
N ASP B 540 2.50 -16.23 40.15
CA ASP B 540 2.80 -16.37 41.55
C ASP B 540 4.30 -15.99 41.83
N ALA B 541 5.17 -16.36 40.97
CA ALA B 541 6.59 -16.02 41.12
C ALA B 541 6.76 -14.49 41.03
N LEU B 542 6.16 -13.85 40.07
CA LEU B 542 6.25 -12.38 39.95
C LEU B 542 5.61 -11.70 41.14
N LYS B 543 4.56 -12.26 41.71
CA LYS B 543 3.91 -11.66 42.90
C LYS B 543 4.79 -11.82 44.10
N LYS B 544 5.62 -12.84 44.15
CA LYS B 544 6.62 -13.00 45.21
C LYS B 544 7.68 -11.90 45.12
N VAL B 545 8.17 -11.65 43.91
CA VAL B 545 9.11 -10.53 43.68
C VAL B 545 8.42 -9.27 44.08
N GLN B 546 7.18 -9.05 43.76
CA GLN B 546 6.44 -7.84 44.10
C GLN B 546 6.36 -7.67 45.56
N SER B 547 6.01 -8.74 46.28
CA SER B 547 5.83 -8.69 47.73
CA SER B 547 5.80 -8.66 47.73
CA SER B 547 5.83 -8.71 47.72
C SER B 547 7.13 -8.39 48.41
N ASP B 548 8.22 -8.91 47.91
CA ASP B 548 9.53 -8.70 48.47
C ASP B 548 9.92 -7.22 48.27
N PHE B 549 9.62 -6.62 47.16
CA PHE B 549 9.94 -5.21 46.90
C PHE B 549 8.97 -4.29 47.63
N ASN B 550 7.67 -4.49 47.58
CA ASN B 550 6.70 -3.58 48.17
C ASN B 550 6.64 -3.67 49.68
N GLY B 551 6.74 -2.55 50.30
CA GLY B 551 7.02 -2.56 51.75
C GLY B 551 8.48 -2.64 52.26
N SER B 552 9.40 -3.14 51.47
CA SER B 552 10.80 -3.06 51.88
C SER B 552 11.61 -1.88 51.18
N ASN B 553 10.93 -1.02 50.41
CA ASN B 553 11.54 0.11 49.65
C ASN B 553 10.82 1.45 49.97
N GLY B 554 10.52 1.61 51.26
CA GLY B 554 9.84 2.84 51.72
C GLY B 554 8.49 3.01 51.10
N ASN B 555 8.22 4.13 50.44
CA ASN B 555 6.91 4.29 49.75
C ASN B 555 6.96 3.84 48.28
N LYS B 556 8.06 3.24 47.86
CA LYS B 556 8.09 2.80 46.51
C LYS B 556 7.35 1.47 46.41
N LYS B 557 6.61 1.43 45.34
CA LYS B 557 5.81 0.17 45.04
C LYS B 557 5.96 -0.06 43.60
N VAL B 558 5.99 -1.31 43.23
CA VAL B 558 6.02 -1.75 41.85
C VAL B 558 4.73 -2.55 41.50
N SER B 559 4.19 -2.32 40.38
CA SER B 559 2.94 -3.03 39.92
C SER B 559 3.34 -4.38 39.31
N LEU B 560 2.39 -5.33 39.37
CA LEU B 560 2.56 -6.56 38.66
C LEU B 560 2.69 -6.32 37.18
N ALA B 561 1.95 -5.35 36.61
CA ALA B 561 2.02 -5.06 35.23
C ALA B 561 3.45 -4.66 34.82
N ASP B 562 4.09 -3.79 35.61
CA ASP B 562 5.54 -3.48 35.34
C ASP B 562 6.36 -4.70 35.47
N LEU B 563 6.12 -5.58 36.44
CA LEU B 563 6.96 -6.80 36.60
C LEU B 563 6.84 -7.81 35.44
N ILE B 564 5.64 -7.96 34.90
CA ILE B 564 5.45 -8.83 33.77
C ILE B 564 6.26 -8.29 32.60
N VAL B 565 6.16 -6.98 32.29
CA VAL B 565 6.92 -6.44 31.15
C VAL B 565 8.39 -6.41 31.44
N LEU B 566 8.79 -6.02 32.65
CA LEU B 566 10.21 -5.99 33.04
C LEU B 566 10.83 -7.38 32.94
N GLY B 567 10.08 -8.35 33.40
CA GLY B 567 10.60 -9.74 33.33
C GLY B 567 10.90 -10.16 31.94
N GLY B 568 9.93 -9.94 31.02
CA GLY B 568 10.17 -10.26 29.64
C GLY B 568 11.30 -9.45 29.07
N THR B 569 11.41 -8.19 29.38
CA THR B 569 12.41 -7.30 28.85
C THR B 569 13.78 -7.77 29.37
N ALA B 570 13.94 -8.10 30.63
CA ALA B 570 15.14 -8.61 31.19
C ALA B 570 15.54 -9.91 30.51
N ALA B 571 14.60 -10.77 30.25
CA ALA B 571 14.83 -12.04 29.58
C ALA B 571 15.39 -11.81 28.18
N VAL B 572 14.80 -10.88 27.43
CA VAL B 572 15.30 -10.52 26.09
C VAL B 572 16.74 -10.02 26.17
N GLU B 573 17.02 -9.16 27.12
CA GLU B 573 18.35 -8.62 27.28
C GLU B 573 19.35 -9.72 27.56
N LYS B 574 19.03 -10.63 28.44
CA LYS B 574 19.92 -11.73 28.76
C LYS B 574 20.12 -12.68 27.59
N ALA B 575 19.03 -12.95 26.92
CA ALA B 575 19.11 -13.81 25.73
C ALA B 575 19.98 -13.18 24.68
N ALA B 576 19.92 -11.88 24.50
CA ALA B 576 20.82 -11.13 23.61
C ALA B 576 22.23 -11.31 24.05
N LYS B 577 22.51 -11.06 25.32
CA LYS B 577 23.86 -11.22 25.86
CA LYS B 577 23.85 -11.22 25.87
C LYS B 577 24.39 -12.61 25.56
N ASP B 578 23.59 -13.66 25.76
CA ASP B 578 24.02 -15.02 25.57
C ASP B 578 24.26 -15.30 24.09
N ALA B 579 23.68 -14.60 23.17
CA ALA B 579 23.92 -14.69 21.74
C ALA B 579 25.10 -13.88 21.32
N GLY B 580 25.77 -13.19 22.18
CA GLY B 580 26.95 -12.43 21.91
C GLY B 580 26.71 -11.00 21.59
N VAL B 581 25.56 -10.42 21.93
CA VAL B 581 25.22 -9.04 21.70
C VAL B 581 24.89 -8.34 22.98
N ASP B 582 25.63 -7.32 23.33
CA ASP B 582 25.37 -6.51 24.53
C ASP B 582 24.57 -5.33 24.10
N ILE B 583 23.32 -5.30 24.53
CA ILE B 583 22.37 -4.28 24.13
C ILE B 583 21.55 -3.89 25.33
N LYS B 584 21.32 -2.60 25.45
CA LYS B 584 20.35 -2.12 26.46
C LYS B 584 18.93 -2.25 25.94
N VAL B 585 18.06 -3.00 26.64
CA VAL B 585 16.76 -3.16 26.29
C VAL B 585 15.90 -2.22 27.14
N PRO B 586 15.39 -1.17 26.50
CA PRO B 586 14.83 -0.14 27.39
C PRO B 586 13.55 -0.51 28.08
N PHE B 587 13.35 -0.10 29.26
CA PHE B 587 12.09 -0.39 30.01
C PHE B 587 11.46 0.94 30.45
N SER B 588 10.17 1.08 30.23
CA SER B 588 9.40 2.26 30.68
C SER B 588 8.53 1.85 31.86
N ALA B 589 8.86 2.30 33.01
CA ALA B 589 8.02 1.96 34.23
C ALA B 589 6.75 2.76 34.25
N GLY B 590 5.85 2.42 35.14
CA GLY B 590 4.69 3.22 35.45
C GLY B 590 3.37 2.59 35.15
N ARG B 591 3.31 1.35 34.69
CA ARG B 591 1.99 0.68 34.47
C ARG B 591 1.37 0.51 35.86
N VAL B 592 0.03 0.39 35.85
CA VAL B 592 -0.78 0.12 37.02
C VAL B 592 -1.46 -1.23 36.87
N ASP B 593 -1.97 -1.73 38.00
CA ASP B 593 -2.77 -2.99 38.00
C ASP B 593 -4.26 -2.63 38.05
N ALA B 594 -4.97 -3.11 37.08
CA ALA B 594 -6.42 -3.07 37.08
C ALA B 594 -6.97 -4.03 38.13
N THR B 595 -8.17 -3.69 38.62
CA THR B 595 -8.94 -4.61 39.45
C THR B 595 -9.85 -5.43 38.53
N GLN B 596 -10.32 -6.53 39.08
CA GLN B 596 -11.27 -7.37 38.37
C GLN B 596 -12.61 -6.59 38.14
N GLU B 597 -12.97 -5.68 39.07
CA GLU B 597 -14.19 -4.90 38.92
C GLU B 597 -14.10 -4.05 37.67
N GLN B 598 -12.88 -3.60 37.33
CA GLN B 598 -12.62 -2.80 36.15
C GLN B 598 -12.45 -3.55 34.91
N THR B 599 -12.61 -4.91 34.95
CA THR B 599 -12.27 -5.83 33.90
C THR B 599 -13.47 -6.74 33.62
N ASP B 600 -14.40 -6.20 32.85
CA ASP B 600 -15.63 -6.96 32.52
C ASP B 600 -15.25 -8.17 31.73
N VAL B 601 -15.75 -9.30 32.19
CA VAL B 601 -15.31 -10.50 31.55
CA VAL B 601 -15.38 -10.61 31.60
C VAL B 601 -15.89 -10.68 30.15
N THR B 602 -17.13 -10.32 29.91
CA THR B 602 -17.67 -10.39 28.54
C THR B 602 -16.92 -9.44 27.64
N GLN B 603 -16.66 -8.22 28.01
CA GLN B 603 -16.04 -7.45 27.00
CA GLN B 603 -15.96 -7.18 27.19
C GLN B 603 -14.60 -7.86 26.83
N PHE B 604 -13.86 -8.38 27.78
CA PHE B 604 -12.53 -8.90 27.48
C PHE B 604 -12.54 -10.16 26.72
N SER B 605 -13.63 -10.89 26.70
CA SER B 605 -13.70 -12.09 25.89
C SER B 605 -13.46 -11.73 24.39
N TYR B 606 -13.80 -10.52 23.99
CA TYR B 606 -13.61 -10.09 22.59
C TYR B 606 -12.18 -9.97 22.23
N LEU B 607 -11.23 -9.96 23.18
CA LEU B 607 -9.80 -9.87 22.87
C LEU B 607 -9.17 -11.24 22.79
N GLU B 608 -9.87 -12.32 23.00
CA GLU B 608 -9.30 -13.65 23.00
C GLU B 608 -8.87 -14.00 21.56
N PRO B 609 -7.61 -14.40 21.39
CA PRO B 609 -7.16 -14.71 19.99
C PRO B 609 -7.62 -16.09 19.52
N GLN B 610 -8.00 -16.19 18.22
CA GLN B 610 -8.20 -17.45 17.54
C GLN B 610 -6.83 -18.23 17.30
N ALA B 611 -5.83 -17.35 16.96
CA ALA B 611 -4.48 -17.86 16.75
C ALA B 611 -3.60 -16.69 17.15
N ASP B 612 -2.39 -17.12 17.60
CA ASP B 612 -1.38 -16.17 17.97
CA ASP B 612 -1.37 -16.06 17.99
C ASP B 612 -0.04 -16.63 17.47
N GLY B 613 0.45 -16.15 16.30
CA GLY B 613 1.65 -16.60 15.69
C GLY B 613 2.93 -16.25 16.41
N PHE B 614 2.89 -15.28 17.30
CA PHE B 614 4.07 -14.93 18.10
C PHE B 614 4.45 -16.00 19.06
N ARG B 615 3.44 -16.79 19.52
CA ARG B 615 3.59 -17.89 20.45
C ARG B 615 3.20 -19.23 19.96
N ASN B 616 3.02 -19.31 18.63
CA ASN B 616 2.61 -20.56 18.01
C ASN B 616 1.36 -21.21 18.55
N TYR B 617 0.34 -20.34 18.81
CA TYR B 617 -0.94 -20.82 19.29
C TYR B 617 -1.96 -20.83 18.12
N GLY B 618 -2.74 -21.87 18.18
CA GLY B 618 -4.05 -21.88 17.51
C GLY B 618 -3.98 -22.33 16.09
N ARG B 619 -5.11 -22.03 15.43
CA ARG B 619 -5.37 -22.59 14.05
C ARG B 619 -6.33 -21.69 13.36
N GLY B 620 -6.42 -21.89 12.05
CA GLY B 620 -7.26 -21.05 11.22
C GLY B 620 -8.69 -21.60 11.22
N THR B 621 -9.53 -20.86 10.59
CA THR B 621 -10.96 -21.14 10.48
C THR B 621 -11.22 -21.54 9.06
N ALA B 622 -12.50 -21.80 8.78
CA ALA B 622 -12.90 -22.09 7.43
C ALA B 622 -12.76 -20.87 6.49
N ARG B 623 -12.75 -19.69 7.05
CA ARG B 623 -12.70 -18.39 6.35
C ARG B 623 -11.23 -17.87 6.33
N ALA B 624 -10.37 -18.14 7.31
CA ALA B 624 -9.04 -17.44 7.35
C ALA B 624 -7.98 -18.42 7.80
N ARG B 625 -6.87 -18.46 7.09
CA ARG B 625 -5.79 -19.32 7.43
C ARG B 625 -4.99 -18.68 8.61
N THR B 626 -4.30 -19.60 9.33
CA THR B 626 -3.47 -19.22 10.43
C THR B 626 -2.60 -17.93 10.12
N GLU B 627 -1.94 -17.96 8.97
CA GLU B 627 -1.04 -16.87 8.61
C GLU B 627 -1.76 -15.61 8.33
N GLU B 628 -3.00 -15.68 7.82
CA GLU B 628 -3.85 -14.50 7.70
C GLU B 628 -4.25 -13.87 9.02
N ILE B 629 -4.59 -14.74 9.98
CA ILE B 629 -4.87 -14.21 11.30
C ILE B 629 -3.66 -13.50 11.89
N MET B 630 -2.46 -14.07 11.65
CA MET B 630 -1.24 -13.45 12.16
C MET B 630 -0.97 -12.06 11.56
N VAL B 631 -1.18 -11.95 10.24
CA VAL B 631 -1.03 -10.63 9.60
C VAL B 631 -2.07 -9.66 10.08
N ASP B 632 -3.29 -10.17 10.30
CA ASP B 632 -4.32 -9.27 10.90
C ASP B 632 -3.92 -8.76 12.28
N LYS B 633 -3.47 -9.67 13.14
CA LYS B 633 -2.99 -9.25 14.42
C LYS B 633 -1.87 -8.27 14.35
N ALA B 634 -0.87 -8.52 13.48
CA ALA B 634 0.21 -7.62 13.29
C ALA B 634 -0.28 -6.21 12.90
N SER B 635 -1.30 -6.12 12.04
CA SER B 635 -1.88 -4.83 11.65
C SER B 635 -2.45 -4.12 12.87
N GLN B 636 -3.07 -4.86 13.75
CA GLN B 636 -3.59 -4.27 14.97
C GLN B 636 -2.57 -3.83 15.95
N LEU B 637 -1.35 -4.40 15.84
CA LEU B 637 -0.23 -3.95 16.59
C LEU B 637 0.58 -2.85 15.97
N THR B 638 0.17 -2.45 14.75
CA THR B 638 0.85 -1.46 13.91
C THR B 638 2.23 -1.90 13.42
N LEU B 639 2.42 -3.20 13.28
CA LEU B 639 3.70 -3.74 12.85
C LEU B 639 3.90 -3.64 11.37
N THR B 640 5.10 -3.34 10.98
CA THR B 640 5.49 -3.50 9.56
C THR B 640 5.91 -4.91 9.26
N PRO B 641 6.05 -5.31 7.97
CA PRO B 641 6.45 -6.69 7.72
C PRO B 641 7.80 -7.06 8.33
N PRO B 642 8.83 -6.18 8.35
CA PRO B 642 10.07 -6.56 9.04
C PRO B 642 9.85 -6.76 10.52
N GLU B 643 9.04 -5.94 11.16
CA GLU B 643 8.81 -6.09 12.60
C GLU B 643 8.05 -7.35 12.92
N LEU B 644 7.05 -7.74 12.16
CA LEU B 644 6.36 -9.01 12.35
C LEU B 644 7.37 -10.11 12.24
N THR B 645 8.20 -10.12 11.24
CA THR B 645 9.12 -11.20 10.93
C THR B 645 10.13 -11.36 11.99
N VAL B 646 10.77 -10.29 12.43
CA VAL B 646 11.82 -10.33 13.45
C VAL B 646 11.27 -10.90 14.75
N LEU B 647 10.05 -10.43 15.08
CA LEU B 647 9.44 -10.89 16.34
C LEU B 647 9.20 -12.35 16.36
N VAL B 648 8.60 -12.90 15.30
CA VAL B 648 8.32 -14.34 15.25
C VAL B 648 9.64 -15.10 15.38
N GLY B 649 10.65 -14.72 14.61
CA GLY B 649 11.89 -15.49 14.65
C GLY B 649 12.58 -15.41 16.00
N GLY B 650 12.51 -14.27 16.64
CA GLY B 650 13.06 -14.15 17.98
C GLY B 650 12.28 -14.95 18.98
N MET B 651 10.95 -14.88 18.94
CA MET B 651 10.16 -15.67 19.87
C MET B 651 10.45 -17.13 19.76
N ARG B 652 10.70 -17.65 18.57
CA ARG B 652 11.11 -19.04 18.39
C ARG B 652 12.44 -19.32 19.00
N ALA B 653 13.42 -18.44 18.75
CA ALA B 653 14.75 -18.60 19.39
C ALA B 653 14.69 -18.65 20.90
N LEU B 654 13.81 -17.86 21.43
CA LEU B 654 13.60 -17.76 22.89
C LEU B 654 12.87 -18.98 23.44
N GLY B 655 12.31 -19.83 22.58
CA GLY B 655 11.47 -20.95 23.10
C GLY B 655 10.24 -20.49 23.75
N ALA B 656 9.59 -19.49 23.21
CA ALA B 656 8.50 -18.74 23.87
C ALA B 656 7.10 -19.19 23.42
N ASN B 657 6.98 -20.42 22.94
CA ASN B 657 5.67 -20.93 22.58
C ASN B 657 4.73 -20.97 23.78
N TYR B 658 3.45 -20.82 23.49
CA TYR B 658 2.49 -20.80 24.59
C TYR B 658 2.47 -22.02 25.43
N ASP B 659 2.77 -23.16 24.84
CA ASP B 659 2.77 -24.48 25.47
C ASP B 659 4.11 -25.05 25.73
N GLY B 660 5.16 -24.26 25.49
CA GLY B 660 6.48 -24.70 25.71
C GLY B 660 6.98 -25.73 24.71
N SER B 661 6.23 -25.99 23.66
CA SER B 661 6.65 -26.99 22.68
C SER B 661 7.82 -26.62 21.81
N ASP B 662 8.32 -27.55 21.03
CA ASP B 662 9.39 -27.33 20.12
C ASP B 662 8.92 -26.94 18.69
N VAL B 663 7.64 -26.73 18.54
CA VAL B 663 7.11 -26.38 17.18
C VAL B 663 7.66 -25.03 16.74
N GLY B 664 8.40 -24.97 15.61
CA GLY B 664 9.01 -23.77 15.13
C GLY B 664 10.32 -23.45 15.81
N VAL B 665 10.73 -24.21 16.81
CA VAL B 665 11.88 -23.89 17.60
C VAL B 665 13.09 -24.48 17.00
N PHE B 666 13.49 -23.86 15.86
CA PHE B 666 14.49 -24.50 14.98
C PHE B 666 15.87 -23.98 15.43
N THR B 667 16.28 -24.40 16.56
CA THR B 667 17.55 -24.00 17.19
C THR B 667 17.98 -25.09 18.20
N ALA B 668 19.30 -25.24 18.31
CA ALA B 668 19.92 -25.98 19.42
C ALA B 668 20.31 -25.09 20.56
N ASN B 669 19.94 -23.81 20.49
CA ASN B 669 20.34 -22.83 21.51
C ASN B 669 19.07 -22.08 22.00
N LYS B 670 18.04 -22.80 22.40
CA LYS B 670 16.82 -22.25 22.90
C LYS B 670 17.09 -21.30 24.07
N GLY B 671 16.50 -20.10 24.03
CA GLY B 671 16.65 -19.15 25.12
C GLY B 671 17.74 -18.11 24.81
N LYS B 672 18.44 -18.27 23.71
CA LYS B 672 19.49 -17.36 23.22
C LYS B 672 18.99 -16.68 21.96
N LEU B 673 19.17 -15.36 21.90
CA LEU B 673 18.58 -14.58 20.81
C LEU B 673 19.43 -14.52 19.57
N THR B 674 19.41 -15.66 18.89
CA THR B 674 20.11 -15.86 17.64
C THR B 674 19.08 -15.86 16.53
N PRO B 675 19.53 -15.75 15.25
CA PRO B 675 18.65 -15.85 14.12
C PRO B 675 18.53 -17.26 13.62
N ASP B 676 18.74 -18.26 14.47
CA ASP B 676 18.65 -19.68 14.08
C ASP B 676 17.29 -20.07 13.47
N PHE B 677 16.22 -19.51 13.89
CA PHE B 677 14.98 -19.83 13.24
C PHE B 677 15.08 -19.63 11.74
N PHE B 678 15.62 -18.49 11.33
CA PHE B 678 15.72 -18.18 9.93
C PHE B 678 16.73 -19.02 9.21
N VAL B 679 17.89 -19.16 9.81
CA VAL B 679 18.97 -19.97 9.23
C VAL B 679 18.46 -21.36 8.94
N ASN B 680 17.84 -22.01 9.95
CA ASN B 680 17.37 -23.35 9.73
C ASN B 680 16.14 -23.44 8.87
N LEU B 681 15.28 -22.45 8.90
CA LEU B 681 14.10 -22.50 8.01
C LEU B 681 14.52 -22.57 6.56
N VAL B 682 15.60 -21.84 6.18
CA VAL B 682 15.96 -21.74 4.76
C VAL B 682 17.02 -22.71 4.41
N ASP B 683 17.45 -23.64 5.26
CA ASP B 683 18.41 -24.64 4.92
C ASP B 683 17.84 -25.63 3.96
N MET B 684 18.40 -25.71 2.73
CA MET B 684 17.80 -26.61 1.72
C MET B 684 18.07 -28.05 1.94
N ASN B 685 18.90 -28.37 2.91
CA ASN B 685 18.99 -29.76 3.31
C ASN B 685 17.74 -30.27 4.09
N ILE B 686 16.81 -29.43 4.42
CA ILE B 686 15.57 -29.79 5.11
C ILE B 686 14.45 -29.77 4.08
N ALA B 687 13.68 -30.82 3.94
CA ALA B 687 12.45 -30.87 3.14
C ALA B 687 11.25 -30.86 3.96
N TRP B 688 10.29 -30.01 3.68
CA TRP B 688 9.12 -29.82 4.52
C TRP B 688 7.92 -30.47 3.88
N THR B 689 7.20 -31.27 4.65
CA THR B 689 5.99 -31.97 4.18
C THR B 689 4.87 -31.88 5.21
N ALA B 690 3.63 -31.92 4.71
CA ALA B 690 2.50 -31.84 5.52
C ALA B 690 2.38 -33.10 6.42
N SER B 691 2.01 -32.90 7.67
CA SER B 691 1.73 -34.07 8.57
C SER B 691 0.25 -34.18 8.90
N GLY B 692 -0.38 -33.14 9.35
CA GLY B 692 -1.83 -33.23 9.60
C GLY B 692 -2.75 -33.03 8.36
N ALA B 693 -3.89 -33.75 8.36
CA ALA B 693 -4.95 -33.50 7.36
C ALA B 693 -5.37 -32.03 7.25
N ASP B 694 -5.34 -31.33 8.40
CA ASP B 694 -5.83 -29.96 8.50
C ASP B 694 -4.91 -28.83 7.95
N GLY B 695 -3.75 -29.21 7.45
CA GLY B 695 -2.73 -28.23 6.85
C GLY B 695 -1.99 -27.48 7.89
N GLU B 696 -2.16 -27.70 9.16
CA GLU B 696 -1.60 -26.94 10.20
C GLU B 696 -0.25 -27.43 10.66
N SER B 697 0.10 -28.63 10.42
CA SER B 697 1.36 -29.17 10.94
C SER B 697 2.25 -29.67 9.82
N TRP B 698 3.53 -29.46 9.93
CA TRP B 698 4.52 -29.72 8.92
C TRP B 698 5.76 -30.36 9.56
N VAL B 699 6.45 -31.23 8.89
CA VAL B 699 7.60 -31.85 9.36
C VAL B 699 8.76 -31.50 8.44
N GLY B 700 9.91 -31.25 9.03
CA GLY B 700 11.17 -30.92 8.34
C GLY B 700 12.10 -32.12 8.49
N THR B 701 12.43 -32.71 7.38
CA THR B 701 13.22 -33.92 7.30
C THR B 701 14.57 -33.58 6.66
N ASP B 702 15.64 -34.10 7.23
CA ASP B 702 16.99 -33.92 6.68
C ASP B 702 17.02 -34.78 5.45
N ARG B 703 17.36 -34.22 4.31
CA ARG B 703 17.30 -34.95 3.01
C ARG B 703 18.38 -36.08 3.01
N LYS B 704 19.51 -35.80 3.65
CA LYS B 704 20.62 -36.78 3.63
C LYS B 704 20.29 -37.99 4.52
N SER B 705 20.15 -37.73 5.81
CA SER B 705 19.89 -38.78 6.82
C SER B 705 18.45 -39.39 6.78
N ARG B 706 17.48 -38.71 6.15
CA ARG B 706 16.06 -39.11 6.10
C ARG B 706 15.39 -39.04 7.47
N SER B 707 16.08 -38.46 8.44
CA SER B 707 15.59 -38.29 9.78
C SER B 707 14.73 -37.01 9.91
N GLU B 708 13.65 -37.12 10.62
CA GLU B 708 12.83 -35.93 11.02
C GLU B 708 13.67 -35.09 11.95
N LYS B 709 13.84 -33.79 11.64
CA LYS B 709 14.60 -32.86 12.46
C LYS B 709 13.68 -31.85 13.18
N TYR B 710 12.60 -31.35 12.53
CA TYR B 710 11.81 -30.28 13.05
C TYR B 710 10.33 -30.52 12.81
N LYS B 711 9.53 -29.85 13.65
CA LYS B 711 8.08 -29.71 13.47
C LYS B 711 7.82 -28.21 13.34
N GLY B 712 6.98 -27.85 12.39
CA GLY B 712 6.57 -26.48 12.16
C GLY B 712 5.10 -26.28 12.02
N SER B 713 4.66 -25.10 12.22
CA SER B 713 3.30 -24.66 11.98
C SER B 713 3.18 -23.81 10.70
N ARG B 714 1.99 -23.39 10.34
CA ARG B 714 1.81 -22.42 9.29
C ARG B 714 2.38 -21.13 9.65
N ALA B 715 2.32 -20.63 10.85
CA ALA B 715 2.92 -19.40 11.26
C ALA B 715 4.41 -19.44 11.11
N ASP B 716 5.05 -20.56 11.28
CA ASP B 716 6.47 -20.76 11.04
C ASP B 716 6.76 -20.73 9.58
N LEU B 717 6.11 -21.57 8.81
CA LEU B 717 6.52 -21.83 7.47
C LEU B 717 6.13 -20.71 6.50
N VAL B 718 5.19 -19.89 6.79
CA VAL B 718 4.83 -18.81 5.92
C VAL B 718 6.06 -17.94 5.64
N PHE B 719 6.95 -17.77 6.61
CA PHE B 719 8.13 -16.91 6.45
C PHE B 719 9.03 -17.53 5.46
N GLY B 720 9.01 -18.76 5.10
CA GLY B 720 9.79 -19.35 4.05
C GLY B 720 9.07 -19.56 2.74
N SER B 721 7.79 -19.13 2.71
CA SER B 721 6.94 -19.40 1.51
C SER B 721 6.57 -18.05 0.84
N HIS B 722 5.97 -17.18 1.53
CA HIS B 722 5.53 -15.89 0.96
C HIS B 722 6.79 -15.14 0.48
N ALA B 723 6.79 -14.61 -0.73
CA ALA B 723 8.05 -14.07 -1.32
C ALA B 723 8.49 -12.81 -0.62
N GLU B 724 7.63 -11.98 -0.17
CA GLU B 724 7.99 -10.76 0.55
C GLU B 724 8.45 -11.06 1.96
N LEU B 725 7.77 -11.95 2.67
CA LEU B 725 8.24 -12.36 3.99
C LEU B 725 9.52 -13.10 3.91
N ARG B 726 9.68 -13.98 2.95
CA ARG B 726 10.93 -14.73 2.80
C ARG B 726 12.09 -13.85 2.52
N ALA B 727 11.85 -12.77 1.80
CA ALA B 727 12.97 -11.81 1.56
C ALA B 727 13.42 -11.26 2.88
N ILE B 728 12.60 -11.03 3.82
CA ILE B 728 13.02 -10.54 5.12
C ILE B 728 13.67 -11.62 5.94
N ALA B 729 13.14 -12.86 5.88
CA ALA B 729 13.75 -13.97 6.56
C ALA B 729 15.17 -14.18 6.14
N GLU B 730 15.46 -14.01 4.82
CA GLU B 730 16.77 -14.11 4.26
C GLU B 730 17.71 -13.08 4.88
N VAL B 731 17.27 -11.86 5.06
CA VAL B 731 18.16 -10.86 5.68
C VAL B 731 18.69 -11.34 7.05
N TYR B 732 17.80 -11.89 7.84
CA TYR B 732 18.17 -12.35 9.17
C TYR B 732 18.94 -13.66 9.14
N ALA B 733 18.84 -14.43 8.07
CA ALA B 733 19.61 -15.60 7.87
C ALA B 733 21.02 -15.42 7.30
N GLU B 734 21.32 -14.20 6.87
CA GLU B 734 22.61 -13.88 6.23
C GLU B 734 23.72 -13.77 7.21
N ASN B 735 24.85 -14.25 6.82
CA ASN B 735 26.07 -14.07 7.65
C ASN B 735 26.35 -12.65 7.86
N GLY B 736 26.68 -12.37 9.14
CA GLY B 736 26.99 -11.04 9.48
C GLY B 736 25.86 -10.25 10.14
N ASN B 737 24.60 -10.73 10.02
CA ASN B 737 23.43 -9.99 10.47
C ASN B 737 22.95 -10.44 11.82
N GLN B 738 23.77 -11.10 12.60
CA GLN B 738 23.33 -11.50 13.93
C GLN B 738 23.12 -10.41 14.88
N GLU B 739 23.89 -9.36 14.84
CA GLU B 739 23.71 -8.20 15.66
C GLU B 739 22.52 -7.40 15.22
N LYS B 740 22.35 -7.24 13.88
CA LYS B 740 21.23 -6.54 13.32
C LYS B 740 19.91 -7.23 13.76
N PHE B 741 19.94 -8.57 13.72
CA PHE B 741 18.76 -9.30 14.16
C PHE B 741 18.38 -8.90 15.60
N VAL B 742 19.34 -8.90 16.50
CA VAL B 742 19.09 -8.53 17.88
C VAL B 742 18.59 -7.10 18.02
N LYS B 743 19.24 -6.17 17.33
CA LYS B 743 18.86 -4.79 17.37
C LYS B 743 17.43 -4.62 16.93
N ASP B 744 17.10 -5.21 15.80
CA ASP B 744 15.75 -5.11 15.23
C ASP B 744 14.70 -5.80 16.11
N PHE B 745 15.09 -6.93 16.72
CA PHE B 745 14.17 -7.58 17.62
C PHE B 745 13.86 -6.70 18.82
N VAL B 746 14.90 -6.11 19.41
CA VAL B 746 14.73 -5.22 20.56
C VAL B 746 13.91 -4.02 20.24
N ALA B 747 14.08 -3.42 19.07
CA ALA B 747 13.21 -2.30 18.71
C ALA B 747 11.82 -2.73 18.60
N ALA B 748 11.52 -3.85 17.99
CA ALA B 748 10.14 -4.30 17.80
C ALA B 748 9.49 -4.70 19.14
N TRP B 749 10.27 -5.34 20.00
CA TRP B 749 9.83 -5.71 21.35
C TRP B 749 9.43 -4.47 22.07
N THR B 750 10.28 -3.46 22.09
CA THR B 750 9.99 -2.22 22.84
C THR B 750 8.73 -1.61 22.28
N LYS B 751 8.60 -1.52 20.96
CA LYS B 751 7.39 -0.97 20.35
C LYS B 751 6.14 -1.69 20.84
N VAL B 752 6.13 -3.03 20.80
CA VAL B 752 4.96 -3.80 21.22
C VAL B 752 4.72 -3.63 22.68
N MET B 753 5.66 -3.65 23.57
CA MET B 753 5.44 -3.54 24.98
C MET B 753 4.82 -2.24 25.30
N ASN B 754 5.09 -1.15 24.58
CA ASN B 754 4.71 0.20 24.94
C ASN B 754 3.48 0.65 24.17
N LEU B 755 2.81 -0.17 23.41
CA LEU B 755 1.69 0.31 22.55
C LEU B 755 0.61 0.96 23.36
N ASP B 756 0.25 0.54 24.56
CA ASP B 756 -0.81 1.13 25.33
C ASP B 756 -0.37 2.22 26.30
N ARG B 757 0.88 2.67 26.20
CA ARG B 757 1.40 3.61 27.15
C ARG B 757 1.05 5.06 26.82
N PHE B 758 -0.24 5.32 26.77
CA PHE B 758 -0.78 6.67 26.48
C PHE B 758 -0.57 7.51 27.70
N ASP B 759 -0.31 7.01 28.91
CA ASP B 759 0.02 7.79 30.09
C ASP B 759 1.32 8.49 29.92
N LEU B 760 2.25 7.99 29.16
CA LEU B 760 3.59 8.57 28.91
C LEU B 760 3.47 9.74 27.85
N LYS B 761 2.35 9.83 27.18
CA LYS B 761 1.87 11.05 26.35
C LYS B 761 0.85 12.18 26.90
CHA HEM C . 16.76 -21.43 -22.72
CHB HEM C . 13.61 -19.20 -25.67
CHC HEM C . 16.70 -15.49 -26.08
CHD HEM C . 19.76 -17.68 -23.10
C1A HEM C . 15.59 -21.12 -23.34
C2A HEM C . 14.39 -21.88 -23.39
C3A HEM C . 13.52 -21.27 -24.20
C4A HEM C . 14.19 -20.09 -24.76
CMA HEM C . 12.16 -21.77 -24.61
CAA HEM C . 14.20 -23.14 -22.62
CBA HEM C . 13.70 -22.99 -21.14
CGA HEM C . 13.70 -24.46 -20.65
O1A HEM C . 12.90 -25.29 -21.14
O2A HEM C . 14.58 -24.73 -19.78
C1B HEM C . 14.22 -18.05 -26.12
C2B HEM C . 13.62 -17.12 -27.03
C3B HEM C . 14.49 -16.11 -27.18
C4B HEM C . 15.64 -16.31 -26.34
CMB HEM C . 12.22 -17.31 -27.56
CAB HEM C . 14.38 -14.88 -28.01
CBB HEM C . 13.77 -14.90 -29.22
C1C HEM C . 17.76 -15.70 -25.19
C2C HEM C . 18.80 -14.75 -24.89
C3C HEM C . 19.65 -15.39 -24.00
C4C HEM C . 19.12 -16.73 -23.80
CMC HEM C . 18.76 -13.34 -25.38
CAC HEM C . 20.84 -14.85 -23.37
CBC HEM C . 21.65 -14.03 -23.91
C1D HEM C . 19.28 -18.93 -22.83
C2D HEM C . 19.99 -20.03 -22.17
C3D HEM C . 19.20 -21.08 -22.02
C4D HEM C . 17.91 -20.69 -22.63
CMD HEM C . 21.44 -19.93 -21.79
CAD HEM C . 19.51 -22.45 -21.47
CBD HEM C . 19.05 -22.66 -20.05
CGD HEM C . 19.50 -23.91 -19.38
O1D HEM C . 18.81 -24.33 -18.43
O2D HEM C . 20.53 -24.47 -19.85
NA HEM C . 15.48 -20.05 -24.26
NB HEM C . 15.44 -17.59 -25.76
NC HEM C . 18.04 -16.93 -24.66
ND HEM C . 18.07 -19.43 -23.22
FE HEM C . 16.83 -18.56 -24.58
CAC FLC D . 6.08 36.15 -11.93
CAC FLC D . 3.59 38.35 -12.61
CA FLC D . 6.01 37.59 -11.35
CA FLC D . 5.01 38.64 -12.15
CB FLC D . 7.17 38.04 -10.41
CB FLC D . 5.52 37.46 -11.38
CBC FLC D . 8.51 38.19 -11.17
CBC FLC D . 5.76 36.29 -12.39
CG FLC D . 6.74 39.39 -9.74
CG FLC D . 6.73 37.66 -10.51
CGC FLC D . 7.91 39.96 -8.96
CGC FLC D . 7.85 38.01 -11.45
OA1 FLC D . 7.18 35.75 -12.35
OA1 FLC D . 3.38 38.40 -13.84
OA2 FLC D . 4.97 35.47 -11.97
OA2 FLC D . 2.71 38.03 -11.73
OB1 FLC D . 9.66 37.58 -11.01
OB1 FLC D . 6.85 35.79 -12.74
OB2 FLC D . 8.46 39.02 -12.15
OB2 FLC D . 4.79 35.74 -12.85
OG1 FLC D . 7.75 40.36 -7.82
OG1 FLC D . 8.95 37.38 -11.27
OG2 FLC D . 9.04 40.01 -9.48
OG2 FLC D . 7.57 38.88 -12.35
OHB FLC D . 7.24 37.01 -9.45
OHB FLC D . 4.56 37.46 -10.31
CAC FLC E . 5.63 -21.34 -25.00
CA FLC E . 6.02 -22.33 -23.93
CB FLC E . 6.13 -21.77 -22.53
CBC FLC E . 7.34 -20.85 -22.36
CG FLC E . 4.81 -21.13 -22.04
CGC FLC E . 3.64 -21.98 -22.26
OA1 FLC E . 5.64 -20.10 -24.66
OA2 FLC E . 5.47 -21.78 -26.23
OB1 FLC E . 7.08 -19.89 -21.57
OB2 FLC E . 8.46 -21.14 -22.98
OG1 FLC E . 3.31 -22.65 -21.28
OG2 FLC E . 2.99 -21.97 -23.34
OHB FLC E . 6.30 -22.92 -21.66
CHA HEM F . -32.25 9.93 10.13
CHB HEM F . -32.70 5.11 10.24
CHC HEM F . -30.72 5.05 14.66
CHD HEM F . -30.25 9.83 14.48
C1A HEM F . -32.43 8.62 9.76
C2A HEM F . -32.85 8.25 8.46
C3A HEM F . -33.01 6.87 8.48
C4A HEM F . -32.64 6.42 9.77
CMA HEM F . -33.49 5.98 7.36
CAA HEM F . -33.17 9.16 7.28
CBA HEM F . -31.93 9.55 6.42
CGA HEM F . -32.48 10.53 5.46
O1A HEM F . -33.34 10.17 4.61
O2A HEM F . -32.11 11.77 5.56
C1B HEM F . -32.27 4.67 11.45
C2B HEM F . -32.30 3.31 11.88
C3B HEM F . -31.83 3.29 13.16
C4B HEM F . -31.34 4.65 13.49
CMB HEM F . -32.77 2.15 10.99
CAB HEM F . -31.65 2.16 14.11
CBB HEM F . -32.52 1.14 14.19
C1C HEM F . -30.31 6.34 14.98
C2C HEM F . -29.52 6.70 16.05
C3C HEM F . -29.33 8.05 16.05
C4C HEM F . -30.06 8.52 14.90
CMC HEM F . -28.93 5.72 17.03
CAC HEM F . -28.61 8.95 16.95
CBC HEM F . -28.43 8.84 18.24
C1D HEM F . -30.83 10.32 13.35
C2D HEM F . -31.14 11.72 13.06
C3D HEM F . -31.71 11.76 11.82
C4D HEM F . -31.79 10.36 11.36
CMD HEM F . -30.89 12.89 13.96
CAD HEM F . -32.21 12.96 11.06
CBD HEM F . -31.25 13.52 10.00
CGD HEM F . -31.72 14.85 9.45
O1D HEM F . -31.20 15.13 8.33
O2D HEM F . -32.47 15.60 10.11
NA HEM F . -32.39 7.53 10.57
NB HEM F . -31.83 5.47 12.51
NC HEM F . -30.71 7.48 14.28
ND HEM F . -31.35 9.52 12.36
FE HEM F . -31.69 7.51 12.49
CAC FLC G . 15.97 -24.29 28.35
CAC FLC G . 19.36 -23.92 28.75
CA FLC G . 16.70 -23.03 28.79
CA FLC G . 18.32 -23.20 29.59
CB FLC G . 15.85 -22.20 29.75
CB FLC G . 17.10 -22.66 28.78
CBC FLC G . 14.86 -21.38 28.92
CBC FLC G . 16.37 -23.85 28.11
CG FLC G . 15.08 -23.07 30.76
CG FLC G . 16.19 -21.78 29.62
CGC FLC G . 15.60 -24.47 31.12
CGC FLC G . 15.10 -21.05 28.81
OA1 FLC G . 14.91 -24.62 28.93
OA1 FLC G . 20.42 -23.34 28.52
OA2 FLC G . 16.45 -24.96 27.39
OA2 FLC G . 19.19 -25.00 28.18
OB1 FLC G . 14.59 -20.22 29.34
OB1 FLC G . 15.71 -24.74 28.76
OB2 FLC G . 14.37 -21.89 27.87
OB2 FLC G . 16.47 -23.91 26.84
OG1 FLC G . 16.71 -24.88 30.72
OG1 FLC G . 14.96 -21.18 27.58
OG2 FLC G . 14.86 -25.16 31.81
OG2 FLC G . 14.33 -20.31 29.46
OHB FLC G . 16.67 -21.23 30.45
OHB FLC G . 17.54 -21.77 27.79
CAC FLC H . -33.18 1.23 3.12
CA FLC H . -33.09 2.63 2.46
CB FLC H . -31.63 3.09 2.14
CBC FLC H . -30.90 3.46 3.40
CG FLC H . -30.76 2.10 1.29
CGC FLC H . -31.43 1.68 0.03
OA1 FLC H . -32.09 0.73 3.59
OA2 FLC H . -34.36 0.66 3.22
OB1 FLC H . -29.64 3.27 3.38
OB2 FLC H . -31.59 3.91 4.37
OG1 FLC H . -32.15 0.64 0.10
OG2 FLC H . -31.26 2.39 -0.99
OHB FLC H . -31.88 4.26 1.32
CAC FLC I . -44.11 16.46 20.04
CA FLC I . -43.31 17.66 20.53
CB FLC I . -44.00 18.58 21.54
CBC FLC I . -45.35 19.03 21.13
CG FLC I . -43.12 19.36 22.48
CGC FLC I . -43.81 20.47 23.31
OA1 FLC I . -45.02 15.99 20.82
OA2 FLC I . -43.86 15.95 18.97
OB1 FLC I . -46.43 18.65 21.63
OB2 FLC I . -45.32 19.84 20.15
OG1 FLC I . -43.02 21.06 24.03
OG2 FLC I . -45.00 20.80 23.20
OHB FLC I . -44.21 17.60 22.66
#